data_1WNA
# 
_entry.id   1WNA 
# 
_audit_conform.dict_name       mmcif_pdbx.dic 
_audit_conform.dict_version    5.397 
_audit_conform.dict_location   http://mmcif.pdb.org/dictionaries/ascii/mmcif_pdbx.dic 
# 
loop_
_database_2.database_id 
_database_2.database_code 
_database_2.pdbx_database_accession 
_database_2.pdbx_DOI 
PDB   1WNA         pdb_00001wna 10.2210/pdb1wna/pdb 
RCSB  RCSB023772   ?            ?                   
WWPDB D_1000023772 ?            ?                   
# 
loop_
_pdbx_audit_revision_history.ordinal 
_pdbx_audit_revision_history.data_content_type 
_pdbx_audit_revision_history.major_revision 
_pdbx_audit_revision_history.minor_revision 
_pdbx_audit_revision_history.revision_date 
1 'Structure model' 1 0 2005-01-28 
2 'Structure model' 1 1 2008-04-30 
3 'Structure model' 1 2 2011-07-13 
4 'Structure model' 1 3 2024-10-23 
# 
_pdbx_audit_revision_details.ordinal             1 
_pdbx_audit_revision_details.revision_ordinal    1 
_pdbx_audit_revision_details.data_content_type   'Structure model' 
_pdbx_audit_revision_details.provider            repository 
_pdbx_audit_revision_details.type                'Initial release' 
_pdbx_audit_revision_details.description         ? 
_pdbx_audit_revision_details.details             ? 
# 
loop_
_pdbx_audit_revision_group.ordinal 
_pdbx_audit_revision_group.revision_ordinal 
_pdbx_audit_revision_group.data_content_type 
_pdbx_audit_revision_group.group 
1 2 'Structure model' 'Version format compliance' 
2 3 'Structure model' 'Source and taxonomy'       
3 3 'Structure model' 'Version format compliance' 
4 4 'Structure model' 'Data collection'           
5 4 'Structure model' 'Database references'       
6 4 'Structure model' 'Derived calculations'      
7 4 'Structure model' 'Structure summary'         
# 
loop_
_pdbx_audit_revision_category.ordinal 
_pdbx_audit_revision_category.revision_ordinal 
_pdbx_audit_revision_category.data_content_type 
_pdbx_audit_revision_category.category 
1 4 'Structure model' chem_comp_atom            
2 4 'Structure model' chem_comp_bond            
3 4 'Structure model' database_2                
4 4 'Structure model' pdbx_entry_details        
5 4 'Structure model' pdbx_modification_feature 
6 4 'Structure model' struct_conn               
# 
loop_
_pdbx_audit_revision_item.ordinal 
_pdbx_audit_revision_item.revision_ordinal 
_pdbx_audit_revision_item.data_content_type 
_pdbx_audit_revision_item.item 
1 4 'Structure model' '_database_2.pdbx_DOI'                
2 4 'Structure model' '_database_2.pdbx_database_accession' 
3 4 'Structure model' '_struct_conn.pdbx_leaving_atom_flag' 
# 
_pdbx_database_status.status_code                     REL 
_pdbx_database_status.entry_id                        1WNA 
_pdbx_database_status.recvd_initial_deposition_date   2004-07-28 
_pdbx_database_status.deposit_site                    PDBJ 
_pdbx_database_status.process_site                    PDBJ 
_pdbx_database_status.status_code_sf                  REL 
_pdbx_database_status.status_code_mr                  ? 
_pdbx_database_status.SG_entry                        Y 
_pdbx_database_status.pdb_format_compatible           Y 
_pdbx_database_status.status_code_cs                  ? 
_pdbx_database_status.status_code_nmr_data            ? 
_pdbx_database_status.methods_development_category    ? 
# 
loop_
_pdbx_database_related.db_name 
_pdbx_database_related.db_id 
_pdbx_database_related.details 
_pdbx_database_related.content_type 
PDB      1WN9           'alternative crystal form for the same protein' unspecified 
TargetDB ttk003001805.2 .                                               unspecified 
# 
loop_
_audit_author.name 
_audit_author.pdbx_ordinal 
'Pioszak, A.A.'                                          1 
'Kishishita, S.'                                         2 
'Shirouzu, M.'                                           3 
'Kuramitsu, S.'                                          4 
'Yokoyama, S.'                                           5 
'RIKEN Structural Genomics/Proteomics Initiative (RSGI)' 6 
# 
_citation.id                        primary 
_citation.title                     'Crystal structure of the hypothetical protein TT1805 from Thermus thermophillus HB8' 
_citation.journal_abbrev            'To be Published' 
_citation.journal_volume            ? 
_citation.page_first                ? 
_citation.page_last                 ? 
_citation.year                      ? 
_citation.journal_id_ASTM           ? 
_citation.country                   ? 
_citation.journal_id_ISSN           ? 
_citation.journal_id_CSD            0353 
_citation.book_publisher            ? 
_citation.pdbx_database_id_PubMed   ? 
_citation.pdbx_database_id_DOI      ? 
# 
loop_
_citation_author.citation_id 
_citation_author.name 
_citation_author.ordinal 
_citation_author.identifier_ORCID 
primary 'Pioszak, A.A.'  1 ? 
primary 'Kishishita, S.' 2 ? 
primary 'Shirouzu, M.'   3 ? 
primary 'Kuramitsu, S.'  4 ? 
primary 'Yokoyama, S.'   5 ? 
# 
loop_
_entity.id 
_entity.type 
_entity.src_method 
_entity.pdbx_description 
_entity.formula_weight 
_entity.pdbx_number_of_molecules 
_entity.pdbx_ec 
_entity.pdbx_mutation 
_entity.pdbx_fragment 
_entity.details 
1 polymer man 'the hypothetical protein (TT1805)' 14389.194 1   ? ? ? ? 
2 water   nat water                               18.015    117 ? ? ? ? 
# 
_entity_poly.entity_id                      1 
_entity_poly.type                           'polypeptide(L)' 
_entity_poly.nstd_linkage                   no 
_entity_poly.nstd_monomer                   yes 
_entity_poly.pdbx_seq_one_letter_code       
;(MSE)VRVG(MSE)RAAPRVSLEALKAALGGLKLSEAKVYLITDWQDKRDQARYALLLHTGKKDLLVPDAFGPAFPGGEE
ALSELVGLLLAQGARRFYEAVVSPGE(MSE)TALLDLPPEELLKRV(MSE)AIANPTDPGIYLKRAA
;
_entity_poly.pdbx_seq_one_letter_code_can   
;MVRVGMRAAPRVSLEALKAALGGLKLSEAKVYLITDWQDKRDQARYALLLHTGKKDLLVPDAFGPAFPGGEEALSELVGL
LLAQGARRFYEAVVSPGEMTALLDLPPEELLKRVMAIANPTDPGIYLKRAA
;
_entity_poly.pdbx_strand_id                 A 
_entity_poly.pdbx_target_identifier         ttk003001805.2 
# 
_pdbx_entity_nonpoly.entity_id   2 
_pdbx_entity_nonpoly.name        water 
_pdbx_entity_nonpoly.comp_id     HOH 
# 
loop_
_entity_poly_seq.entity_id 
_entity_poly_seq.num 
_entity_poly_seq.mon_id 
_entity_poly_seq.hetero 
1 1   MSE n 
1 2   VAL n 
1 3   ARG n 
1 4   VAL n 
1 5   GLY n 
1 6   MSE n 
1 7   ARG n 
1 8   ALA n 
1 9   ALA n 
1 10  PRO n 
1 11  ARG n 
1 12  VAL n 
1 13  SER n 
1 14  LEU n 
1 15  GLU n 
1 16  ALA n 
1 17  LEU n 
1 18  LYS n 
1 19  ALA n 
1 20  ALA n 
1 21  LEU n 
1 22  GLY n 
1 23  GLY n 
1 24  LEU n 
1 25  LYS n 
1 26  LEU n 
1 27  SER n 
1 28  GLU n 
1 29  ALA n 
1 30  LYS n 
1 31  VAL n 
1 32  TYR n 
1 33  LEU n 
1 34  ILE n 
1 35  THR n 
1 36  ASP n 
1 37  TRP n 
1 38  GLN n 
1 39  ASP n 
1 40  LYS n 
1 41  ARG n 
1 42  ASP n 
1 43  GLN n 
1 44  ALA n 
1 45  ARG n 
1 46  TYR n 
1 47  ALA n 
1 48  LEU n 
1 49  LEU n 
1 50  LEU n 
1 51  HIS n 
1 52  THR n 
1 53  GLY n 
1 54  LYS n 
1 55  LYS n 
1 56  ASP n 
1 57  LEU n 
1 58  LEU n 
1 59  VAL n 
1 60  PRO n 
1 61  ASP n 
1 62  ALA n 
1 63  PHE n 
1 64  GLY n 
1 65  PRO n 
1 66  ALA n 
1 67  PHE n 
1 68  PRO n 
1 69  GLY n 
1 70  GLY n 
1 71  GLU n 
1 72  GLU n 
1 73  ALA n 
1 74  LEU n 
1 75  SER n 
1 76  GLU n 
1 77  LEU n 
1 78  VAL n 
1 79  GLY n 
1 80  LEU n 
1 81  LEU n 
1 82  LEU n 
1 83  ALA n 
1 84  GLN n 
1 85  GLY n 
1 86  ALA n 
1 87  ARG n 
1 88  ARG n 
1 89  PHE n 
1 90  TYR n 
1 91  GLU n 
1 92  ALA n 
1 93  VAL n 
1 94  VAL n 
1 95  SER n 
1 96  PRO n 
1 97  GLY n 
1 98  GLU n 
1 99  MSE n 
1 100 THR n 
1 101 ALA n 
1 102 LEU n 
1 103 LEU n 
1 104 ASP n 
1 105 LEU n 
1 106 PRO n 
1 107 PRO n 
1 108 GLU n 
1 109 GLU n 
1 110 LEU n 
1 111 LEU n 
1 112 LYS n 
1 113 ARG n 
1 114 VAL n 
1 115 MSE n 
1 116 ALA n 
1 117 ILE n 
1 118 ALA n 
1 119 ASN n 
1 120 PRO n 
1 121 THR n 
1 122 ASP n 
1 123 PRO n 
1 124 GLY n 
1 125 ILE n 
1 126 TYR n 
1 127 LEU n 
1 128 LYS n 
1 129 ARG n 
1 130 ALA n 
1 131 ALA n 
# 
_entity_src_gen.entity_id                          1 
_entity_src_gen.pdbx_src_id                        1 
_entity_src_gen.pdbx_alt_source_flag               sample 
_entity_src_gen.pdbx_seq_type                      ? 
_entity_src_gen.pdbx_beg_seq_num                   ? 
_entity_src_gen.pdbx_end_seq_num                   ? 
_entity_src_gen.gene_src_common_name               ? 
_entity_src_gen.gene_src_genus                     Thermus 
_entity_src_gen.pdbx_gene_src_gene                 ? 
_entity_src_gen.gene_src_species                   'Thermus thermophilus' 
_entity_src_gen.gene_src_strain                    HB8 
_entity_src_gen.gene_src_tissue                    ? 
_entity_src_gen.gene_src_tissue_fraction           ? 
_entity_src_gen.gene_src_details                   ? 
_entity_src_gen.pdbx_gene_src_fragment             ? 
_entity_src_gen.pdbx_gene_src_scientific_name      'Thermus thermophilus' 
_entity_src_gen.pdbx_gene_src_ncbi_taxonomy_id     300852 
_entity_src_gen.pdbx_gene_src_variant              ? 
_entity_src_gen.pdbx_gene_src_cell_line            ? 
_entity_src_gen.pdbx_gene_src_atcc                 ? 
_entity_src_gen.pdbx_gene_src_organ                ? 
_entity_src_gen.pdbx_gene_src_organelle            ? 
_entity_src_gen.pdbx_gene_src_cell                 ? 
_entity_src_gen.pdbx_gene_src_cellular_location    ? 
_entity_src_gen.host_org_common_name               ? 
_entity_src_gen.pdbx_host_org_scientific_name      'Escherichia coli' 
_entity_src_gen.pdbx_host_org_ncbi_taxonomy_id     562 
_entity_src_gen.host_org_genus                     Escherichia 
_entity_src_gen.pdbx_host_org_gene                 ? 
_entity_src_gen.pdbx_host_org_organ                ? 
_entity_src_gen.host_org_species                   ? 
_entity_src_gen.pdbx_host_org_tissue               ? 
_entity_src_gen.pdbx_host_org_tissue_fraction      ? 
_entity_src_gen.pdbx_host_org_strain               'B834(DE3)' 
_entity_src_gen.pdbx_host_org_variant              ? 
_entity_src_gen.pdbx_host_org_cell_line            ? 
_entity_src_gen.pdbx_host_org_atcc                 ? 
_entity_src_gen.pdbx_host_org_culture_collection   ? 
_entity_src_gen.pdbx_host_org_cell                 ? 
_entity_src_gen.pdbx_host_org_organelle            ? 
_entity_src_gen.pdbx_host_org_cellular_location    ? 
_entity_src_gen.pdbx_host_org_vector_type          Plasmid 
_entity_src_gen.pdbx_host_org_vector               ? 
_entity_src_gen.host_org_details                   ? 
_entity_src_gen.expression_system_id               ? 
_entity_src_gen.plasmid_name                       pET11 
_entity_src_gen.plasmid_details                    ? 
_entity_src_gen.pdbx_description                   ? 
# 
loop_
_chem_comp.id 
_chem_comp.type 
_chem_comp.mon_nstd_flag 
_chem_comp.name 
_chem_comp.pdbx_synonyms 
_chem_comp.formula 
_chem_comp.formula_weight 
ALA 'L-peptide linking' y ALANINE          ? 'C3 H7 N O2'     89.093  
ARG 'L-peptide linking' y ARGININE         ? 'C6 H15 N4 O2 1' 175.209 
ASN 'L-peptide linking' y ASPARAGINE       ? 'C4 H8 N2 O3'    132.118 
ASP 'L-peptide linking' y 'ASPARTIC ACID'  ? 'C4 H7 N O4'     133.103 
GLN 'L-peptide linking' y GLUTAMINE        ? 'C5 H10 N2 O3'   146.144 
GLU 'L-peptide linking' y 'GLUTAMIC ACID'  ? 'C5 H9 N O4'     147.129 
GLY 'peptide linking'   y GLYCINE          ? 'C2 H5 N O2'     75.067  
HIS 'L-peptide linking' y HISTIDINE        ? 'C6 H10 N3 O2 1' 156.162 
HOH non-polymer         . WATER            ? 'H2 O'           18.015  
ILE 'L-peptide linking' y ISOLEUCINE       ? 'C6 H13 N O2'    131.173 
LEU 'L-peptide linking' y LEUCINE          ? 'C6 H13 N O2'    131.173 
LYS 'L-peptide linking' y LYSINE           ? 'C6 H15 N2 O2 1' 147.195 
MSE 'L-peptide linking' n SELENOMETHIONINE ? 'C5 H11 N O2 Se' 196.106 
PHE 'L-peptide linking' y PHENYLALANINE    ? 'C9 H11 N O2'    165.189 
PRO 'L-peptide linking' y PROLINE          ? 'C5 H9 N O2'     115.130 
SER 'L-peptide linking' y SERINE           ? 'C3 H7 N O3'     105.093 
THR 'L-peptide linking' y THREONINE        ? 'C4 H9 N O3'     119.119 
TRP 'L-peptide linking' y TRYPTOPHAN       ? 'C11 H12 N2 O2'  204.225 
TYR 'L-peptide linking' y TYROSINE         ? 'C9 H11 N O3'    181.189 
VAL 'L-peptide linking' y VALINE           ? 'C5 H11 N O2'    117.146 
# 
loop_
_pdbx_poly_seq_scheme.asym_id 
_pdbx_poly_seq_scheme.entity_id 
_pdbx_poly_seq_scheme.seq_id 
_pdbx_poly_seq_scheme.mon_id 
_pdbx_poly_seq_scheme.ndb_seq_num 
_pdbx_poly_seq_scheme.pdb_seq_num 
_pdbx_poly_seq_scheme.auth_seq_num 
_pdbx_poly_seq_scheme.pdb_mon_id 
_pdbx_poly_seq_scheme.auth_mon_id 
_pdbx_poly_seq_scheme.pdb_strand_id 
_pdbx_poly_seq_scheme.pdb_ins_code 
_pdbx_poly_seq_scheme.hetero 
A 1 1   MSE 1   1   1   MSE MSE A . n 
A 1 2   VAL 2   2   2   VAL VAL A . n 
A 1 3   ARG 3   3   3   ARG ARG A . n 
A 1 4   VAL 4   4   4   VAL VAL A . n 
A 1 5   GLY 5   5   5   GLY GLY A . n 
A 1 6   MSE 6   6   6   MSE MSE A . n 
A 1 7   ARG 7   7   7   ARG ARG A . n 
A 1 8   ALA 8   8   8   ALA ALA A . n 
A 1 9   ALA 9   9   9   ALA ALA A . n 
A 1 10  PRO 10  10  10  PRO PRO A . n 
A 1 11  ARG 11  11  11  ARG ARG A . n 
A 1 12  VAL 12  12  12  VAL VAL A . n 
A 1 13  SER 13  13  13  SER SER A . n 
A 1 14  LEU 14  14  14  LEU LEU A . n 
A 1 15  GLU 15  15  15  GLU GLU A . n 
A 1 16  ALA 16  16  16  ALA ALA A . n 
A 1 17  LEU 17  17  17  LEU LEU A . n 
A 1 18  LYS 18  18  18  LYS LYS A . n 
A 1 19  ALA 19  19  19  ALA ALA A . n 
A 1 20  ALA 20  20  20  ALA ALA A . n 
A 1 21  LEU 21  21  21  LEU LEU A . n 
A 1 22  GLY 22  22  22  GLY GLY A . n 
A 1 23  GLY 23  23  23  GLY GLY A . n 
A 1 24  LEU 24  24  24  LEU LEU A . n 
A 1 25  LYS 25  25  25  LYS LYS A . n 
A 1 26  LEU 26  26  26  LEU LEU A . n 
A 1 27  SER 27  27  27  SER SER A . n 
A 1 28  GLU 28  28  28  GLU GLU A . n 
A 1 29  ALA 29  29  29  ALA ALA A . n 
A 1 30  LYS 30  30  30  LYS LYS A . n 
A 1 31  VAL 31  31  31  VAL VAL A . n 
A 1 32  TYR 32  32  32  TYR TYR A . n 
A 1 33  LEU 33  33  33  LEU LEU A . n 
A 1 34  ILE 34  34  34  ILE ILE A . n 
A 1 35  THR 35  35  35  THR THR A . n 
A 1 36  ASP 36  36  36  ASP ASP A . n 
A 1 37  TRP 37  37  37  TRP TRP A . n 
A 1 38  GLN 38  38  38  GLN GLN A . n 
A 1 39  ASP 39  39  39  ASP ASP A . n 
A 1 40  LYS 40  40  40  LYS LYS A . n 
A 1 41  ARG 41  41  41  ARG ARG A . n 
A 1 42  ASP 42  42  42  ASP ASP A . n 
A 1 43  GLN 43  43  43  GLN GLN A . n 
A 1 44  ALA 44  44  44  ALA ALA A . n 
A 1 45  ARG 45  45  45  ARG ARG A . n 
A 1 46  TYR 46  46  46  TYR TYR A . n 
A 1 47  ALA 47  47  47  ALA ALA A . n 
A 1 48  LEU 48  48  48  LEU LEU A . n 
A 1 49  LEU 49  49  49  LEU LEU A . n 
A 1 50  LEU 50  50  50  LEU LEU A . n 
A 1 51  HIS 51  51  51  HIS HIS A . n 
A 1 52  THR 52  52  52  THR THR A . n 
A 1 53  GLY 53  53  53  GLY GLY A . n 
A 1 54  LYS 54  54  54  LYS LYS A . n 
A 1 55  LYS 55  55  55  LYS LYS A . n 
A 1 56  ASP 56  56  56  ASP ASP A . n 
A 1 57  LEU 57  57  57  LEU LEU A . n 
A 1 58  LEU 58  58  58  LEU LEU A . n 
A 1 59  VAL 59  59  59  VAL VAL A . n 
A 1 60  PRO 60  60  60  PRO PRO A . n 
A 1 61  ASP 61  61  61  ASP ASP A . n 
A 1 62  ALA 62  62  62  ALA ALA A . n 
A 1 63  PHE 63  63  63  PHE PHE A . n 
A 1 64  GLY 64  64  64  GLY GLY A . n 
A 1 65  PRO 65  65  65  PRO PRO A . n 
A 1 66  ALA 66  66  66  ALA ALA A . n 
A 1 67  PHE 67  67  67  PHE PHE A . n 
A 1 68  PRO 68  68  68  PRO PRO A . n 
A 1 69  GLY 69  69  69  GLY GLY A . n 
A 1 70  GLY 70  70  70  GLY GLY A . n 
A 1 71  GLU 71  71  71  GLU GLU A . n 
A 1 72  GLU 72  72  72  GLU GLU A . n 
A 1 73  ALA 73  73  73  ALA ALA A . n 
A 1 74  LEU 74  74  74  LEU LEU A . n 
A 1 75  SER 75  75  75  SER SER A . n 
A 1 76  GLU 76  76  76  GLU GLU A . n 
A 1 77  LEU 77  77  77  LEU LEU A . n 
A 1 78  VAL 78  78  78  VAL VAL A . n 
A 1 79  GLY 79  79  79  GLY GLY A . n 
A 1 80  LEU 80  80  80  LEU LEU A . n 
A 1 81  LEU 81  81  81  LEU LEU A . n 
A 1 82  LEU 82  82  82  LEU LEU A . n 
A 1 83  ALA 83  83  83  ALA ALA A . n 
A 1 84  GLN 84  84  84  GLN GLN A . n 
A 1 85  GLY 85  85  85  GLY GLY A . n 
A 1 86  ALA 86  86  86  ALA ALA A . n 
A 1 87  ARG 87  87  87  ARG ARG A . n 
A 1 88  ARG 88  88  88  ARG ARG A . n 
A 1 89  PHE 89  89  89  PHE PHE A . n 
A 1 90  TYR 90  90  90  TYR TYR A . n 
A 1 91  GLU 91  91  91  GLU GLU A . n 
A 1 92  ALA 92  92  92  ALA ALA A . n 
A 1 93  VAL 93  93  93  VAL VAL A . n 
A 1 94  VAL 94  94  94  VAL VAL A . n 
A 1 95  SER 95  95  95  SER SER A . n 
A 1 96  PRO 96  96  96  PRO PRO A . n 
A 1 97  GLY 97  97  97  GLY GLY A . n 
A 1 98  GLU 98  98  98  GLU GLU A . n 
A 1 99  MSE 99  99  99  MSE MSE A . n 
A 1 100 THR 100 100 100 THR THR A . n 
A 1 101 ALA 101 101 101 ALA ALA A . n 
A 1 102 LEU 102 102 102 LEU LEU A . n 
A 1 103 LEU 103 103 103 LEU LEU A . n 
A 1 104 ASP 104 104 104 ASP ASP A . n 
A 1 105 LEU 105 105 105 LEU LEU A . n 
A 1 106 PRO 106 106 106 PRO PRO A . n 
A 1 107 PRO 107 107 107 PRO PRO A . n 
A 1 108 GLU 108 108 108 GLU GLU A . n 
A 1 109 GLU 109 109 109 GLU GLU A . n 
A 1 110 LEU 110 110 110 LEU LEU A . n 
A 1 111 LEU 111 111 111 LEU LEU A . n 
A 1 112 LYS 112 112 112 LYS LYS A . n 
A 1 113 ARG 113 113 113 ARG ARG A . n 
A 1 114 VAL 114 114 114 VAL VAL A . n 
A 1 115 MSE 115 115 115 MSE MSE A . n 
A 1 116 ALA 116 116 116 ALA ALA A . n 
A 1 117 ILE 117 117 117 ILE ILE A . n 
A 1 118 ALA 118 118 118 ALA ALA A . n 
A 1 119 ASN 119 119 119 ASN ASN A . n 
A 1 120 PRO 120 120 120 PRO PRO A . n 
A 1 121 THR 121 121 121 THR THR A . n 
A 1 122 ASP 122 122 122 ASP ASP A . n 
A 1 123 PRO 123 123 123 PRO PRO A . n 
A 1 124 GLY 124 124 124 GLY GLY A . n 
A 1 125 ILE 125 125 125 ILE ILE A . n 
A 1 126 TYR 126 126 126 TYR TYR A . n 
A 1 127 LEU 127 127 127 LEU LEU A . n 
A 1 128 LYS 128 128 ?   ?   ?   A . n 
A 1 129 ARG 129 129 ?   ?   ?   A . n 
A 1 130 ALA 130 130 ?   ?   ?   A . n 
A 1 131 ALA 131 131 ?   ?   ?   A . n 
# 
loop_
_pdbx_nonpoly_scheme.asym_id 
_pdbx_nonpoly_scheme.entity_id 
_pdbx_nonpoly_scheme.mon_id 
_pdbx_nonpoly_scheme.ndb_seq_num 
_pdbx_nonpoly_scheme.pdb_seq_num 
_pdbx_nonpoly_scheme.auth_seq_num 
_pdbx_nonpoly_scheme.pdb_mon_id 
_pdbx_nonpoly_scheme.auth_mon_id 
_pdbx_nonpoly_scheme.pdb_strand_id 
_pdbx_nonpoly_scheme.pdb_ins_code 
B 2 HOH 1   132 1   HOH HOH A . 
B 2 HOH 2   133 2   HOH HOH A . 
B 2 HOH 3   134 3   HOH HOH A . 
B 2 HOH 4   135 4   HOH HOH A . 
B 2 HOH 5   136 5   HOH HOH A . 
B 2 HOH 6   137 6   HOH HOH A . 
B 2 HOH 7   138 7   HOH HOH A . 
B 2 HOH 8   139 8   HOH HOH A . 
B 2 HOH 9   140 9   HOH HOH A . 
B 2 HOH 10  141 10  HOH HOH A . 
B 2 HOH 11  142 11  HOH HOH A . 
B 2 HOH 12  143 12  HOH HOH A . 
B 2 HOH 13  144 13  HOH HOH A . 
B 2 HOH 14  145 14  HOH HOH A . 
B 2 HOH 15  146 15  HOH HOH A . 
B 2 HOH 16  147 16  HOH HOH A . 
B 2 HOH 17  148 17  HOH HOH A . 
B 2 HOH 18  149 18  HOH HOH A . 
B 2 HOH 19  150 19  HOH HOH A . 
B 2 HOH 20  151 20  HOH HOH A . 
B 2 HOH 21  152 21  HOH HOH A . 
B 2 HOH 22  153 22  HOH HOH A . 
B 2 HOH 23  154 23  HOH HOH A . 
B 2 HOH 24  155 24  HOH HOH A . 
B 2 HOH 25  156 25  HOH HOH A . 
B 2 HOH 26  157 26  HOH HOH A . 
B 2 HOH 27  158 27  HOH HOH A . 
B 2 HOH 28  159 28  HOH HOH A . 
B 2 HOH 29  160 29  HOH HOH A . 
B 2 HOH 30  161 30  HOH HOH A . 
B 2 HOH 31  162 31  HOH HOH A . 
B 2 HOH 32  163 32  HOH HOH A . 
B 2 HOH 33  164 33  HOH HOH A . 
B 2 HOH 34  165 34  HOH HOH A . 
B 2 HOH 35  166 35  HOH HOH A . 
B 2 HOH 36  167 36  HOH HOH A . 
B 2 HOH 37  168 37  HOH HOH A . 
B 2 HOH 38  169 38  HOH HOH A . 
B 2 HOH 39  170 39  HOH HOH A . 
B 2 HOH 40  171 40  HOH HOH A . 
B 2 HOH 41  172 41  HOH HOH A . 
B 2 HOH 42  173 42  HOH HOH A . 
B 2 HOH 43  174 43  HOH HOH A . 
B 2 HOH 44  175 44  HOH HOH A . 
B 2 HOH 45  176 45  HOH HOH A . 
B 2 HOH 46  177 46  HOH HOH A . 
B 2 HOH 47  178 47  HOH HOH A . 
B 2 HOH 48  179 48  HOH HOH A . 
B 2 HOH 49  180 49  HOH HOH A . 
B 2 HOH 50  181 50  HOH HOH A . 
B 2 HOH 51  182 51  HOH HOH A . 
B 2 HOH 52  183 52  HOH HOH A . 
B 2 HOH 53  184 53  HOH HOH A . 
B 2 HOH 54  185 54  HOH HOH A . 
B 2 HOH 55  186 55  HOH HOH A . 
B 2 HOH 56  187 56  HOH HOH A . 
B 2 HOH 57  188 57  HOH HOH A . 
B 2 HOH 58  189 58  HOH HOH A . 
B 2 HOH 59  190 59  HOH HOH A . 
B 2 HOH 60  191 60  HOH HOH A . 
B 2 HOH 61  192 61  HOH HOH A . 
B 2 HOH 62  193 62  HOH HOH A . 
B 2 HOH 63  194 63  HOH HOH A . 
B 2 HOH 64  195 64  HOH HOH A . 
B 2 HOH 65  196 65  HOH HOH A . 
B 2 HOH 66  197 66  HOH HOH A . 
B 2 HOH 67  198 67  HOH HOH A . 
B 2 HOH 68  199 68  HOH HOH A . 
B 2 HOH 69  200 69  HOH HOH A . 
B 2 HOH 70  201 70  HOH HOH A . 
B 2 HOH 71  202 71  HOH HOH A . 
B 2 HOH 72  203 72  HOH HOH A . 
B 2 HOH 73  204 73  HOH HOH A . 
B 2 HOH 74  205 74  HOH HOH A . 
B 2 HOH 75  206 75  HOH HOH A . 
B 2 HOH 76  207 76  HOH HOH A . 
B 2 HOH 77  208 77  HOH HOH A . 
B 2 HOH 78  209 78  HOH HOH A . 
B 2 HOH 79  210 79  HOH HOH A . 
B 2 HOH 80  211 80  HOH HOH A . 
B 2 HOH 81  212 81  HOH HOH A . 
B 2 HOH 82  213 82  HOH HOH A . 
B 2 HOH 83  214 83  HOH HOH A . 
B 2 HOH 84  215 84  HOH HOH A . 
B 2 HOH 85  216 85  HOH HOH A . 
B 2 HOH 86  217 86  HOH HOH A . 
B 2 HOH 87  218 87  HOH HOH A . 
B 2 HOH 88  219 88  HOH HOH A . 
B 2 HOH 89  220 89  HOH HOH A . 
B 2 HOH 90  221 90  HOH HOH A . 
B 2 HOH 91  222 91  HOH HOH A . 
B 2 HOH 92  223 92  HOH HOH A . 
B 2 HOH 93  224 93  HOH HOH A . 
B 2 HOH 94  225 94  HOH HOH A . 
B 2 HOH 95  226 95  HOH HOH A . 
B 2 HOH 96  227 96  HOH HOH A . 
B 2 HOH 97  228 97  HOH HOH A . 
B 2 HOH 98  229 98  HOH HOH A . 
B 2 HOH 99  230 99  HOH HOH A . 
B 2 HOH 100 231 100 HOH HOH A . 
B 2 HOH 101 232 101 HOH HOH A . 
B 2 HOH 102 233 102 HOH HOH A . 
B 2 HOH 103 234 103 HOH HOH A . 
B 2 HOH 104 235 104 HOH HOH A . 
B 2 HOH 105 236 105 HOH HOH A . 
B 2 HOH 106 237 106 HOH HOH A . 
B 2 HOH 107 238 107 HOH HOH A . 
B 2 HOH 108 239 108 HOH HOH A . 
B 2 HOH 109 240 109 HOH HOH A . 
B 2 HOH 110 241 110 HOH HOH A . 
B 2 HOH 111 242 111 HOH HOH A . 
B 2 HOH 112 243 112 HOH HOH A . 
B 2 HOH 113 244 113 HOH HOH A . 
B 2 HOH 114 245 114 HOH HOH A . 
B 2 HOH 115 246 115 HOH HOH A . 
B 2 HOH 116 247 116 HOH HOH A . 
B 2 HOH 117 248 117 HOH HOH A . 
# 
loop_
_software.name 
_software.classification 
_software.version 
_software.citation_id 
_software.pdbx_ordinal 
CNS       refinement       1.1 ? 1 
HKL-2000  'data reduction' .   ? 2 
SCALEPACK 'data scaling'   .   ? 3 
SOLVE     phasing          .   ? 4 
# 
_cell.entry_id           1WNA 
_cell.length_a           54.240 
_cell.length_b           70.691 
_cell.length_c           73.389 
_cell.angle_alpha        90.00 
_cell.angle_beta         90.00 
_cell.angle_gamma        90.00 
_cell.Z_PDB              8 
_cell.pdbx_unique_axis   ? 
# 
_symmetry.entry_id                         1WNA 
_symmetry.space_group_name_H-M             'C 2 2 21' 
_symmetry.pdbx_full_space_group_name_H-M   ? 
_symmetry.cell_setting                     ? 
_symmetry.Int_Tables_number                20 
_symmetry.space_group_name_Hall            ? 
# 
_exptl.entry_id          1WNA 
_exptl.method            'X-RAY DIFFRACTION' 
_exptl.crystals_number   1 
# 
_exptl_crystal.id                    1 
_exptl_crystal.density_meas          ? 
_exptl_crystal.density_Matthews      2.6 
_exptl_crystal.density_percent_sol   52.24 
_exptl_crystal.description           ? 
_exptl_crystal.F_000                 ? 
_exptl_crystal.preparation           ? 
# 
_exptl_crystal_grow.crystal_id      1 
_exptl_crystal_grow.method          'VAPOR DIFFUSION, HANGING DROP' 
_exptl_crystal_grow.temp            293 
_exptl_crystal_grow.temp_details    ? 
_exptl_crystal_grow.pH              5 
_exptl_crystal_grow.pdbx_details    
'13% PEG 8000, 20% glycerol, 40mM Potassium dihydrogen phosphate, pH 5, VAPOR DIFFUSION, HANGING DROP, temperature 293K' 
_exptl_crystal_grow.pdbx_pH_range   . 
# 
_diffrn.id                     1 
_diffrn.ambient_temp           93 
_diffrn.ambient_temp_details   ? 
_diffrn.crystal_id             1 
# 
_diffrn_detector.diffrn_id              1 
_diffrn_detector.detector               CCD 
_diffrn_detector.type                   'RIGAKU JUPITER 210' 
_diffrn_detector.pdbx_collection_date   2004-05-24 
_diffrn_detector.details                ? 
# 
_diffrn_radiation.diffrn_id                        1 
_diffrn_radiation.wavelength_id                    1 
_diffrn_radiation.pdbx_monochromatic_or_laue_m_l   M 
_diffrn_radiation.monochromator                    ? 
_diffrn_radiation.pdbx_diffrn_protocol             MAD 
_diffrn_radiation.pdbx_scattering_type             x-ray 
# 
loop_
_diffrn_radiation_wavelength.id 
_diffrn_radiation_wavelength.wavelength 
_diffrn_radiation_wavelength.wt 
1 0.97912 1.0 
2 0.97944 1.0 
3 0.964   1.0 
# 
_diffrn_source.diffrn_id                   1 
_diffrn_source.source                      SYNCHROTRON 
_diffrn_source.type                        'SPRING-8 BEAMLINE' 
_diffrn_source.pdbx_synchrotron_site       SPring-8 
_diffrn_source.pdbx_synchrotron_beamline   ? 
_diffrn_source.pdbx_wavelength             ? 
_diffrn_source.pdbx_wavelength_list        '0.97912, 0.97944, 0.964' 
# 
_reflns.entry_id                     1WNA 
_reflns.observed_criterion_sigma_I   -3 
_reflns.observed_criterion_sigma_F   ? 
_reflns.d_resolution_low             37.12 
_reflns.d_resolution_high            1.58 
_reflns.number_obs                   36267 
_reflns.number_all                   ? 
_reflns.percent_possible_obs         98.3 
_reflns.pdbx_Rmerge_I_obs            ? 
_reflns.pdbx_Rsym_value              0.071 
_reflns.pdbx_netI_over_sigmaI        17.5556 
_reflns.B_iso_Wilson_estimate        21.6 
_reflns.pdbx_redundancy              4.61446 
_reflns.R_free_details               ? 
_reflns.limit_h_max                  ? 
_reflns.limit_h_min                  ? 
_reflns.limit_k_max                  ? 
_reflns.limit_k_min                  ? 
_reflns.limit_l_max                  ? 
_reflns.limit_l_min                  ? 
_reflns.observed_criterion_F_max     ? 
_reflns.observed_criterion_F_min     ? 
_reflns.pdbx_chi_squared             ? 
_reflns.pdbx_scaling_rejects         ? 
_reflns.pdbx_ordinal                 1 
_reflns.pdbx_diffrn_id               1 
# 
_reflns_shell.d_res_high             1.58 
_reflns_shell.d_res_low              1.64 
_reflns_shell.percent_possible_all   85.9 
_reflns_shell.Rmerge_I_obs           ? 
_reflns_shell.pdbx_Rsym_value        0.234 
_reflns_shell.meanI_over_sigI_obs    4.52941 
_reflns_shell.pdbx_redundancy        ? 
_reflns_shell.percent_possible_obs   ? 
_reflns_shell.number_unique_all      ? 
_reflns_shell.number_measured_all    ? 
_reflns_shell.number_measured_obs    ? 
_reflns_shell.number_unique_obs      ? 
_reflns_shell.pdbx_chi_squared       ? 
_reflns_shell.pdbx_ordinal           1 
_reflns_shell.pdbx_diffrn_id         1 
# 
_refine.entry_id                                 1WNA 
_refine.ls_number_reflns_obs                     35491 
_refine.ls_number_reflns_all                     ? 
_refine.pdbx_ls_sigma_I                          ? 
_refine.pdbx_ls_sigma_F                          0.0 
_refine.pdbx_data_cutoff_high_absF               812070.46 
_refine.pdbx_data_cutoff_low_absF                0.000000 
_refine.pdbx_data_cutoff_high_rms_absF           ? 
_refine.ls_d_res_low                             37.12 
_refine.ls_d_res_high                            1.58 
_refine.ls_percent_reflns_obs                    95.0 
_refine.ls_R_factor_obs                          0.208 
_refine.ls_R_factor_all                          ? 
_refine.ls_R_factor_R_work                       0.208 
_refine.ls_R_factor_R_free                       0.229 
_refine.ls_R_factor_R_free_error                 0.005 
_refine.ls_R_factor_R_free_error_details         ? 
_refine.ls_percent_reflns_R_free                 5.0 
_refine.ls_number_reflns_R_free                  1758 
_refine.ls_number_parameters                     ? 
_refine.ls_number_restraints                     ? 
_refine.occupancy_min                            ? 
_refine.occupancy_max                            ? 
_refine.correlation_coeff_Fo_to_Fc               ? 
_refine.correlation_coeff_Fo_to_Fc_free          ? 
_refine.B_iso_mean                               27.2 
_refine.aniso_B[1][1]                            -3.89 
_refine.aniso_B[2][2]                            5.03 
_refine.aniso_B[3][3]                            -1.14 
_refine.aniso_B[1][2]                            0.00 
_refine.aniso_B[1][3]                            0.00 
_refine.aniso_B[2][3]                            0.00 
_refine.solvent_model_details                    'FLAT MODEL' 
_refine.solvent_model_param_ksol                 0.361438 
_refine.solvent_model_param_bsol                 48.0179 
_refine.pdbx_solvent_vdw_probe_radii             ? 
_refine.pdbx_solvent_ion_probe_radii             ? 
_refine.pdbx_solvent_shrinkage_radii             ? 
_refine.pdbx_ls_cross_valid_method               THROUGHOUT 
_refine.details                                  ? 
_refine.pdbx_starting_model                      ? 
_refine.pdbx_method_to_determine_struct          MAD 
_refine.pdbx_isotropic_thermal_model             RESTRAINED 
_refine.pdbx_stereochemistry_target_values       'Engh & Huber' 
_refine.pdbx_stereochem_target_val_spec_case     ? 
_refine.pdbx_R_Free_selection_details            RANDOM 
_refine.pdbx_overall_ESU_R                       ? 
_refine.pdbx_overall_ESU_R_Free                  ? 
_refine.overall_SU_ML                            ? 
_refine.overall_SU_B                             ? 
_refine.ls_redundancy_reflns_obs                 ? 
_refine.B_iso_min                                ? 
_refine.B_iso_max                                ? 
_refine.overall_SU_R_Cruickshank_DPI             ? 
_refine.overall_SU_R_free                        ? 
_refine.ls_wR_factor_R_free                      ? 
_refine.ls_wR_factor_R_work                      ? 
_refine.overall_FOM_free_R_set                   ? 
_refine.overall_FOM_work_R_set                   ? 
_refine.pdbx_refine_id                           'X-RAY DIFFRACTION' 
_refine.pdbx_diffrn_id                           1 
_refine.pdbx_TLS_residual_ADP_flag               ? 
_refine.pdbx_overall_phase_error                 ? 
_refine.pdbx_overall_SU_R_free_Cruickshank_DPI   ? 
_refine.pdbx_overall_SU_R_Blow_DPI               ? 
_refine.pdbx_overall_SU_R_free_Blow_DPI          ? 
# 
_refine_analyze.entry_id                        1WNA 
_refine_analyze.Luzzati_coordinate_error_obs    0.19 
_refine_analyze.Luzzati_sigma_a_obs             0.15 
_refine_analyze.Luzzati_d_res_low_obs           5.00 
_refine_analyze.Luzzati_coordinate_error_free   0.23 
_refine_analyze.Luzzati_sigma_a_free            0.22 
_refine_analyze.Luzzati_d_res_low_free          ? 
_refine_analyze.number_disordered_residues      ? 
_refine_analyze.occupancy_sum_hydrogen          ? 
_refine_analyze.occupancy_sum_non_hydrogen      ? 
_refine_analyze.pdbx_Luzzati_d_res_high_obs     ? 
_refine_analyze.pdbx_refine_id                  'X-RAY DIFFRACTION' 
# 
_refine_hist.pdbx_refine_id                   'X-RAY DIFFRACTION' 
_refine_hist.cycle_id                         LAST 
_refine_hist.pdbx_number_atoms_protein        967 
_refine_hist.pdbx_number_atoms_nucleic_acid   0 
_refine_hist.pdbx_number_atoms_ligand         0 
_refine_hist.number_atoms_solvent             117 
_refine_hist.number_atoms_total               1084 
_refine_hist.d_res_high                       1.58 
_refine_hist.d_res_low                        37.12 
# 
loop_
_refine_ls_restr.type 
_refine_ls_restr.dev_ideal 
_refine_ls_restr.dev_ideal_target 
_refine_ls_restr.weight 
_refine_ls_restr.number 
_refine_ls_restr.pdbx_refine_id 
_refine_ls_restr.pdbx_restraint_function 
c_bond_d                0.006 ?    ? ? 'X-RAY DIFFRACTION' ? 
c_bond_d_na             ?     ?    ? ? 'X-RAY DIFFRACTION' ? 
c_bond_d_prot           ?     ?    ? ? 'X-RAY DIFFRACTION' ? 
c_angle_d               ?     ?    ? ? 'X-RAY DIFFRACTION' ? 
c_angle_d_na            ?     ?    ? ? 'X-RAY DIFFRACTION' ? 
c_angle_d_prot          ?     ?    ? ? 'X-RAY DIFFRACTION' ? 
c_angle_deg             1.3   ?    ? ? 'X-RAY DIFFRACTION' ? 
c_angle_deg_na          ?     ?    ? ? 'X-RAY DIFFRACTION' ? 
c_angle_deg_prot        ?     ?    ? ? 'X-RAY DIFFRACTION' ? 
c_dihedral_angle_d      23.5  ?    ? ? 'X-RAY DIFFRACTION' ? 
c_dihedral_angle_d_na   ?     ?    ? ? 'X-RAY DIFFRACTION' ? 
c_dihedral_angle_d_prot ?     ?    ? ? 'X-RAY DIFFRACTION' ? 
c_improper_angle_d      0.77  ?    ? ? 'X-RAY DIFFRACTION' ? 
c_improper_angle_d_na   ?     ?    ? ? 'X-RAY DIFFRACTION' ? 
c_improper_angle_d_prot ?     ?    ? ? 'X-RAY DIFFRACTION' ? 
c_mcbond_it             3.16  1.50 ? ? 'X-RAY DIFFRACTION' ? 
c_mcangle_it            3.97  2.00 ? ? 'X-RAY DIFFRACTION' ? 
c_scbond_it             5.76  2.00 ? ? 'X-RAY DIFFRACTION' ? 
c_scangle_it            8.00  2.50 ? ? 'X-RAY DIFFRACTION' ? 
# 
_refine_ls_shell.pdbx_total_number_of_bins_used   10 
_refine_ls_shell.d_res_high                       1.58 
_refine_ls_shell.d_res_low                        1.64 
_refine_ls_shell.number_reflns_R_work             2582 
_refine_ls_shell.R_factor_R_work                  0.272 
_refine_ls_shell.percent_reflns_obs               73.5 
_refine_ls_shell.R_factor_R_free                  0.278 
_refine_ls_shell.R_factor_R_free_error            0.022 
_refine_ls_shell.percent_reflns_R_free            5.9 
_refine_ls_shell.number_reflns_R_free             162 
_refine_ls_shell.number_reflns_obs                ? 
_refine_ls_shell.redundancy_reflns_obs            ? 
_refine_ls_shell.number_reflns_all                ? 
_refine_ls_shell.pdbx_refine_id                   'X-RAY DIFFRACTION' 
_refine_ls_shell.R_factor_all                     ? 
# 
loop_
_pdbx_xplor_file.serial_no 
_pdbx_xplor_file.param_file 
_pdbx_xplor_file.topol_file 
_pdbx_xplor_file.pdbx_refine_id 
1 PROTEIN_REP.PARAM PROTEIN.TOP 'X-RAY DIFFRACTION' 
2 WATER_REP.PARAM   WATER.TOP   'X-RAY DIFFRACTION' 
# 
_struct.entry_id                  1WNA 
_struct.title                     'Crystal structure of the hypothetical protein TT1805 from Thermus thermophillus HB8' 
_struct.pdbx_model_details        ? 
_struct.pdbx_CASP_flag            ? 
_struct.pdbx_model_type_details   ? 
# 
_struct_keywords.entry_id        1WNA 
_struct_keywords.pdbx_keywords   'STRUCTURAL GENOMICS, UNKNOWN FUNCTION' 
_struct_keywords.text            
'Thermus thermophillus, STRUCTURAL GENOMICS, RIKEN Structural Genomics/Proteomics Initiative, RSGI, UNKNOWN FUNCTION' 
# 
loop_
_struct_asym.id 
_struct_asym.pdbx_blank_PDB_chainid_flag 
_struct_asym.pdbx_modified 
_struct_asym.entity_id 
_struct_asym.details 
A N N 1 ? 
B N N 2 ? 
# 
_struct_ref.id                         1 
_struct_ref.entity_id                  1 
_struct_ref.db_name                    UNP 
_struct_ref.db_code                    Q5SI52_THET8 
_struct_ref.pdbx_db_accession          Q5SI52 
_struct_ref.pdbx_db_isoform            ? 
_struct_ref.pdbx_seq_one_letter_code   ? 
_struct_ref.pdbx_align_begin           ? 
# 
_struct_ref_seq.align_id                      1 
_struct_ref_seq.ref_id                        1 
_struct_ref_seq.pdbx_PDB_id_code              1WNA 
_struct_ref_seq.pdbx_strand_id                A 
_struct_ref_seq.seq_align_beg                 1 
_struct_ref_seq.pdbx_seq_align_beg_ins_code   ? 
_struct_ref_seq.seq_align_end                 131 
_struct_ref_seq.pdbx_seq_align_end_ins_code   ? 
_struct_ref_seq.pdbx_db_accession             Q5SI52 
_struct_ref_seq.db_align_beg                  1 
_struct_ref_seq.pdbx_db_align_beg_ins_code    ? 
_struct_ref_seq.db_align_end                  131 
_struct_ref_seq.pdbx_db_align_end_ins_code    ? 
_struct_ref_seq.pdbx_auth_seq_align_beg       1 
_struct_ref_seq.pdbx_auth_seq_align_end       131 
# 
_pdbx_struct_assembly.id                   1 
_pdbx_struct_assembly.details              author_defined_assembly 
_pdbx_struct_assembly.method_details       ? 
_pdbx_struct_assembly.oligomeric_details   monomeric 
_pdbx_struct_assembly.oligomeric_count     1 
# 
_pdbx_struct_assembly_gen.assembly_id       1 
_pdbx_struct_assembly_gen.oper_expression   1 
_pdbx_struct_assembly_gen.asym_id_list      A,B 
# 
_pdbx_struct_oper_list.id                   1 
_pdbx_struct_oper_list.type                 'identity operation' 
_pdbx_struct_oper_list.name                 1_555 
_pdbx_struct_oper_list.symmetry_operation   x,y,z 
_pdbx_struct_oper_list.matrix[1][1]         1.0000000000 
_pdbx_struct_oper_list.matrix[1][2]         0.0000000000 
_pdbx_struct_oper_list.matrix[1][3]         0.0000000000 
_pdbx_struct_oper_list.vector[1]            0.0000000000 
_pdbx_struct_oper_list.matrix[2][1]         0.0000000000 
_pdbx_struct_oper_list.matrix[2][2]         1.0000000000 
_pdbx_struct_oper_list.matrix[2][3]         0.0000000000 
_pdbx_struct_oper_list.vector[2]            0.0000000000 
_pdbx_struct_oper_list.matrix[3][1]         0.0000000000 
_pdbx_struct_oper_list.matrix[3][2]         0.0000000000 
_pdbx_struct_oper_list.matrix[3][3]         1.0000000000 
_pdbx_struct_oper_list.vector[3]            0.0000000000 
# 
_struct_biol.id                    1 
_struct_biol.pdbx_parent_biol_id   ? 
_struct_biol.details               ? 
# 
loop_
_struct_conf.conf_type_id 
_struct_conf.id 
_struct_conf.pdbx_PDB_helix_id 
_struct_conf.beg_label_comp_id 
_struct_conf.beg_label_asym_id 
_struct_conf.beg_label_seq_id 
_struct_conf.pdbx_beg_PDB_ins_code 
_struct_conf.end_label_comp_id 
_struct_conf.end_label_asym_id 
_struct_conf.end_label_seq_id 
_struct_conf.pdbx_end_PDB_ins_code 
_struct_conf.beg_auth_comp_id 
_struct_conf.beg_auth_asym_id 
_struct_conf.beg_auth_seq_id 
_struct_conf.end_auth_comp_id 
_struct_conf.end_auth_asym_id 
_struct_conf.end_auth_seq_id 
_struct_conf.pdbx_PDB_helix_class 
_struct_conf.details 
_struct_conf.pdbx_PDB_helix_length 
HELX_P HELX_P1 1 ALA A 9   ? GLY A 22  ? ALA A 9   GLY A 22  1 ? 14 
HELX_P HELX_P2 2 GLY A 69  ? GLN A 84  ? GLY A 69  GLN A 84  1 ? 16 
HELX_P HELX_P3 3 SER A 95  ? GLY A 97  ? SER A 95  GLY A 97  5 ? 3  
HELX_P HELX_P4 4 GLU A 98  ? ASP A 104 ? GLU A 98  ASP A 104 1 ? 7  
HELX_P HELX_P5 5 PRO A 106 ? ALA A 118 ? PRO A 106 ALA A 118 1 ? 13 
HELX_P HELX_P6 6 ASP A 122 ? LEU A 127 ? ASP A 122 LEU A 127 5 ? 6  
# 
_struct_conf_type.id          HELX_P 
_struct_conf_type.criteria    ? 
_struct_conf_type.reference   ? 
# 
loop_
_struct_conn.id 
_struct_conn.conn_type_id 
_struct_conn.pdbx_leaving_atom_flag 
_struct_conn.pdbx_PDB_id 
_struct_conn.ptnr1_label_asym_id 
_struct_conn.ptnr1_label_comp_id 
_struct_conn.ptnr1_label_seq_id 
_struct_conn.ptnr1_label_atom_id 
_struct_conn.pdbx_ptnr1_label_alt_id 
_struct_conn.pdbx_ptnr1_PDB_ins_code 
_struct_conn.pdbx_ptnr1_standard_comp_id 
_struct_conn.ptnr1_symmetry 
_struct_conn.ptnr2_label_asym_id 
_struct_conn.ptnr2_label_comp_id 
_struct_conn.ptnr2_label_seq_id 
_struct_conn.ptnr2_label_atom_id 
_struct_conn.pdbx_ptnr2_label_alt_id 
_struct_conn.pdbx_ptnr2_PDB_ins_code 
_struct_conn.ptnr1_auth_asym_id 
_struct_conn.ptnr1_auth_comp_id 
_struct_conn.ptnr1_auth_seq_id 
_struct_conn.ptnr2_auth_asym_id 
_struct_conn.ptnr2_auth_comp_id 
_struct_conn.ptnr2_auth_seq_id 
_struct_conn.ptnr2_symmetry 
_struct_conn.pdbx_ptnr3_label_atom_id 
_struct_conn.pdbx_ptnr3_label_seq_id 
_struct_conn.pdbx_ptnr3_label_comp_id 
_struct_conn.pdbx_ptnr3_label_asym_id 
_struct_conn.pdbx_ptnr3_label_alt_id 
_struct_conn.pdbx_ptnr3_PDB_ins_code 
_struct_conn.details 
_struct_conn.pdbx_dist_value 
_struct_conn.pdbx_value_order 
_struct_conn.pdbx_role 
covale1 covale both ? A MSE 1   C ? ? ? 1_555 A VAL 2   N ? ? A MSE 1   A VAL 2   1_555 ? ? ? ? ? ? ? 1.327 ? ? 
covale2 covale both ? A GLY 5   C ? ? ? 1_555 A MSE 6   N ? ? A GLY 5   A MSE 6   1_555 ? ? ? ? ? ? ? 1.327 ? ? 
covale3 covale both ? A MSE 6   C ? ? ? 1_555 A ARG 7   N ? ? A MSE 6   A ARG 7   1_555 ? ? ? ? ? ? ? 1.326 ? ? 
covale4 covale both ? A GLU 98  C ? ? ? 1_555 A MSE 99  N ? ? A GLU 98  A MSE 99  1_555 ? ? ? ? ? ? ? 1.331 ? ? 
covale5 covale both ? A MSE 99  C ? ? ? 1_555 A THR 100 N ? ? A MSE 99  A THR 100 1_555 ? ? ? ? ? ? ? 1.329 ? ? 
covale6 covale both ? A VAL 114 C ? ? ? 1_555 A MSE 115 N ? ? A VAL 114 A MSE 115 1_555 ? ? ? ? ? ? ? 1.327 ? ? 
covale7 covale both ? A MSE 115 C ? ? ? 1_555 A ALA 116 N ? ? A MSE 115 A ALA 116 1_555 ? ? ? ? ? ? ? 1.326 ? ? 
# 
_struct_conn_type.id          covale 
_struct_conn_type.criteria    ? 
_struct_conn_type.reference   ? 
# 
loop_
_pdbx_modification_feature.ordinal 
_pdbx_modification_feature.label_comp_id 
_pdbx_modification_feature.label_asym_id 
_pdbx_modification_feature.label_seq_id 
_pdbx_modification_feature.label_alt_id 
_pdbx_modification_feature.modified_residue_label_comp_id 
_pdbx_modification_feature.modified_residue_label_asym_id 
_pdbx_modification_feature.modified_residue_label_seq_id 
_pdbx_modification_feature.modified_residue_label_alt_id 
_pdbx_modification_feature.auth_comp_id 
_pdbx_modification_feature.auth_asym_id 
_pdbx_modification_feature.auth_seq_id 
_pdbx_modification_feature.PDB_ins_code 
_pdbx_modification_feature.symmetry 
_pdbx_modification_feature.modified_residue_auth_comp_id 
_pdbx_modification_feature.modified_residue_auth_asym_id 
_pdbx_modification_feature.modified_residue_auth_seq_id 
_pdbx_modification_feature.modified_residue_PDB_ins_code 
_pdbx_modification_feature.modified_residue_symmetry 
_pdbx_modification_feature.comp_id_linking_atom 
_pdbx_modification_feature.modified_residue_id_linking_atom 
_pdbx_modification_feature.modified_residue_id 
_pdbx_modification_feature.ref_pcm_id 
_pdbx_modification_feature.ref_comp_id 
_pdbx_modification_feature.type 
_pdbx_modification_feature.category 
1 MSE A 1   ? . . . . MSE A 1   ? 1_555 . . . . . . . MET 1 MSE Selenomethionine 'Named protein modification' 
2 MSE A 6   ? . . . . MSE A 6   ? 1_555 . . . . . . . MET 1 MSE Selenomethionine 'Named protein modification' 
3 MSE A 99  ? . . . . MSE A 99  ? 1_555 . . . . . . . MET 1 MSE Selenomethionine 'Named protein modification' 
4 MSE A 115 ? . . . . MSE A 115 ? 1_555 . . . . . . . MET 1 MSE Selenomethionine 'Named protein modification' 
# 
_struct_sheet.id               A 
_struct_sheet.type             ? 
_struct_sheet.number_strands   6 
_struct_sheet.details          ? 
# 
loop_
_struct_sheet_order.sheet_id 
_struct_sheet_order.range_id_1 
_struct_sheet_order.range_id_2 
_struct_sheet_order.offset 
_struct_sheet_order.sense 
A 1 2 ? parallel      
A 2 3 ? anti-parallel 
A 3 4 ? anti-parallel 
A 4 5 ? parallel      
A 5 6 ? anti-parallel 
# 
loop_
_struct_sheet_range.sheet_id 
_struct_sheet_range.id 
_struct_sheet_range.beg_label_comp_id 
_struct_sheet_range.beg_label_asym_id 
_struct_sheet_range.beg_label_seq_id 
_struct_sheet_range.pdbx_beg_PDB_ins_code 
_struct_sheet_range.end_label_comp_id 
_struct_sheet_range.end_label_asym_id 
_struct_sheet_range.end_label_seq_id 
_struct_sheet_range.pdbx_end_PDB_ins_code 
_struct_sheet_range.beg_auth_comp_id 
_struct_sheet_range.beg_auth_asym_id 
_struct_sheet_range.beg_auth_seq_id 
_struct_sheet_range.end_auth_comp_id 
_struct_sheet_range.end_auth_asym_id 
_struct_sheet_range.end_auth_seq_id 
A 1 VAL A 2   ? ARG A 3   ? VAL A 2   ARG A 3   
A 2 ASP A 56  ? PHE A 63  ? ASP A 56  PHE A 63  
A 3 TYR A 46  ? HIS A 51  ? TYR A 46  HIS A 51  
A 4 LYS A 30  ? ASP A 36  ? LYS A 30  ASP A 36  
A 5 ARG A 88  ? VAL A 94  ? ARG A 88  VAL A 94  
A 6 ASN A 119 ? PRO A 120 ? ASN A 119 PRO A 120 
# 
loop_
_pdbx_struct_sheet_hbond.sheet_id 
_pdbx_struct_sheet_hbond.range_id_1 
_pdbx_struct_sheet_hbond.range_id_2 
_pdbx_struct_sheet_hbond.range_1_label_atom_id 
_pdbx_struct_sheet_hbond.range_1_label_comp_id 
_pdbx_struct_sheet_hbond.range_1_label_asym_id 
_pdbx_struct_sheet_hbond.range_1_label_seq_id 
_pdbx_struct_sheet_hbond.range_1_PDB_ins_code 
_pdbx_struct_sheet_hbond.range_1_auth_atom_id 
_pdbx_struct_sheet_hbond.range_1_auth_comp_id 
_pdbx_struct_sheet_hbond.range_1_auth_asym_id 
_pdbx_struct_sheet_hbond.range_1_auth_seq_id 
_pdbx_struct_sheet_hbond.range_2_label_atom_id 
_pdbx_struct_sheet_hbond.range_2_label_comp_id 
_pdbx_struct_sheet_hbond.range_2_label_asym_id 
_pdbx_struct_sheet_hbond.range_2_label_seq_id 
_pdbx_struct_sheet_hbond.range_2_PDB_ins_code 
_pdbx_struct_sheet_hbond.range_2_auth_atom_id 
_pdbx_struct_sheet_hbond.range_2_auth_comp_id 
_pdbx_struct_sheet_hbond.range_2_auth_asym_id 
_pdbx_struct_sheet_hbond.range_2_auth_seq_id 
A 1 2 N VAL A 2  ? N VAL A 2  O LEU A 58  ? O LEU A 58  
A 2 3 O LEU A 57 ? O LEU A 57 N LEU A 50  ? N LEU A 50  
A 3 4 O HIS A 51 ? O HIS A 51 N LYS A 30  ? N LYS A 30  
A 4 5 N LEU A 33 ? N LEU A 33 O TYR A 90  ? O TYR A 90  
A 5 6 N GLU A 91 ? N GLU A 91 O ASN A 119 ? O ASN A 119 
# 
_pdbx_entry_details.entry_id                   1WNA 
_pdbx_entry_details.compound_details           ? 
_pdbx_entry_details.source_details             ? 
_pdbx_entry_details.nonpolymer_details         ? 
_pdbx_entry_details.sequence_details           ? 
_pdbx_entry_details.has_ligand_of_interest     ? 
_pdbx_entry_details.has_protein_modification   Y 
# 
loop_
_pdbx_validate_torsion.id 
_pdbx_validate_torsion.PDB_model_num 
_pdbx_validate_torsion.auth_comp_id 
_pdbx_validate_torsion.auth_asym_id 
_pdbx_validate_torsion.auth_seq_id 
_pdbx_validate_torsion.PDB_ins_code 
_pdbx_validate_torsion.label_alt_id 
_pdbx_validate_torsion.phi 
_pdbx_validate_torsion.psi 
1 1 PRO A 60 ? ? -69.24  -174.67 
2 1 ARG A 87 ? ? -130.49 -32.35  
# 
_pdbx_SG_project.id                    1 
_pdbx_SG_project.project_name          ? 
_pdbx_SG_project.full_name_of_center   'RIKEN Structural Genomics/Proteomics Initiative' 
_pdbx_SG_project.initial_of_center     RSGI 
# 
loop_
_pdbx_struct_mod_residue.id 
_pdbx_struct_mod_residue.label_asym_id 
_pdbx_struct_mod_residue.label_comp_id 
_pdbx_struct_mod_residue.label_seq_id 
_pdbx_struct_mod_residue.auth_asym_id 
_pdbx_struct_mod_residue.auth_comp_id 
_pdbx_struct_mod_residue.auth_seq_id 
_pdbx_struct_mod_residue.PDB_ins_code 
_pdbx_struct_mod_residue.parent_comp_id 
_pdbx_struct_mod_residue.details 
1 A MSE 1   A MSE 1   ? MET SELENOMETHIONINE 
2 A MSE 6   A MSE 6   ? MET SELENOMETHIONINE 
3 A MSE 99  A MSE 99  ? MET SELENOMETHIONINE 
4 A MSE 115 A MSE 115 ? MET SELENOMETHIONINE 
# 
loop_
_pdbx_struct_special_symmetry.id 
_pdbx_struct_special_symmetry.PDB_model_num 
_pdbx_struct_special_symmetry.auth_asym_id 
_pdbx_struct_special_symmetry.auth_comp_id 
_pdbx_struct_special_symmetry.auth_seq_id 
_pdbx_struct_special_symmetry.PDB_ins_code 
_pdbx_struct_special_symmetry.label_asym_id 
_pdbx_struct_special_symmetry.label_comp_id 
_pdbx_struct_special_symmetry.label_seq_id 
1 1 A HOH 218 ? B HOH . 
2 1 A HOH 220 ? B HOH . 
# 
loop_
_pdbx_unobs_or_zero_occ_residues.id 
_pdbx_unobs_or_zero_occ_residues.PDB_model_num 
_pdbx_unobs_or_zero_occ_residues.polymer_flag 
_pdbx_unobs_or_zero_occ_residues.occupancy_flag 
_pdbx_unobs_or_zero_occ_residues.auth_asym_id 
_pdbx_unobs_or_zero_occ_residues.auth_comp_id 
_pdbx_unobs_or_zero_occ_residues.auth_seq_id 
_pdbx_unobs_or_zero_occ_residues.PDB_ins_code 
_pdbx_unobs_or_zero_occ_residues.label_asym_id 
_pdbx_unobs_or_zero_occ_residues.label_comp_id 
_pdbx_unobs_or_zero_occ_residues.label_seq_id 
1 1 Y 1 A LYS 128 ? A LYS 128 
2 1 Y 1 A ARG 129 ? A ARG 129 
3 1 Y 1 A ALA 130 ? A ALA 130 
4 1 Y 1 A ALA 131 ? A ALA 131 
# 
loop_
_chem_comp_atom.comp_id 
_chem_comp_atom.atom_id 
_chem_comp_atom.type_symbol 
_chem_comp_atom.pdbx_aromatic_flag 
_chem_comp_atom.pdbx_stereo_config 
_chem_comp_atom.pdbx_ordinal 
ALA N    N  N N 1   
ALA CA   C  N S 2   
ALA C    C  N N 3   
ALA O    O  N N 4   
ALA CB   C  N N 5   
ALA OXT  O  N N 6   
ALA H    H  N N 7   
ALA H2   H  N N 8   
ALA HA   H  N N 9   
ALA HB1  H  N N 10  
ALA HB2  H  N N 11  
ALA HB3  H  N N 12  
ALA HXT  H  N N 13  
ARG N    N  N N 14  
ARG CA   C  N S 15  
ARG C    C  N N 16  
ARG O    O  N N 17  
ARG CB   C  N N 18  
ARG CG   C  N N 19  
ARG CD   C  N N 20  
ARG NE   N  N N 21  
ARG CZ   C  N N 22  
ARG NH1  N  N N 23  
ARG NH2  N  N N 24  
ARG OXT  O  N N 25  
ARG H    H  N N 26  
ARG H2   H  N N 27  
ARG HA   H  N N 28  
ARG HB2  H  N N 29  
ARG HB3  H  N N 30  
ARG HG2  H  N N 31  
ARG HG3  H  N N 32  
ARG HD2  H  N N 33  
ARG HD3  H  N N 34  
ARG HE   H  N N 35  
ARG HH11 H  N N 36  
ARG HH12 H  N N 37  
ARG HH21 H  N N 38  
ARG HH22 H  N N 39  
ARG HXT  H  N N 40  
ASN N    N  N N 41  
ASN CA   C  N S 42  
ASN C    C  N N 43  
ASN O    O  N N 44  
ASN CB   C  N N 45  
ASN CG   C  N N 46  
ASN OD1  O  N N 47  
ASN ND2  N  N N 48  
ASN OXT  O  N N 49  
ASN H    H  N N 50  
ASN H2   H  N N 51  
ASN HA   H  N N 52  
ASN HB2  H  N N 53  
ASN HB3  H  N N 54  
ASN HD21 H  N N 55  
ASN HD22 H  N N 56  
ASN HXT  H  N N 57  
ASP N    N  N N 58  
ASP CA   C  N S 59  
ASP C    C  N N 60  
ASP O    O  N N 61  
ASP CB   C  N N 62  
ASP CG   C  N N 63  
ASP OD1  O  N N 64  
ASP OD2  O  N N 65  
ASP OXT  O  N N 66  
ASP H    H  N N 67  
ASP H2   H  N N 68  
ASP HA   H  N N 69  
ASP HB2  H  N N 70  
ASP HB3  H  N N 71  
ASP HD2  H  N N 72  
ASP HXT  H  N N 73  
GLN N    N  N N 74  
GLN CA   C  N S 75  
GLN C    C  N N 76  
GLN O    O  N N 77  
GLN CB   C  N N 78  
GLN CG   C  N N 79  
GLN CD   C  N N 80  
GLN OE1  O  N N 81  
GLN NE2  N  N N 82  
GLN OXT  O  N N 83  
GLN H    H  N N 84  
GLN H2   H  N N 85  
GLN HA   H  N N 86  
GLN HB2  H  N N 87  
GLN HB3  H  N N 88  
GLN HG2  H  N N 89  
GLN HG3  H  N N 90  
GLN HE21 H  N N 91  
GLN HE22 H  N N 92  
GLN HXT  H  N N 93  
GLU N    N  N N 94  
GLU CA   C  N S 95  
GLU C    C  N N 96  
GLU O    O  N N 97  
GLU CB   C  N N 98  
GLU CG   C  N N 99  
GLU CD   C  N N 100 
GLU OE1  O  N N 101 
GLU OE2  O  N N 102 
GLU OXT  O  N N 103 
GLU H    H  N N 104 
GLU H2   H  N N 105 
GLU HA   H  N N 106 
GLU HB2  H  N N 107 
GLU HB3  H  N N 108 
GLU HG2  H  N N 109 
GLU HG3  H  N N 110 
GLU HE2  H  N N 111 
GLU HXT  H  N N 112 
GLY N    N  N N 113 
GLY CA   C  N N 114 
GLY C    C  N N 115 
GLY O    O  N N 116 
GLY OXT  O  N N 117 
GLY H    H  N N 118 
GLY H2   H  N N 119 
GLY HA2  H  N N 120 
GLY HA3  H  N N 121 
GLY HXT  H  N N 122 
HIS N    N  N N 123 
HIS CA   C  N S 124 
HIS C    C  N N 125 
HIS O    O  N N 126 
HIS CB   C  N N 127 
HIS CG   C  Y N 128 
HIS ND1  N  Y N 129 
HIS CD2  C  Y N 130 
HIS CE1  C  Y N 131 
HIS NE2  N  Y N 132 
HIS OXT  O  N N 133 
HIS H    H  N N 134 
HIS H2   H  N N 135 
HIS HA   H  N N 136 
HIS HB2  H  N N 137 
HIS HB3  H  N N 138 
HIS HD1  H  N N 139 
HIS HD2  H  N N 140 
HIS HE1  H  N N 141 
HIS HE2  H  N N 142 
HIS HXT  H  N N 143 
HOH O    O  N N 144 
HOH H1   H  N N 145 
HOH H2   H  N N 146 
ILE N    N  N N 147 
ILE CA   C  N S 148 
ILE C    C  N N 149 
ILE O    O  N N 150 
ILE CB   C  N S 151 
ILE CG1  C  N N 152 
ILE CG2  C  N N 153 
ILE CD1  C  N N 154 
ILE OXT  O  N N 155 
ILE H    H  N N 156 
ILE H2   H  N N 157 
ILE HA   H  N N 158 
ILE HB   H  N N 159 
ILE HG12 H  N N 160 
ILE HG13 H  N N 161 
ILE HG21 H  N N 162 
ILE HG22 H  N N 163 
ILE HG23 H  N N 164 
ILE HD11 H  N N 165 
ILE HD12 H  N N 166 
ILE HD13 H  N N 167 
ILE HXT  H  N N 168 
LEU N    N  N N 169 
LEU CA   C  N S 170 
LEU C    C  N N 171 
LEU O    O  N N 172 
LEU CB   C  N N 173 
LEU CG   C  N N 174 
LEU CD1  C  N N 175 
LEU CD2  C  N N 176 
LEU OXT  O  N N 177 
LEU H    H  N N 178 
LEU H2   H  N N 179 
LEU HA   H  N N 180 
LEU HB2  H  N N 181 
LEU HB3  H  N N 182 
LEU HG   H  N N 183 
LEU HD11 H  N N 184 
LEU HD12 H  N N 185 
LEU HD13 H  N N 186 
LEU HD21 H  N N 187 
LEU HD22 H  N N 188 
LEU HD23 H  N N 189 
LEU HXT  H  N N 190 
LYS N    N  N N 191 
LYS CA   C  N S 192 
LYS C    C  N N 193 
LYS O    O  N N 194 
LYS CB   C  N N 195 
LYS CG   C  N N 196 
LYS CD   C  N N 197 
LYS CE   C  N N 198 
LYS NZ   N  N N 199 
LYS OXT  O  N N 200 
LYS H    H  N N 201 
LYS H2   H  N N 202 
LYS HA   H  N N 203 
LYS HB2  H  N N 204 
LYS HB3  H  N N 205 
LYS HG2  H  N N 206 
LYS HG3  H  N N 207 
LYS HD2  H  N N 208 
LYS HD3  H  N N 209 
LYS HE2  H  N N 210 
LYS HE3  H  N N 211 
LYS HZ1  H  N N 212 
LYS HZ2  H  N N 213 
LYS HZ3  H  N N 214 
LYS HXT  H  N N 215 
MSE N    N  N N 216 
MSE CA   C  N S 217 
MSE C    C  N N 218 
MSE O    O  N N 219 
MSE OXT  O  N N 220 
MSE CB   C  N N 221 
MSE CG   C  N N 222 
MSE SE   SE N N 223 
MSE CE   C  N N 224 
MSE H    H  N N 225 
MSE H2   H  N N 226 
MSE HA   H  N N 227 
MSE HXT  H  N N 228 
MSE HB2  H  N N 229 
MSE HB3  H  N N 230 
MSE HG2  H  N N 231 
MSE HG3  H  N N 232 
MSE HE1  H  N N 233 
MSE HE2  H  N N 234 
MSE HE3  H  N N 235 
PHE N    N  N N 236 
PHE CA   C  N S 237 
PHE C    C  N N 238 
PHE O    O  N N 239 
PHE CB   C  N N 240 
PHE CG   C  Y N 241 
PHE CD1  C  Y N 242 
PHE CD2  C  Y N 243 
PHE CE1  C  Y N 244 
PHE CE2  C  Y N 245 
PHE CZ   C  Y N 246 
PHE OXT  O  N N 247 
PHE H    H  N N 248 
PHE H2   H  N N 249 
PHE HA   H  N N 250 
PHE HB2  H  N N 251 
PHE HB3  H  N N 252 
PHE HD1  H  N N 253 
PHE HD2  H  N N 254 
PHE HE1  H  N N 255 
PHE HE2  H  N N 256 
PHE HZ   H  N N 257 
PHE HXT  H  N N 258 
PRO N    N  N N 259 
PRO CA   C  N S 260 
PRO C    C  N N 261 
PRO O    O  N N 262 
PRO CB   C  N N 263 
PRO CG   C  N N 264 
PRO CD   C  N N 265 
PRO OXT  O  N N 266 
PRO H    H  N N 267 
PRO HA   H  N N 268 
PRO HB2  H  N N 269 
PRO HB3  H  N N 270 
PRO HG2  H  N N 271 
PRO HG3  H  N N 272 
PRO HD2  H  N N 273 
PRO HD3  H  N N 274 
PRO HXT  H  N N 275 
SER N    N  N N 276 
SER CA   C  N S 277 
SER C    C  N N 278 
SER O    O  N N 279 
SER CB   C  N N 280 
SER OG   O  N N 281 
SER OXT  O  N N 282 
SER H    H  N N 283 
SER H2   H  N N 284 
SER HA   H  N N 285 
SER HB2  H  N N 286 
SER HB3  H  N N 287 
SER HG   H  N N 288 
SER HXT  H  N N 289 
THR N    N  N N 290 
THR CA   C  N S 291 
THR C    C  N N 292 
THR O    O  N N 293 
THR CB   C  N R 294 
THR OG1  O  N N 295 
THR CG2  C  N N 296 
THR OXT  O  N N 297 
THR H    H  N N 298 
THR H2   H  N N 299 
THR HA   H  N N 300 
THR HB   H  N N 301 
THR HG1  H  N N 302 
THR HG21 H  N N 303 
THR HG22 H  N N 304 
THR HG23 H  N N 305 
THR HXT  H  N N 306 
TRP N    N  N N 307 
TRP CA   C  N S 308 
TRP C    C  N N 309 
TRP O    O  N N 310 
TRP CB   C  N N 311 
TRP CG   C  Y N 312 
TRP CD1  C  Y N 313 
TRP CD2  C  Y N 314 
TRP NE1  N  Y N 315 
TRP CE2  C  Y N 316 
TRP CE3  C  Y N 317 
TRP CZ2  C  Y N 318 
TRP CZ3  C  Y N 319 
TRP CH2  C  Y N 320 
TRP OXT  O  N N 321 
TRP H    H  N N 322 
TRP H2   H  N N 323 
TRP HA   H  N N 324 
TRP HB2  H  N N 325 
TRP HB3  H  N N 326 
TRP HD1  H  N N 327 
TRP HE1  H  N N 328 
TRP HE3  H  N N 329 
TRP HZ2  H  N N 330 
TRP HZ3  H  N N 331 
TRP HH2  H  N N 332 
TRP HXT  H  N N 333 
TYR N    N  N N 334 
TYR CA   C  N S 335 
TYR C    C  N N 336 
TYR O    O  N N 337 
TYR CB   C  N N 338 
TYR CG   C  Y N 339 
TYR CD1  C  Y N 340 
TYR CD2  C  Y N 341 
TYR CE1  C  Y N 342 
TYR CE2  C  Y N 343 
TYR CZ   C  Y N 344 
TYR OH   O  N N 345 
TYR OXT  O  N N 346 
TYR H    H  N N 347 
TYR H2   H  N N 348 
TYR HA   H  N N 349 
TYR HB2  H  N N 350 
TYR HB3  H  N N 351 
TYR HD1  H  N N 352 
TYR HD2  H  N N 353 
TYR HE1  H  N N 354 
TYR HE2  H  N N 355 
TYR HH   H  N N 356 
TYR HXT  H  N N 357 
VAL N    N  N N 358 
VAL CA   C  N S 359 
VAL C    C  N N 360 
VAL O    O  N N 361 
VAL CB   C  N N 362 
VAL CG1  C  N N 363 
VAL CG2  C  N N 364 
VAL OXT  O  N N 365 
VAL H    H  N N 366 
VAL H2   H  N N 367 
VAL HA   H  N N 368 
VAL HB   H  N N 369 
VAL HG11 H  N N 370 
VAL HG12 H  N N 371 
VAL HG13 H  N N 372 
VAL HG21 H  N N 373 
VAL HG22 H  N N 374 
VAL HG23 H  N N 375 
VAL HXT  H  N N 376 
# 
loop_
_chem_comp_bond.comp_id 
_chem_comp_bond.atom_id_1 
_chem_comp_bond.atom_id_2 
_chem_comp_bond.value_order 
_chem_comp_bond.pdbx_aromatic_flag 
_chem_comp_bond.pdbx_stereo_config 
_chem_comp_bond.pdbx_ordinal 
ALA N   CA   sing N N 1   
ALA N   H    sing N N 2   
ALA N   H2   sing N N 3   
ALA CA  C    sing N N 4   
ALA CA  CB   sing N N 5   
ALA CA  HA   sing N N 6   
ALA C   O    doub N N 7   
ALA C   OXT  sing N N 8   
ALA CB  HB1  sing N N 9   
ALA CB  HB2  sing N N 10  
ALA CB  HB3  sing N N 11  
ALA OXT HXT  sing N N 12  
ARG N   CA   sing N N 13  
ARG N   H    sing N N 14  
ARG N   H2   sing N N 15  
ARG CA  C    sing N N 16  
ARG CA  CB   sing N N 17  
ARG CA  HA   sing N N 18  
ARG C   O    doub N N 19  
ARG C   OXT  sing N N 20  
ARG CB  CG   sing N N 21  
ARG CB  HB2  sing N N 22  
ARG CB  HB3  sing N N 23  
ARG CG  CD   sing N N 24  
ARG CG  HG2  sing N N 25  
ARG CG  HG3  sing N N 26  
ARG CD  NE   sing N N 27  
ARG CD  HD2  sing N N 28  
ARG CD  HD3  sing N N 29  
ARG NE  CZ   sing N N 30  
ARG NE  HE   sing N N 31  
ARG CZ  NH1  sing N N 32  
ARG CZ  NH2  doub N N 33  
ARG NH1 HH11 sing N N 34  
ARG NH1 HH12 sing N N 35  
ARG NH2 HH21 sing N N 36  
ARG NH2 HH22 sing N N 37  
ARG OXT HXT  sing N N 38  
ASN N   CA   sing N N 39  
ASN N   H    sing N N 40  
ASN N   H2   sing N N 41  
ASN CA  C    sing N N 42  
ASN CA  CB   sing N N 43  
ASN CA  HA   sing N N 44  
ASN C   O    doub N N 45  
ASN C   OXT  sing N N 46  
ASN CB  CG   sing N N 47  
ASN CB  HB2  sing N N 48  
ASN CB  HB3  sing N N 49  
ASN CG  OD1  doub N N 50  
ASN CG  ND2  sing N N 51  
ASN ND2 HD21 sing N N 52  
ASN ND2 HD22 sing N N 53  
ASN OXT HXT  sing N N 54  
ASP N   CA   sing N N 55  
ASP N   H    sing N N 56  
ASP N   H2   sing N N 57  
ASP CA  C    sing N N 58  
ASP CA  CB   sing N N 59  
ASP CA  HA   sing N N 60  
ASP C   O    doub N N 61  
ASP C   OXT  sing N N 62  
ASP CB  CG   sing N N 63  
ASP CB  HB2  sing N N 64  
ASP CB  HB3  sing N N 65  
ASP CG  OD1  doub N N 66  
ASP CG  OD2  sing N N 67  
ASP OD2 HD2  sing N N 68  
ASP OXT HXT  sing N N 69  
GLN N   CA   sing N N 70  
GLN N   H    sing N N 71  
GLN N   H2   sing N N 72  
GLN CA  C    sing N N 73  
GLN CA  CB   sing N N 74  
GLN CA  HA   sing N N 75  
GLN C   O    doub N N 76  
GLN C   OXT  sing N N 77  
GLN CB  CG   sing N N 78  
GLN CB  HB2  sing N N 79  
GLN CB  HB3  sing N N 80  
GLN CG  CD   sing N N 81  
GLN CG  HG2  sing N N 82  
GLN CG  HG3  sing N N 83  
GLN CD  OE1  doub N N 84  
GLN CD  NE2  sing N N 85  
GLN NE2 HE21 sing N N 86  
GLN NE2 HE22 sing N N 87  
GLN OXT HXT  sing N N 88  
GLU N   CA   sing N N 89  
GLU N   H    sing N N 90  
GLU N   H2   sing N N 91  
GLU CA  C    sing N N 92  
GLU CA  CB   sing N N 93  
GLU CA  HA   sing N N 94  
GLU C   O    doub N N 95  
GLU C   OXT  sing N N 96  
GLU CB  CG   sing N N 97  
GLU CB  HB2  sing N N 98  
GLU CB  HB3  sing N N 99  
GLU CG  CD   sing N N 100 
GLU CG  HG2  sing N N 101 
GLU CG  HG3  sing N N 102 
GLU CD  OE1  doub N N 103 
GLU CD  OE2  sing N N 104 
GLU OE2 HE2  sing N N 105 
GLU OXT HXT  sing N N 106 
GLY N   CA   sing N N 107 
GLY N   H    sing N N 108 
GLY N   H2   sing N N 109 
GLY CA  C    sing N N 110 
GLY CA  HA2  sing N N 111 
GLY CA  HA3  sing N N 112 
GLY C   O    doub N N 113 
GLY C   OXT  sing N N 114 
GLY OXT HXT  sing N N 115 
HIS N   CA   sing N N 116 
HIS N   H    sing N N 117 
HIS N   H2   sing N N 118 
HIS CA  C    sing N N 119 
HIS CA  CB   sing N N 120 
HIS CA  HA   sing N N 121 
HIS C   O    doub N N 122 
HIS C   OXT  sing N N 123 
HIS CB  CG   sing N N 124 
HIS CB  HB2  sing N N 125 
HIS CB  HB3  sing N N 126 
HIS CG  ND1  sing Y N 127 
HIS CG  CD2  doub Y N 128 
HIS ND1 CE1  doub Y N 129 
HIS ND1 HD1  sing N N 130 
HIS CD2 NE2  sing Y N 131 
HIS CD2 HD2  sing N N 132 
HIS CE1 NE2  sing Y N 133 
HIS CE1 HE1  sing N N 134 
HIS NE2 HE2  sing N N 135 
HIS OXT HXT  sing N N 136 
HOH O   H1   sing N N 137 
HOH O   H2   sing N N 138 
ILE N   CA   sing N N 139 
ILE N   H    sing N N 140 
ILE N   H2   sing N N 141 
ILE CA  C    sing N N 142 
ILE CA  CB   sing N N 143 
ILE CA  HA   sing N N 144 
ILE C   O    doub N N 145 
ILE C   OXT  sing N N 146 
ILE CB  CG1  sing N N 147 
ILE CB  CG2  sing N N 148 
ILE CB  HB   sing N N 149 
ILE CG1 CD1  sing N N 150 
ILE CG1 HG12 sing N N 151 
ILE CG1 HG13 sing N N 152 
ILE CG2 HG21 sing N N 153 
ILE CG2 HG22 sing N N 154 
ILE CG2 HG23 sing N N 155 
ILE CD1 HD11 sing N N 156 
ILE CD1 HD12 sing N N 157 
ILE CD1 HD13 sing N N 158 
ILE OXT HXT  sing N N 159 
LEU N   CA   sing N N 160 
LEU N   H    sing N N 161 
LEU N   H2   sing N N 162 
LEU CA  C    sing N N 163 
LEU CA  CB   sing N N 164 
LEU CA  HA   sing N N 165 
LEU C   O    doub N N 166 
LEU C   OXT  sing N N 167 
LEU CB  CG   sing N N 168 
LEU CB  HB2  sing N N 169 
LEU CB  HB3  sing N N 170 
LEU CG  CD1  sing N N 171 
LEU CG  CD2  sing N N 172 
LEU CG  HG   sing N N 173 
LEU CD1 HD11 sing N N 174 
LEU CD1 HD12 sing N N 175 
LEU CD1 HD13 sing N N 176 
LEU CD2 HD21 sing N N 177 
LEU CD2 HD22 sing N N 178 
LEU CD2 HD23 sing N N 179 
LEU OXT HXT  sing N N 180 
LYS N   CA   sing N N 181 
LYS N   H    sing N N 182 
LYS N   H2   sing N N 183 
LYS CA  C    sing N N 184 
LYS CA  CB   sing N N 185 
LYS CA  HA   sing N N 186 
LYS C   O    doub N N 187 
LYS C   OXT  sing N N 188 
LYS CB  CG   sing N N 189 
LYS CB  HB2  sing N N 190 
LYS CB  HB3  sing N N 191 
LYS CG  CD   sing N N 192 
LYS CG  HG2  sing N N 193 
LYS CG  HG3  sing N N 194 
LYS CD  CE   sing N N 195 
LYS CD  HD2  sing N N 196 
LYS CD  HD3  sing N N 197 
LYS CE  NZ   sing N N 198 
LYS CE  HE2  sing N N 199 
LYS CE  HE3  sing N N 200 
LYS NZ  HZ1  sing N N 201 
LYS NZ  HZ2  sing N N 202 
LYS NZ  HZ3  sing N N 203 
LYS OXT HXT  sing N N 204 
MSE N   CA   sing N N 205 
MSE N   H    sing N N 206 
MSE N   H2   sing N N 207 
MSE CA  C    sing N N 208 
MSE CA  CB   sing N N 209 
MSE CA  HA   sing N N 210 
MSE C   O    doub N N 211 
MSE C   OXT  sing N N 212 
MSE OXT HXT  sing N N 213 
MSE CB  CG   sing N N 214 
MSE CB  HB2  sing N N 215 
MSE CB  HB3  sing N N 216 
MSE CG  SE   sing N N 217 
MSE CG  HG2  sing N N 218 
MSE CG  HG3  sing N N 219 
MSE SE  CE   sing N N 220 
MSE CE  HE1  sing N N 221 
MSE CE  HE2  sing N N 222 
MSE CE  HE3  sing N N 223 
PHE N   CA   sing N N 224 
PHE N   H    sing N N 225 
PHE N   H2   sing N N 226 
PHE CA  C    sing N N 227 
PHE CA  CB   sing N N 228 
PHE CA  HA   sing N N 229 
PHE C   O    doub N N 230 
PHE C   OXT  sing N N 231 
PHE CB  CG   sing N N 232 
PHE CB  HB2  sing N N 233 
PHE CB  HB3  sing N N 234 
PHE CG  CD1  doub Y N 235 
PHE CG  CD2  sing Y N 236 
PHE CD1 CE1  sing Y N 237 
PHE CD1 HD1  sing N N 238 
PHE CD2 CE2  doub Y N 239 
PHE CD2 HD2  sing N N 240 
PHE CE1 CZ   doub Y N 241 
PHE CE1 HE1  sing N N 242 
PHE CE2 CZ   sing Y N 243 
PHE CE2 HE2  sing N N 244 
PHE CZ  HZ   sing N N 245 
PHE OXT HXT  sing N N 246 
PRO N   CA   sing N N 247 
PRO N   CD   sing N N 248 
PRO N   H    sing N N 249 
PRO CA  C    sing N N 250 
PRO CA  CB   sing N N 251 
PRO CA  HA   sing N N 252 
PRO C   O    doub N N 253 
PRO C   OXT  sing N N 254 
PRO CB  CG   sing N N 255 
PRO CB  HB2  sing N N 256 
PRO CB  HB3  sing N N 257 
PRO CG  CD   sing N N 258 
PRO CG  HG2  sing N N 259 
PRO CG  HG3  sing N N 260 
PRO CD  HD2  sing N N 261 
PRO CD  HD3  sing N N 262 
PRO OXT HXT  sing N N 263 
SER N   CA   sing N N 264 
SER N   H    sing N N 265 
SER N   H2   sing N N 266 
SER CA  C    sing N N 267 
SER CA  CB   sing N N 268 
SER CA  HA   sing N N 269 
SER C   O    doub N N 270 
SER C   OXT  sing N N 271 
SER CB  OG   sing N N 272 
SER CB  HB2  sing N N 273 
SER CB  HB3  sing N N 274 
SER OG  HG   sing N N 275 
SER OXT HXT  sing N N 276 
THR N   CA   sing N N 277 
THR N   H    sing N N 278 
THR N   H2   sing N N 279 
THR CA  C    sing N N 280 
THR CA  CB   sing N N 281 
THR CA  HA   sing N N 282 
THR C   O    doub N N 283 
THR C   OXT  sing N N 284 
THR CB  OG1  sing N N 285 
THR CB  CG2  sing N N 286 
THR CB  HB   sing N N 287 
THR OG1 HG1  sing N N 288 
THR CG2 HG21 sing N N 289 
THR CG2 HG22 sing N N 290 
THR CG2 HG23 sing N N 291 
THR OXT HXT  sing N N 292 
TRP N   CA   sing N N 293 
TRP N   H    sing N N 294 
TRP N   H2   sing N N 295 
TRP CA  C    sing N N 296 
TRP CA  CB   sing N N 297 
TRP CA  HA   sing N N 298 
TRP C   O    doub N N 299 
TRP C   OXT  sing N N 300 
TRP CB  CG   sing N N 301 
TRP CB  HB2  sing N N 302 
TRP CB  HB3  sing N N 303 
TRP CG  CD1  doub Y N 304 
TRP CG  CD2  sing Y N 305 
TRP CD1 NE1  sing Y N 306 
TRP CD1 HD1  sing N N 307 
TRP CD2 CE2  doub Y N 308 
TRP CD2 CE3  sing Y N 309 
TRP NE1 CE2  sing Y N 310 
TRP NE1 HE1  sing N N 311 
TRP CE2 CZ2  sing Y N 312 
TRP CE3 CZ3  doub Y N 313 
TRP CE3 HE3  sing N N 314 
TRP CZ2 CH2  doub Y N 315 
TRP CZ2 HZ2  sing N N 316 
TRP CZ3 CH2  sing Y N 317 
TRP CZ3 HZ3  sing N N 318 
TRP CH2 HH2  sing N N 319 
TRP OXT HXT  sing N N 320 
TYR N   CA   sing N N 321 
TYR N   H    sing N N 322 
TYR N   H2   sing N N 323 
TYR CA  C    sing N N 324 
TYR CA  CB   sing N N 325 
TYR CA  HA   sing N N 326 
TYR C   O    doub N N 327 
TYR C   OXT  sing N N 328 
TYR CB  CG   sing N N 329 
TYR CB  HB2  sing N N 330 
TYR CB  HB3  sing N N 331 
TYR CG  CD1  doub Y N 332 
TYR CG  CD2  sing Y N 333 
TYR CD1 CE1  sing Y N 334 
TYR CD1 HD1  sing N N 335 
TYR CD2 CE2  doub Y N 336 
TYR CD2 HD2  sing N N 337 
TYR CE1 CZ   doub Y N 338 
TYR CE1 HE1  sing N N 339 
TYR CE2 CZ   sing Y N 340 
TYR CE2 HE2  sing N N 341 
TYR CZ  OH   sing N N 342 
TYR OH  HH   sing N N 343 
TYR OXT HXT  sing N N 344 
VAL N   CA   sing N N 345 
VAL N   H    sing N N 346 
VAL N   H2   sing N N 347 
VAL CA  C    sing N N 348 
VAL CA  CB   sing N N 349 
VAL CA  HA   sing N N 350 
VAL C   O    doub N N 351 
VAL C   OXT  sing N N 352 
VAL CB  CG1  sing N N 353 
VAL CB  CG2  sing N N 354 
VAL CB  HB   sing N N 355 
VAL CG1 HG11 sing N N 356 
VAL CG1 HG12 sing N N 357 
VAL CG1 HG13 sing N N 358 
VAL CG2 HG21 sing N N 359 
VAL CG2 HG22 sing N N 360 
VAL CG2 HG23 sing N N 361 
VAL OXT HXT  sing N N 362 
# 
_atom_sites.entry_id                    1WNA 
_atom_sites.fract_transf_matrix[1][1]   0.01603903 
_atom_sites.fract_transf_matrix[1][2]   -0.00280796 
_atom_sites.fract_transf_matrix[1][3]   -0.00864800 
_atom_sites.fract_transf_matrix[2][1]   -0.00629782 
_atom_sites.fract_transf_matrix[2][2]   0.00235694 
_atom_sites.fract_transf_matrix[2][3]   -0.01244555 
_atom_sites.fract_transf_matrix[3][1]   0.00289068 
_atom_sites.fract_transf_matrix[3][2]   0.01327430 
_atom_sites.fract_transf_matrix[3][3]   0.00105112 
_atom_sites.fract_transf_vector[1]      0.489924 
_atom_sites.fract_transf_vector[2]      0.197411 
_atom_sites.fract_transf_vector[3]      0.508088 
# 
loop_
_atom_type.symbol 
C  
N  
O  
SE 
# 
loop_
_atom_site.group_PDB 
_atom_site.id 
_atom_site.type_symbol 
_atom_site.label_atom_id 
_atom_site.label_alt_id 
_atom_site.label_comp_id 
_atom_site.label_asym_id 
_atom_site.label_entity_id 
_atom_site.label_seq_id 
_atom_site.pdbx_PDB_ins_code 
_atom_site.Cartn_x 
_atom_site.Cartn_y 
_atom_site.Cartn_z 
_atom_site.occupancy 
_atom_site.B_iso_or_equiv 
_atom_site.pdbx_formal_charge 
_atom_site.auth_seq_id 
_atom_site.auth_comp_id 
_atom_site.auth_asym_id 
_atom_site.auth_atom_id 
_atom_site.pdbx_PDB_model_num 
HETATM 1    N  N   . MSE A 1 1   ? -13.689 -5.637  -4.071  1.00 48.94 ? 1   MSE A N   1 
HETATM 2    C  CA  . MSE A 1 1   ? -12.545 -4.944  -3.413  1.00 45.75 ? 1   MSE A CA  1 
HETATM 3    C  C   . MSE A 1 1   ? -12.943 -3.565  -2.900  1.00 42.74 ? 1   MSE A C   1 
HETATM 4    O  O   . MSE A 1 1   ? -13.449 -2.731  -3.654  1.00 45.59 ? 1   MSE A O   1 
HETATM 5    C  CB  . MSE A 1 1   ? -11.383 -4.796  -4.392  1.00 48.12 ? 1   MSE A CB  1 
HETATM 6    C  CG  . MSE A 1 1   ? -10.213 -3.997  -3.840  1.00 45.68 ? 1   MSE A CG  1 
HETATM 7    SE SE  . MSE A 1 1   ? -8.849  -3.698  -5.166  1.00 44.87 ? 1   MSE A SE  1 
HETATM 8    C  CE  . MSE A 1 1   ? -9.601  -2.138  -6.022  1.00 43.81 ? 1   MSE A CE  1 
ATOM   9    N  N   . VAL A 1 2   ? -12.699 -3.322  -1.618  1.00 30.69 ? 2   VAL A N   1 
ATOM   10   C  CA  . VAL A 1 2   ? -13.035 -2.040  -1.018  1.00 21.09 ? 2   VAL A CA  1 
ATOM   11   C  C   . VAL A 1 2   ? -11.889 -1.058  -1.200  1.00 23.60 ? 2   VAL A C   1 
ATOM   12   O  O   . VAL A 1 2   ? -10.734 -1.464  -1.335  1.00 20.82 ? 2   VAL A O   1 
ATOM   13   C  CB  . VAL A 1 2   ? -13.317 -2.191  0.496   1.00 26.90 ? 2   VAL A CB  1 
ATOM   14   C  CG1 . VAL A 1 2   ? -13.702 -0.853  1.095   1.00 33.84 ? 2   VAL A CG1 1 
ATOM   15   C  CG2 . VAL A 1 2   ? -14.432 -3.197  0.717   1.00 38.10 ? 2   VAL A CG2 1 
ATOM   16   N  N   . ARG A 1 3   ? -12.221 0.230   -1.214  1.00 20.93 ? 3   ARG A N   1 
ATOM   17   C  CA  . ARG A 1 3   ? -11.228 1.293   -1.353  1.00 20.53 ? 3   ARG A CA  1 
ATOM   18   C  C   . ARG A 1 3   ? -11.458 2.326   -0.260  1.00 20.82 ? 3   ARG A C   1 
ATOM   19   O  O   . ARG A 1 3   ? -12.550 2.879   -0.130  1.00 19.23 ? 3   ARG A O   1 
ATOM   20   C  CB  . ARG A 1 3   ? -11.332 1.962   -2.727  1.00 22.93 ? 3   ARG A CB  1 
ATOM   21   C  CG  . ARG A 1 3   ? -10.397 3.158   -2.898  1.00 34.57 ? 3   ARG A CG  1 
ATOM   22   C  CD  . ARG A 1 3   ? -10.215 3.541   -4.365  1.00 45.67 ? 3   ARG A CD  1 
ATOM   23   N  NE  . ARG A 1 3   ? -9.545  4.832   -4.504  1.00 46.45 ? 3   ARG A NE  1 
ATOM   24   C  CZ  . ARG A 1 3   ? -8.969  5.271   -5.620  1.00 50.93 ? 3   ARG A CZ  1 
ATOM   25   N  NH1 . ARG A 1 3   ? -8.969  4.523   -6.714  1.00 46.36 ? 3   ARG A NH1 1 
ATOM   26   N  NH2 . ARG A 1 3   ? -8.393  6.467   -5.643  1.00 49.10 ? 3   ARG A NH2 1 
ATOM   27   N  N   . VAL A 1 4   ? -10.430 2.580   0.543   1.00 16.09 ? 4   VAL A N   1 
ATOM   28   C  CA  . VAL A 1 4   ? -10.554 3.553   1.615   1.00 13.08 ? 4   VAL A CA  1 
ATOM   29   C  C   . VAL A 1 4   ? -9.369  4.489   1.544   1.00 16.72 ? 4   VAL A C   1 
ATOM   30   O  O   . VAL A 1 4   ? -8.371  4.187   0.887   1.00 16.70 ? 4   VAL A O   1 
ATOM   31   C  CB  . VAL A 1 4   ? -10.597 2.871   3.008   1.00 14.39 ? 4   VAL A CB  1 
ATOM   32   C  CG1 . VAL A 1 4   ? -11.737 1.854   3.044   1.00 16.73 ? 4   VAL A CG1 1 
ATOM   33   C  CG2 . VAL A 1 4   ? -9.276  2.180   3.310   1.00 17.29 ? 4   VAL A CG2 1 
ATOM   34   N  N   . GLY A 1 5   ? -9.484  5.631   2.208   1.00 14.12 ? 5   GLY A N   1 
ATOM   35   C  CA  . GLY A 1 5   ? -8.393  6.586   2.194   1.00 17.01 ? 5   GLY A CA  1 
ATOM   36   C  C   . GLY A 1 5   ? -8.485  7.487   0.982   1.00 18.88 ? 5   GLY A C   1 
ATOM   37   O  O   . GLY A 1 5   ? -9.367  7.325   0.136   1.00 18.53 ? 5   GLY A O   1 
HETATM 38   N  N   . MSE A 1 6   ? -7.549  8.421   0.880   1.00 16.02 ? 6   MSE A N   1 
HETATM 39   C  CA  . MSE A 1 6   ? -7.538  9.381   -0.221  1.00 17.98 ? 6   MSE A CA  1 
HETATM 40   C  C   . MSE A 1 6   ? -6.125  9.732   -0.641  1.00 18.23 ? 6   MSE A C   1 
HETATM 41   O  O   . MSE A 1 6   ? -5.219  9.761   0.185   1.00 17.38 ? 6   MSE A O   1 
HETATM 42   C  CB  . MSE A 1 6   ? -8.226  10.681  0.199   1.00 24.86 ? 6   MSE A CB  1 
HETATM 43   C  CG  . MSE A 1 6   ? -9.704  10.589  0.475   1.00 42.23 ? 6   MSE A CG  1 
HETATM 44   SE SE  . MSE A 1 6   ? -10.285 12.330  1.077   1.00 65.24 ? 6   MSE A SE  1 
HETATM 45   C  CE  . MSE A 1 6   ? -9.550  13.364  -0.368  1.00 34.83 ? 6   MSE A CE  1 
ATOM   46   N  N   . ARG A 1 7   ? -5.955  10.030  -1.921  1.00 19.27 ? 7   ARG A N   1 
ATOM   47   C  CA  . ARG A 1 7   ? -4.651  10.402  -2.450  1.00 18.46 ? 7   ARG A CA  1 
ATOM   48   C  C   . ARG A 1 7   ? -4.057  11.566  -1.663  1.00 19.89 ? 7   ARG A C   1 
ATOM   49   O  O   . ARG A 1 7   ? -4.767  12.500  -1.277  1.00 20.17 ? 7   ARG A O   1 
ATOM   50   C  CB  . ARG A 1 7   ? -4.781  10.792  -3.925  1.00 22.69 ? 7   ARG A CB  1 
ATOM   51   C  CG  . ARG A 1 7   ? -3.500  11.280  -4.580  1.00 22.17 ? 7   ARG A CG  1 
ATOM   52   C  CD  . ARG A 1 7   ? -3.673  11.493  -6.087  1.00 29.32 ? 7   ARG A CD  1 
ATOM   53   N  NE  . ARG A 1 7   ? -3.634  10.239  -6.832  1.00 38.46 ? 7   ARG A NE  1 
ATOM   54   C  CZ  . ARG A 1 7   ? -4.611  9.337   -6.857  1.00 39.36 ? 7   ARG A CZ  1 
ATOM   55   N  NH1 . ARG A 1 7   ? -5.730  9.541   -6.176  1.00 52.86 ? 7   ARG A NH1 1 
ATOM   56   N  NH2 . ARG A 1 7   ? -4.460  8.220   -7.556  1.00 32.57 ? 7   ARG A NH2 1 
ATOM   57   N  N   . ALA A 1 8   ? -2.753  11.493  -1.419  1.00 14.89 ? 8   ALA A N   1 
ATOM   58   C  CA  . ALA A 1 8   ? -2.018  12.531  -0.711  1.00 17.65 ? 8   ALA A CA  1 
ATOM   59   C  C   . ALA A 1 8   ? -2.538  12.886  0.683   1.00 17.88 ? 8   ALA A C   1 
ATOM   60   O  O   . ALA A 1 8   ? -2.289  13.984  1.174   1.00 20.71 ? 8   ALA A O   1 
ATOM   61   C  CB  . ALA A 1 8   ? -1.962  13.790  -1.576  1.00 19.24 ? 8   ALA A CB  1 
ATOM   62   N  N   . ALA A 1 9   ? -3.246  11.963  1.326   1.00 15.76 ? 9   ALA A N   1 
ATOM   63   C  CA  . ALA A 1 9   ? -3.768  12.212  2.663   1.00 17.12 ? 9   ALA A CA  1 
ATOM   64   C  C   . ALA A 1 9   ? -3.300  11.080  3.578   1.00 14.84 ? 9   ALA A C   1 
ATOM   65   O  O   . ALA A 1 9   ? -4.060  10.163  3.885   1.00 14.20 ? 9   ALA A O   1 
ATOM   66   C  CB  . ALA A 1 9   ? -5.289  12.272  2.624   1.00 19.48 ? 9   ALA A CB  1 
ATOM   67   N  N   . PRO A 1 10  ? -2.040  11.145  4.037   1.00 13.74 ? 10  PRO A N   1 
ATOM   68   C  CA  . PRO A 1 10  ? -1.424  10.142  4.911   1.00 15.43 ? 10  PRO A CA  1 
ATOM   69   C  C   . PRO A 1 10  ? -2.164  9.804   6.196   1.00 18.28 ? 10  PRO A C   1 
ATOM   70   O  O   . PRO A 1 10  ? -2.513  8.650   6.424   1.00 15.48 ? 10  PRO A O   1 
ATOM   71   C  CB  . PRO A 1 10  ? -0.046  10.725  5.217   1.00 21.63 ? 10  PRO A CB  1 
ATOM   72   C  CG  . PRO A 1 10  ? 0.199   11.687  4.115   1.00 20.12 ? 10  PRO A CG  1 
ATOM   73   C  CD  . PRO A 1 10  ? -1.130  12.285  3.830   1.00 17.02 ? 10  PRO A CD  1 
ATOM   74   N  N   . ARG A 1 11  ? -2.389  10.809  7.040   1.00 17.41 ? 11  ARG A N   1 
ATOM   75   C  CA  . ARG A 1 11  ? -3.048  10.576  8.320   1.00 21.93 ? 11  ARG A CA  1 
ATOM   76   C  C   . ARG A 1 11  ? -4.474  10.076  8.185   1.00 17.16 ? 11  ARG A C   1 
ATOM   77   O  O   . ARG A 1 11  ? -4.853  9.109   8.834   1.00 17.78 ? 11  ARG A O   1 
ATOM   78   C  CB  . ARG A 1 11  ? -3.003  11.848  9.171   1.00 23.67 ? 11  ARG A CB  1 
ATOM   79   C  CG  . ARG A 1 11  ? -1.599  12.178  9.660   1.00 37.87 ? 11  ARG A CG  1 
ATOM   80   C  CD  . ARG A 1 11  ? -1.527  13.531  10.347  1.00 49.70 ? 11  ARG A CD  1 
ATOM   81   N  NE  . ARG A 1 11  ? -1.802  14.630  9.425   1.00 56.25 ? 11  ARG A NE  1 
ATOM   82   C  CZ  . ARG A 1 11  ? -1.655  15.915  9.729   1.00 58.65 ? 11  ARG A CZ  1 
ATOM   83   N  NH1 . ARG A 1 11  ? -1.930  16.847  8.828   1.00 62.92 ? 11  ARG A NH1 1 
ATOM   84   N  NH2 . ARG A 1 11  ? -1.227  16.270  10.934  1.00 60.63 ? 11  ARG A NH2 1 
ATOM   85   N  N   . VAL A 1 12  ? -5.265  10.727  7.342   1.00 16.99 ? 12  VAL A N   1 
ATOM   86   C  CA  . VAL A 1 12  ? -6.654  10.302  7.149   1.00 17.44 ? 12  VAL A CA  1 
ATOM   87   C  C   . VAL A 1 12  ? -6.735  8.880   6.584   1.00 17.27 ? 12  VAL A C   1 
ATOM   88   O  O   . VAL A 1 12  ? -7.574  8.072   6.998   1.00 16.03 ? 12  VAL A O   1 
ATOM   89   C  CB  . VAL A 1 12  ? -7.396  11.274  6.200   1.00 21.97 ? 12  VAL A CB  1 
ATOM   90   C  CG1 . VAL A 1 12  ? -8.770  10.705  5.830   1.00 28.98 ? 12  VAL A CG1 1 
ATOM   91   C  CG2 . VAL A 1 12  ? -7.578  12.632  6.887   1.00 24.20 ? 12  VAL A CG2 1 
ATOM   92   N  N   . SER A 1 13  ? -5.856  8.565   5.643   1.00 14.83 ? 13  SER A N   1 
ATOM   93   C  CA  . SER A 1 13  ? -5.861  7.239   5.037   1.00 13.65 ? 13  SER A CA  1 
ATOM   94   C  C   . SER A 1 13  ? -5.422  6.159   6.018   1.00 16.28 ? 13  SER A C   1 
ATOM   95   O  O   . SER A 1 13  ? -5.936  5.040   5.984   1.00 14.90 ? 13  SER A O   1 
ATOM   96   C  CB  . SER A 1 13  ? -4.948  7.222   3.808   1.00 13.90 ? 13  SER A CB  1 
ATOM   97   O  OG  . SER A 1 13  ? -5.424  8.117   2.815   1.00 16.59 ? 13  SER A OG  1 
ATOM   98   N  N   . LEU A 1 14  ? -4.455  6.476   6.877   1.00 16.24 ? 14  LEU A N   1 
ATOM   99   C  CA  . LEU A 1 14  ? -4.010  5.494   7.853   1.00 11.58 ? 14  LEU A CA  1 
ATOM   100  C  C   . LEU A 1 14  ? -5.164  5.188   8.804   1.00 14.66 ? 14  LEU A C   1 
ATOM   101  O  O   . LEU A 1 14  ? -5.397  4.031   9.141   1.00 16.35 ? 14  LEU A O   1 
ATOM   102  C  CB  . LEU A 1 14  ? -2.798  6.017   8.637   1.00 15.72 ? 14  LEU A CB  1 
ATOM   103  C  CG  . LEU A 1 14  ? -2.312  5.116   9.770   1.00 18.27 ? 14  LEU A CG  1 
ATOM   104  C  CD1 . LEU A 1 14  ? -1.863  3.763   9.220   1.00 22.25 ? 14  LEU A CD1 1 
ATOM   105  C  CD2 . LEU A 1 14  ? -1.156  5.805   10.487  1.00 24.48 ? 14  LEU A CD2 1 
ATOM   106  N  N   . GLU A 1 15  ? -5.889  6.221   9.217   1.00 15.62 ? 15  GLU A N   1 
ATOM   107  C  CA  . GLU A 1 15  ? -7.025  6.014   10.111  1.00 15.86 ? 15  GLU A CA  1 
ATOM   108  C  C   . GLU A 1 15  ? -8.126  5.196   9.426   1.00 15.44 ? 15  GLU A C   1 
ATOM   109  O  O   . GLU A 1 15  ? -8.753  4.339   10.058  1.00 16.71 ? 15  GLU A O   1 
ATOM   110  C  CB  . GLU A 1 15  ? -7.598  7.347   10.592  1.00 20.11 ? 15  GLU A CB  1 
ATOM   111  C  CG  . GLU A 1 15  ? -8.820  7.169   11.498  1.00 38.19 ? 15  GLU A CG  1 
ATOM   112  C  CD  . GLU A 1 15  ? -9.209  8.433   12.243  1.00 55.82 ? 15  GLU A CD  1 
ATOM   113  O  OE1 . GLU A 1 15  ? -9.445  9.465   11.585  1.00 52.16 ? 15  GLU A OE1 1 
ATOM   114  O  OE2 . GLU A 1 15  ? -9.285  8.390   13.490  1.00 61.44 ? 15  GLU A OE2 1 
ATOM   115  N  N   . ALA A 1 16  ? -8.369  5.464   8.146   1.00 15.98 ? 16  ALA A N   1 
ATOM   116  C  CA  . ALA A 1 16  ? -9.397  4.727   7.413   1.00 14.70 ? 16  ALA A CA  1 
ATOM   117  C  C   . ALA A 1 16  ? -8.991  3.261   7.277   1.00 12.97 ? 16  ALA A C   1 
ATOM   118  O  O   . ALA A 1 16  ? -9.837  2.361   7.359   1.00 14.85 ? 16  ALA A O   1 
ATOM   119  C  CB  . ALA A 1 16  ? -9.614  5.352   6.025   1.00 14.92 ? 16  ALA A CB  1 
ATOM   120  N  N   . LEU A 1 17  ? -7.699  3.013   7.071   1.00 12.49 ? 17  LEU A N   1 
ATOM   121  C  CA  . LEU A 1 17  ? -7.226  1.642   6.951   1.00 11.85 ? 17  LEU A CA  1 
ATOM   122  C  C   . LEU A 1 17  ? -7.430  0.927   8.291   1.00 16.06 ? 17  LEU A C   1 
ATOM   123  O  O   . LEU A 1 17  ? -7.932  -0.202  8.336   1.00 14.04 ? 17  LEU A O   1 
ATOM   124  C  CB  . LEU A 1 17  ? -5.739  1.602   6.563   1.00 14.21 ? 17  LEU A CB  1 
ATOM   125  C  CG  . LEU A 1 17  ? -5.111  0.206   6.671   1.00 16.83 ? 17  LEU A CG  1 
ATOM   126  C  CD1 . LEU A 1 17  ? -5.787  -0.778  5.705   1.00 20.65 ? 17  LEU A CD1 1 
ATOM   127  C  CD2 . LEU A 1 17  ? -3.656  0.304   6.366   1.00 30.07 ? 17  LEU A CD2 1 
ATOM   128  N  N   . LYS A 1 18  ? -7.054  1.592   9.380   1.00 16.76 ? 18  LYS A N   1 
ATOM   129  C  CA  . LYS A 1 18  ? -7.203  0.996   10.706  1.00 15.33 ? 18  LYS A CA  1 
ATOM   130  C  C   . LYS A 1 18  ? -8.650  0.612   10.974  1.00 18.05 ? 18  LYS A C   1 
ATOM   131  O  O   . LYS A 1 18  ? -8.924  -0.455  11.535  1.00 19.31 ? 18  LYS A O   1 
ATOM   132  C  CB  . LYS A 1 18  ? -6.748  1.971   11.801  1.00 17.98 ? 18  LYS A CB  1 
ATOM   133  C  CG  . LYS A 1 18  ? -5.255  2.219   11.872  1.00 29.06 ? 18  LYS A CG  1 
ATOM   134  C  CD  . LYS A 1 18  ? -4.935  3.183   13.015  1.00 32.45 ? 18  LYS A CD  1 
ATOM   135  C  CE  . LYS A 1 18  ? -3.448  3.506   13.075  1.00 42.80 ? 18  LYS A CE  1 
ATOM   136  N  NZ  . LYS A 1 18  ? -3.131  4.498   14.146  1.00 47.46 ? 18  LYS A NZ  1 
ATOM   137  N  N   . ALA A 1 19  ? -9.568  1.487   10.576  1.00 15.64 ? 19  ALA A N   1 
ATOM   138  C  CA  . ALA A 1 19  ? -10.995 1.254   10.789  1.00 16.30 ? 19  ALA A CA  1 
ATOM   139  C  C   . ALA A 1 19  ? -11.513 0.064   9.989   1.00 16.88 ? 19  ALA A C   1 
ATOM   140  O  O   . ALA A 1 19  ? -12.321 -0.721  10.492  1.00 17.06 ? 19  ALA A O   1 
ATOM   141  C  CB  . ALA A 1 19  ? -11.799 2.514   10.439  1.00 16.13 ? 19  ALA A CB  1 
ATOM   142  N  N   . ALA A 1 20  ? -11.061 -0.073  8.747   1.00 13.56 ? 20  ALA A N   1 
ATOM   143  C  CA  . ALA A 1 20  ? -11.507 -1.193  7.925   1.00 14.71 ? 20  ALA A CA  1 
ATOM   144  C  C   . ALA A 1 20  ? -10.881 -2.509  8.377   1.00 15.40 ? 20  ALA A C   1 
ATOM   145  O  O   . ALA A 1 20  ? -11.517 -3.566  8.324   1.00 18.45 ? 20  ALA A O   1 
ATOM   146  C  CB  . ALA A 1 20  ? -11.154 -0.939  6.446   1.00 16.43 ? 20  ALA A CB  1 
ATOM   147  N  N   . LEU A 1 21  ? -9.628  -2.440  8.818   1.00 13.72 ? 21  LEU A N   1 
ATOM   148  C  CA  . LEU A 1 21  ? -8.905  -3.634  9.237   1.00 15.33 ? 21  LEU A CA  1 
ATOM   149  C  C   . LEU A 1 21  ? -9.366  -4.213  10.574  1.00 21.07 ? 21  LEU A C   1 
ATOM   150  O  O   . LEU A 1 21  ? -9.512  -5.436  10.717  1.00 19.94 ? 21  LEU A O   1 
ATOM   151  C  CB  . LEU A 1 21  ? -7.407  -3.322  9.293   1.00 17.63 ? 21  LEU A CB  1 
ATOM   152  C  CG  . LEU A 1 21  ? -6.457  -4.472  9.636   1.00 19.60 ? 21  LEU A CG  1 
ATOM   153  C  CD1 . LEU A 1 21  ? -6.536  -5.573  8.585   1.00 21.78 ? 21  LEU A CD1 1 
ATOM   154  C  CD2 . LEU A 1 21  ? -5.041  -3.924  9.711   1.00 20.23 ? 21  LEU A CD2 1 
ATOM   155  N  N   . GLY A 1 22  ? -9.590  -3.340  11.546  1.00 18.38 ? 22  GLY A N   1 
ATOM   156  C  CA  . GLY A 1 22  ? -10.016 -3.799  12.858  1.00 24.84 ? 22  GLY A CA  1 
ATOM   157  C  C   . GLY A 1 22  ? -8.998  -4.763  13.436  1.00 29.35 ? 22  GLY A C   1 
ATOM   158  O  O   . GLY A 1 22  ? -7.792  -4.534  13.324  1.00 26.35 ? 22  GLY A O   1 
ATOM   159  N  N   . GLY A 1 23  ? -9.478  -5.850  14.032  1.00 29.10 ? 23  GLY A N   1 
ATOM   160  C  CA  . GLY A 1 23  ? -8.582  -6.830  14.621  1.00 26.12 ? 23  GLY A CA  1 
ATOM   161  C  C   . GLY A 1 23  ? -8.271  -8.014  13.730  1.00 28.48 ? 23  GLY A C   1 
ATOM   162  O  O   . GLY A 1 23  ? -7.783  -9.045  14.200  1.00 26.58 ? 23  GLY A O   1 
ATOM   163  N  N   . LEU A 1 24  ? -8.547  -7.879  12.438  1.00 19.94 ? 24  LEU A N   1 
ATOM   164  C  CA  . LEU A 1 24  ? -8.288  -8.949  11.489  1.00 23.83 ? 24  LEU A CA  1 
ATOM   165  C  C   . LEU A 1 24  ? -6.833  -9.411  11.549  1.00 26.94 ? 24  LEU A C   1 
ATOM   166  O  O   . LEU A 1 24  ? -5.924  -8.586  11.577  1.00 26.13 ? 24  LEU A O   1 
ATOM   167  C  CB  . LEU A 1 24  ? -8.608  -8.465  10.068  1.00 22.80 ? 24  LEU A CB  1 
ATOM   168  C  CG  . LEU A 1 24  ? -8.406  -9.454  8.922   1.00 25.36 ? 24  LEU A CG  1 
ATOM   169  C  CD1 . LEU A 1 24  ? -9.389  -10.612 9.053   1.00 33.57 ? 24  LEU A CD1 1 
ATOM   170  C  CD2 . LEU A 1 24  ? -8.619  -8.739  7.599   1.00 28.13 ? 24  LEU A CD2 1 
ATOM   171  N  N   . LYS A 1 25  ? -6.611  -10.726 11.592  1.00 25.23 ? 25  LYS A N   1 
ATOM   172  C  CA  . LYS A 1 25  ? -5.251  -11.263 11.607  1.00 29.32 ? 25  LYS A CA  1 
ATOM   173  C  C   . LYS A 1 25  ? -4.804  -11.404 10.155  1.00 29.67 ? 25  LYS A C   1 
ATOM   174  O  O   . LYS A 1 25  ? -5.595  -11.788 9.292   1.00 27.89 ? 25  LYS A O   1 
ATOM   175  C  CB  . LYS A 1 25  ? -5.207  -12.622 12.313  1.00 32.59 ? 25  LYS A CB  1 
ATOM   176  C  CG  . LYS A 1 25  ? -5.453  -12.534 13.809  1.00 36.06 ? 25  LYS A CG  1 
ATOM   177  C  CD  . LYS A 1 25  ? -5.330  -13.900 14.474  1.00 50.81 ? 25  LYS A CD  1 
ATOM   178  C  CE  . LYS A 1 25  ? -5.661  -13.822 15.958  1.00 54.78 ? 25  LYS A CE  1 
ATOM   179  N  NZ  . LYS A 1 25  ? -5.594  -15.158 16.616  1.00 56.26 ? 25  LYS A NZ  1 
ATOM   180  N  N   . LEU A 1 26  ? -3.537  -11.107 9.885   1.00 27.45 ? 26  LEU A N   1 
ATOM   181  C  CA  . LEU A 1 26  ? -3.026  -11.140 8.513   1.00 21.49 ? 26  LEU A CA  1 
ATOM   182  C  C   . LEU A 1 26  ? -1.878  -12.095 8.245   1.00 26.46 ? 26  LEU A C   1 
ATOM   183  O  O   . LEU A 1 26  ? -1.117  -11.891 7.302   1.00 21.20 ? 26  LEU A O   1 
ATOM   184  C  CB  . LEU A 1 26  ? -2.573  -9.731  8.119   1.00 25.35 ? 26  LEU A CB  1 
ATOM   185  C  CG  . LEU A 1 26  ? -3.608  -8.617  8.284   1.00 21.22 ? 26  LEU A CG  1 
ATOM   186  C  CD1 . LEU A 1 26  ? -2.942  -7.250  8.109   1.00 20.23 ? 26  LEU A CD1 1 
ATOM   187  C  CD2 . LEU A 1 26  ? -4.713  -8.811  7.263   1.00 22.38 ? 26  LEU A CD2 1 
ATOM   188  N  N   . SER A 1 27  ? -1.745  -13.136 9.057   1.00 26.71 ? 27  SER A N   1 
ATOM   189  C  CA  . SER A 1 27  ? -0.648  -14.076 8.874   1.00 27.80 ? 27  SER A CA  1 
ATOM   190  C  C   . SER A 1 27  ? -0.488  -14.611 7.450   1.00 25.17 ? 27  SER A C   1 
ATOM   191  O  O   . SER A 1 27  ? 0.637   -14.811 6.990   1.00 29.22 ? 27  SER A O   1 
ATOM   192  C  CB  . SER A 1 27  ? -0.793  -15.246 9.857   1.00 33.98 ? 27  SER A CB  1 
ATOM   193  O  OG  . SER A 1 27  ? -2.025  -15.918 9.674   1.00 38.09 ? 27  SER A OG  1 
ATOM   194  N  N   . GLU A 1 28  ? -1.598  -14.828 6.747   1.00 27.19 ? 28  GLU A N   1 
ATOM   195  C  CA  . GLU A 1 28  ? -1.539  -15.353 5.386   1.00 27.28 ? 28  GLU A CA  1 
ATOM   196  C  C   . GLU A 1 28  ? -1.726  -14.305 4.299   1.00 28.13 ? 28  GLU A C   1 
ATOM   197  O  O   . GLU A 1 28  ? -1.832  -14.633 3.116   1.00 27.25 ? 28  GLU A O   1 
ATOM   198  C  CB  . GLU A 1 28  ? -2.580  -16.464 5.204   1.00 40.06 ? 28  GLU A CB  1 
ATOM   199  C  CG  . GLU A 1 28  ? -2.002  -17.872 5.310   1.00 53.00 ? 28  GLU A CG  1 
ATOM   200  C  CD  . GLU A 1 28  ? -1.363  -18.157 6.657   1.00 62.38 ? 28  GLU A CD  1 
ATOM   201  O  OE1 . GLU A 1 28  ? -0.707  -19.212 6.794   1.00 68.36 ? 28  GLU A OE1 1 
ATOM   202  O  OE2 . GLU A 1 28  ? -1.519  -17.333 7.583   1.00 70.29 ? 28  GLU A OE2 1 
ATOM   203  N  N   . ALA A 1 29  ? -1.755  -13.040 4.692   1.00 23.82 ? 29  ALA A N   1 
ATOM   204  C  CA  . ALA A 1 29  ? -1.949  -11.975 3.720   1.00 24.55 ? 29  ALA A CA  1 
ATOM   205  C  C   . ALA A 1 29  ? -0.698  -11.665 2.913   1.00 21.64 ? 29  ALA A C   1 
ATOM   206  O  O   . ALA A 1 29  ? 0.411   -12.072 3.264   1.00 24.84 ? 29  ALA A O   1 
ATOM   207  C  CB  . ALA A 1 29  ? -2.425  -10.712 4.431   1.00 22.71 ? 29  ALA A CB  1 
ATOM   208  N  N   . LYS A 1 30  ? -0.912  -10.966 1.805   1.00 20.81 ? 30  LYS A N   1 
ATOM   209  C  CA  . LYS A 1 30  ? 0.161   -10.506 0.941   1.00 17.09 ? 30  LYS A CA  1 
ATOM   210  C  C   . LYS A 1 30  ? -0.086  -9.012  0.854   1.00 15.99 ? 30  LYS A C   1 
ATOM   211  O  O   . LYS A 1 30  ? -1.164  -8.571  0.460   1.00 18.88 ? 30  LYS A O   1 
ATOM   212  C  CB  . LYS A 1 30  ? 0.082   -11.171 -0.426  1.00 21.32 ? 30  LYS A CB  1 
ATOM   213  C  CG  . LYS A 1 30  ? 0.473   -12.637 -0.357  1.00 22.12 ? 30  LYS A CG  1 
ATOM   214  C  CD  . LYS A 1 30  ? 0.565   -13.277 -1.728  1.00 26.46 ? 30  LYS A CD  1 
ATOM   215  C  CE  . LYS A 1 30  ? 0.955   -14.750 -1.595  1.00 36.66 ? 30  LYS A CE  1 
ATOM   216  N  NZ  . LYS A 1 30  ? 0.922   -15.474 -2.898  1.00 44.19 ? 30  LYS A NZ  1 
ATOM   217  N  N   . VAL A 1 31  ? 0.913   -8.244  1.260   1.00 14.43 ? 31  VAL A N   1 
ATOM   218  C  CA  . VAL A 1 31  ? 0.831   -6.789  1.281   1.00 11.74 ? 31  VAL A CA  1 
ATOM   219  C  C   . VAL A 1 31  ? 1.574   -6.230  0.085   1.00 12.34 ? 31  VAL A C   1 
ATOM   220  O  O   . VAL A 1 31  ? 2.777   -6.457  -0.047  1.00 14.18 ? 31  VAL A O   1 
ATOM   221  C  CB  . VAL A 1 31  ? 1.507   -6.243  2.555   1.00 14.10 ? 31  VAL A CB  1 
ATOM   222  C  CG1 . VAL A 1 31  ? 1.408   -4.724  2.603   1.00 11.89 ? 31  VAL A CG1 1 
ATOM   223  C  CG2 . VAL A 1 31  ? 0.869   -6.860  3.789   1.00 15.75 ? 31  VAL A CG2 1 
ATOM   224  N  N   . TYR A 1 32  ? 0.875   -5.505  -0.787  1.00 13.17 ? 32  TYR A N   1 
ATOM   225  C  CA  . TYR A 1 32  ? 1.540   -4.916  -1.951  1.00 14.29 ? 32  TYR A CA  1 
ATOM   226  C  C   . TYR A 1 32  ? 1.629   -3.412  -1.845  1.00 12.29 ? 32  TYR A C   1 
ATOM   227  O  O   . TYR A 1 32  ? 0.617   -2.721  -1.752  1.00 14.47 ? 32  TYR A O   1 
ATOM   228  C  CB  . TYR A 1 32  ? 0.816   -5.244  -3.265  1.00 13.84 ? 32  TYR A CB  1 
ATOM   229  C  CG  . TYR A 1 32  ? 0.711   -6.720  -3.547  1.00 14.09 ? 32  TYR A CG  1 
ATOM   230  C  CD1 . TYR A 1 32  ? -0.362  -7.461  -3.056  1.00 18.75 ? 32  TYR A CD1 1 
ATOM   231  C  CD2 . TYR A 1 32  ? 1.702   -7.384  -4.269  1.00 14.68 ? 32  TYR A CD2 1 
ATOM   232  C  CE1 . TYR A 1 32  ? -0.447  -8.829  -3.270  1.00 23.81 ? 32  TYR A CE1 1 
ATOM   233  C  CE2 . TYR A 1 32  ? 1.625   -8.749  -4.490  1.00 16.18 ? 32  TYR A CE2 1 
ATOM   234  C  CZ  . TYR A 1 32  ? 0.547   -9.464  -3.985  1.00 23.70 ? 32  TYR A CZ  1 
ATOM   235  O  OH  . TYR A 1 32  ? 0.458   -10.818 -4.193  1.00 27.66 ? 32  TYR A OH  1 
ATOM   236  N  N   . LEU A 1 33  ? 2.855   -2.914  -1.830  1.00 10.98 ? 33  LEU A N   1 
ATOM   237  C  CA  . LEU A 1 33  ? 3.083   -1.486  -1.796  1.00 13.35 ? 33  LEU A CA  1 
ATOM   238  C  C   . LEU A 1 33  ? 3.347   -1.116  -3.250  1.00 13.66 ? 33  LEU A C   1 
ATOM   239  O  O   . LEU A 1 33  ? 4.228   -1.689  -3.890  1.00 15.72 ? 33  LEU A O   1 
ATOM   240  C  CB  . LEU A 1 33  ? 4.278   -1.159  -0.897  1.00 14.77 ? 33  LEU A CB  1 
ATOM   241  C  CG  . LEU A 1 33  ? 3.940   -1.380  0.583   1.00 20.00 ? 33  LEU A CG  1 
ATOM   242  C  CD1 . LEU A 1 33  ? 5.179   -1.278  1.434   1.00 31.52 ? 33  LEU A CD1 1 
ATOM   243  C  CD2 . LEU A 1 33  ? 2.924   -0.344  1.029   1.00 24.08 ? 33  LEU A CD2 1 
ATOM   244  N  N   . ILE A 1 34  ? 2.554   -0.174  -3.760  1.00 13.71 ? 34  ILE A N   1 
ATOM   245  C  CA  . ILE A 1 34  ? 2.630   0.284   -5.144  1.00 12.46 ? 34  ILE A CA  1 
ATOM   246  C  C   . ILE A 1 34  ? 3.275   1.657   -5.141  1.00 11.18 ? 34  ILE A C   1 
ATOM   247  O  O   . ILE A 1 34  ? 2.737   2.598   -4.569  1.00 13.22 ? 34  ILE A O   1 
ATOM   248  C  CB  . ILE A 1 34  ? 1.208   0.365   -5.748  1.00 14.37 ? 34  ILE A CB  1 
ATOM   249  C  CG1 . ILE A 1 34  ? 0.507   -0.990  -5.565  1.00 17.19 ? 34  ILE A CG1 1 
ATOM   250  C  CG2 . ILE A 1 34  ? 1.283   0.690   -7.231  1.00 15.16 ? 34  ILE A CG2 1 
ATOM   251  C  CD1 . ILE A 1 34  ? -0.987  -0.963  -5.829  1.00 16.96 ? 34  ILE A CD1 1 
ATOM   252  N  N   . THR A 1 35  ? 4.435   1.766   -5.778  1.00 11.62 ? 35  THR A N   1 
ATOM   253  C  CA  . THR A 1 35  ? 5.155   3.030   -5.786  1.00 15.11 ? 35  THR A CA  1 
ATOM   254  C  C   . THR A 1 35  ? 5.468   3.504   -7.187  1.00 17.12 ? 35  THR A C   1 
ATOM   255  O  O   . THR A 1 35  ? 5.322   2.746   -8.146  1.00 15.69 ? 35  THR A O   1 
ATOM   256  C  CB  . THR A 1 35  ? 6.460   2.904   -4.963  1.00 17.86 ? 35  THR A CB  1 
ATOM   257  O  OG1 . THR A 1 35  ? 7.008   4.208   -4.730  1.00 17.62 ? 35  THR A OG1 1 
ATOM   258  C  CG2 . THR A 1 35  ? 7.490   2.044   -5.698  1.00 15.21 ? 35  THR A CG2 1 
ATOM   259  N  N   . ASP A 1 36  ? 5.866   4.771   -7.301  1.00 16.52 ? 36  ASP A N   1 
ATOM   260  C  CA  . ASP A 1 36  ? 6.197   5.372   -8.573  1.00 21.38 ? 36  ASP A CA  1 
ATOM   261  C  C   . ASP A 1 36  ? 7.708   5.409   -8.756  1.00 18.39 ? 36  ASP A C   1 
ATOM   262  O  O   . ASP A 1 36  ? 8.461   5.487   -7.785  1.00 21.33 ? 36  ASP A O   1 
ATOM   263  C  CB  . ASP A 1 36  ? 5.614   6.799   -8.640  1.00 22.39 ? 36  ASP A CB  1 
ATOM   264  C  CG  . ASP A 1 36  ? 6.094   7.702   -7.487  1.00 35.04 ? 36  ASP A CG  1 
ATOM   265  O  OD1 . ASP A 1 36  ? 6.546   7.200   -6.421  1.00 28.04 ? 36  ASP A OD1 1 
ATOM   266  O  OD2 . ASP A 1 36  ? 6.001   8.938   -7.647  1.00 38.91 ? 36  ASP A OD2 1 
ATOM   267  N  N   . TRP A 1 37  ? 8.165   5.333   -10.000 1.00 18.27 ? 37  TRP A N   1 
ATOM   268  C  CA  . TRP A 1 37  ? 9.596   5.381   -10.238 1.00 19.66 ? 37  TRP A CA  1 
ATOM   269  C  C   . TRP A 1 37  ? 10.110  6.816   -10.130 1.00 24.52 ? 37  TRP A C   1 
ATOM   270  O  O   . TRP A 1 37  ? 9.861   7.632   -11.012 1.00 25.25 ? 37  TRP A O   1 
ATOM   271  C  CB  . TRP A 1 37  ? 9.932   4.802   -11.620 1.00 20.09 ? 37  TRP A CB  1 
ATOM   272  C  CG  . TRP A 1 37  ? 11.399  4.890   -11.980 1.00 17.62 ? 37  TRP A CG  1 
ATOM   273  C  CD1 . TRP A 1 37  ? 12.449  5.065   -11.128 1.00 18.87 ? 37  TRP A CD1 1 
ATOM   274  C  CD2 . TRP A 1 37  ? 11.959  4.804   -13.295 1.00 20.03 ? 37  TRP A CD2 1 
ATOM   275  N  NE1 . TRP A 1 37  ? 13.634  5.098   -11.832 1.00 18.71 ? 37  TRP A NE1 1 
ATOM   276  C  CE2 . TRP A 1 37  ? 13.359  4.942   -13.164 1.00 18.52 ? 37  TRP A CE2 1 
ATOM   277  C  CE3 . TRP A 1 37  ? 11.412  4.623   -14.574 1.00 17.68 ? 37  TRP A CE3 1 
ATOM   278  C  CZ2 . TRP A 1 37  ? 14.221  4.910   -14.264 1.00 18.03 ? 37  TRP A CZ2 1 
ATOM   279  C  CZ3 . TRP A 1 37  ? 12.273  4.590   -15.672 1.00 17.58 ? 37  TRP A CZ3 1 
ATOM   280  C  CH2 . TRP A 1 37  ? 13.660  4.734   -15.507 1.00 18.97 ? 37  TRP A CH2 1 
ATOM   281  N  N   . GLN A 1 38  ? 10.812  7.087   -9.026  1.00 30.00 ? 38  GLN A N   1 
ATOM   282  C  CA  . GLN A 1 38  ? 11.423  8.383   -8.731  1.00 38.86 ? 38  GLN A CA  1 
ATOM   283  C  C   . GLN A 1 38  ? 12.924  8.134   -8.521  1.00 39.90 ? 38  GLN A C   1 
ATOM   284  O  O   . GLN A 1 38  ? 13.368  6.985   -8.425  1.00 36.73 ? 38  GLN A O   1 
ATOM   285  C  CB  . GLN A 1 38  ? 10.839  8.985   -7.444  1.00 38.13 ? 38  GLN A CB  1 
ATOM   286  C  CG  . GLN A 1 38  ? 9.349   9.310   -7.480  1.00 34.68 ? 38  GLN A CG  1 
ATOM   287  C  CD  . GLN A 1 38  ? 9.018   10.479  -8.387  1.00 33.38 ? 38  GLN A CD  1 
ATOM   288  O  OE1 . GLN A 1 38  ? 9.876   11.309  -8.687  1.00 41.47 ? 38  GLN A OE1 1 
ATOM   289  N  NE2 . GLN A 1 38  ? 7.759   10.563  -8.811  1.00 27.69 ? 38  GLN A NE2 1 
ATOM   290  N  N   . ASP A 1 39  ? 13.700  9.208   -8.429  1.00 41.85 ? 39  ASP A N   1 
ATOM   291  C  CA  . ASP A 1 39  ? 15.142  9.091   -8.234  1.00 42.30 ? 39  ASP A CA  1 
ATOM   292  C  C   . ASP A 1 39  ? 15.520  8.595   -6.835  1.00 44.87 ? 39  ASP A C   1 
ATOM   293  O  O   . ASP A 1 39  ? 16.428  7.773   -6.686  1.00 39.28 ? 39  ASP A O   1 
ATOM   294  C  CB  . ASP A 1 39  ? 15.818  10.443  -8.501  1.00 45.12 ? 39  ASP A CB  1 
ATOM   295  C  CG  . ASP A 1 39  ? 17.334  10.364  -8.424  1.00 55.57 ? 39  ASP A CG  1 
ATOM   296  O  OD1 . ASP A 1 39  ? 17.927  9.551   -9.163  1.00 56.97 ? 39  ASP A OD1 1 
ATOM   297  O  OD2 . ASP A 1 39  ? 17.937  11.117  -7.627  1.00 55.16 ? 39  ASP A OD2 1 
ATOM   298  N  N   . LYS A 1 40  ? 14.820  9.081   -5.812  1.00 42.49 ? 40  LYS A N   1 
ATOM   299  C  CA  . LYS A 1 40  ? 15.124  8.680   -4.442  1.00 40.61 ? 40  LYS A CA  1 
ATOM   300  C  C   . LYS A 1 40  ? 13.916  8.221   -3.630  1.00 38.99 ? 40  LYS A C   1 
ATOM   301  O  O   . LYS A 1 40  ? 12.778  8.583   -3.923  1.00 38.60 ? 40  LYS A O   1 
ATOM   302  C  CB  . LYS A 1 40  ? 15.807  9.835   -3.705  1.00 44.02 ? 40  LYS A CB  1 
ATOM   303  C  CG  . LYS A 1 40  ? 17.111  10.289  -4.338  1.00 45.67 ? 40  LYS A CG  1 
ATOM   304  C  CD  . LYS A 1 40  ? 17.804  11.329  -3.471  1.00 51.90 ? 40  LYS A CD  1 
ATOM   305  C  CE  . LYS A 1 40  ? 19.159  11.717  -4.048  1.00 56.73 ? 40  LYS A CE  1 
ATOM   306  N  NZ  . LYS A 1 40  ? 19.890  12.658  -3.151  1.00 55.43 ? 40  LYS A NZ  1 
ATOM   307  N  N   . ARG A 1 41  ? 14.183  7.421   -2.600  1.00 41.38 ? 41  ARG A N   1 
ATOM   308  C  CA  . ARG A 1 41  ? 13.131  6.916   -1.720  1.00 41.35 ? 41  ARG A CA  1 
ATOM   309  C  C   . ARG A 1 41  ? 12.495  8.052   -0.921  1.00 46.54 ? 41  ARG A C   1 
ATOM   310  O  O   . ARG A 1 41  ? 11.433  7.870   -0.329  1.00 46.37 ? 41  ARG A O   1 
ATOM   311  C  CB  . ARG A 1 41  ? 13.704  5.883   -0.743  1.00 45.12 ? 41  ARG A CB  1 
ATOM   312  C  CG  . ARG A 1 41  ? 13.975  4.508   -1.337  1.00 48.99 ? 41  ARG A CG  1 
ATOM   313  C  CD  . ARG A 1 41  ? 12.682  3.740   -1.593  1.00 43.39 ? 41  ARG A CD  1 
ATOM   314  N  NE  . ARG A 1 41  ? 12.942  2.350   -1.962  1.00 40.45 ? 41  ARG A NE  1 
ATOM   315  C  CZ  . ARG A 1 41  ? 12.000  1.452   -2.242  1.00 45.13 ? 41  ARG A CZ  1 
ATOM   316  N  NH1 . ARG A 1 41  ? 10.714  1.788   -2.198  1.00 25.03 ? 41  ARG A NH1 1 
ATOM   317  N  NH2 . ARG A 1 41  ? 12.345  0.211   -2.567  1.00 41.81 ? 41  ARG A NH2 1 
ATOM   318  N  N   . ASP A 1 42  ? 13.142  9.217   -0.902  1.00 44.96 ? 42  ASP A N   1 
ATOM   319  C  CA  . ASP A 1 42  ? 12.634  10.366  -0.156  1.00 43.18 ? 42  ASP A CA  1 
ATOM   320  C  C   . ASP A 1 42  ? 11.594  11.203  -0.901  1.00 42.10 ? 42  ASP A C   1 
ATOM   321  O  O   . ASP A 1 42  ? 11.040  12.150  -0.345  1.00 42.23 ? 42  ASP A O   1 
ATOM   322  C  CB  . ASP A 1 42  ? 13.790  11.270  0.288   1.00 52.35 ? 42  ASP A CB  1 
ATOM   323  C  CG  . ASP A 1 42  ? 14.670  11.711  -0.868  1.00 55.15 ? 42  ASP A CG  1 
ATOM   324  O  OD1 . ASP A 1 42  ? 14.127  12.153  -1.902  1.00 61.28 ? 42  ASP A OD1 1 
ATOM   325  O  OD2 . ASP A 1 42  ? 15.908  11.622  -0.734  1.00 64.81 ? 42  ASP A OD2 1 
ATOM   326  N  N   . GLN A 1 43  ? 11.332  10.861  -2.158  1.00 36.05 ? 43  GLN A N   1 
ATOM   327  C  CA  . GLN A 1 43  ? 10.337  11.581  -2.952  1.00 30.92 ? 43  GLN A CA  1 
ATOM   328  C  C   . GLN A 1 43  ? 9.267   10.581  -3.389  1.00 19.93 ? 43  GLN A C   1 
ATOM   329  O  O   . GLN A 1 43  ? 8.330   10.915  -4.108  1.00 20.47 ? 43  GLN A O   1 
ATOM   330  C  CB  . GLN A 1 43  ? 11.001  12.216  -4.173  1.00 46.16 ? 43  GLN A CB  1 
ATOM   331  C  CG  . GLN A 1 43  ? 11.913  11.268  -4.931  1.00 50.73 ? 43  GLN A CG  1 
ATOM   332  C  CD  . GLN A 1 43  ? 12.826  11.984  -5.908  1.00 58.24 ? 43  GLN A CD  1 
ATOM   333  O  OE1 . GLN A 1 43  ? 13.700  11.369  -6.517  1.00 57.96 ? 43  GLN A OE1 1 
ATOM   334  N  NE2 . GLN A 1 43  ? 12.627  13.289  -6.063  1.00 60.48 ? 43  GLN A NE2 1 
ATOM   335  N  N   . ALA A 1 44  ? 9.422   9.352   -2.923  1.00 21.14 ? 44  ALA A N   1 
ATOM   336  C  CA  . ALA A 1 44  ? 8.496   8.286   -3.277  1.00 19.76 ? 44  ALA A CA  1 
ATOM   337  C  C   . ALA A 1 44  ? 7.133   8.389   -2.607  1.00 15.63 ? 44  ALA A C   1 
ATOM   338  O  O   . ALA A 1 44  ? 7.006   8.897   -1.491  1.00 15.54 ? 44  ALA A O   1 
ATOM   339  C  CB  . ALA A 1 44  ? 9.119   6.941   -2.929  1.00 22.40 ? 44  ALA A CB  1 
ATOM   340  N  N   . ARG A 1 45  ? 6.115   7.903   -3.309  1.00 14.56 ? 45  ARG A N   1 
ATOM   341  C  CA  . ARG A 1 45  ? 4.764   7.848   -2.777  1.00 12.52 ? 45  ARG A CA  1 
ATOM   342  C  C   . ARG A 1 45  ? 4.343   6.388   -2.897  1.00 15.44 ? 45  ARG A C   1 
ATOM   343  O  O   . ARG A 1 45  ? 4.856   5.654   -3.754  1.00 14.94 ? 45  ARG A O   1 
ATOM   344  C  CB  . ARG A 1 45  ? 3.805   8.743   -3.561  1.00 15.36 ? 45  ARG A CB  1 
ATOM   345  C  CG  . ARG A 1 45  ? 3.554   8.329   -5.007  1.00 18.70 ? 45  ARG A CG  1 
ATOM   346  C  CD  . ARG A 1 45  ? 2.540   9.270   -5.644  1.00 30.09 ? 45  ARG A CD  1 
ATOM   347  N  NE  . ARG A 1 45  ? 2.996   10.658  -5.600  1.00 27.56 ? 45  ARG A NE  1 
ATOM   348  C  CZ  . ARG A 1 45  ? 2.187   11.713  -5.621  1.00 23.47 ? 45  ARG A CZ  1 
ATOM   349  N  NH1 . ARG A 1 45  ? 0.872   11.551  -5.683  1.00 26.53 ? 45  ARG A NH1 1 
ATOM   350  N  NH2 . ARG A 1 45  ? 2.695   12.937  -5.579  1.00 28.35 ? 45  ARG A NH2 1 
ATOM   351  N  N   . TYR A 1 46  ? 3.413   5.976   -2.045  1.00 12.27 ? 46  TYR A N   1 
ATOM   352  C  CA  . TYR A 1 46  ? 2.946   4.599   -2.031  1.00 13.10 ? 46  TYR A CA  1 
ATOM   353  C  C   . TYR A 1 46  ? 1.448   4.435   -1.849  1.00 13.65 ? 46  TYR A C   1 
ATOM   354  O  O   . TYR A 1 46  ? 0.815   5.120   -1.032  1.00 12.37 ? 46  TYR A O   1 
ATOM   355  C  CB  . TYR A 1 46  ? 3.604   3.824   -0.880  1.00 13.26 ? 46  TYR A CB  1 
ATOM   356  C  CG  . TYR A 1 46  ? 5.103   3.812   -0.893  1.00 12.34 ? 46  TYR A CG  1 
ATOM   357  C  CD1 . TYR A 1 46  ? 5.811   2.760   -1.475  1.00 12.84 ? 46  TYR A CD1 1 
ATOM   358  C  CD2 . TYR A 1 46  ? 5.823   4.862   -0.339  1.00 15.63 ? 46  TYR A CD2 1 
ATOM   359  C  CE1 . TYR A 1 46  ? 7.202   2.759   -1.499  1.00 12.09 ? 46  TYR A CE1 1 
ATOM   360  C  CE2 . TYR A 1 46  ? 7.206   4.870   -0.361  1.00 16.27 ? 46  TYR A CE2 1 
ATOM   361  C  CZ  . TYR A 1 46  ? 7.888   3.817   -0.938  1.00 16.78 ? 46  TYR A CZ  1 
ATOM   362  O  OH  . TYR A 1 46  ? 9.258   3.813   -0.946  1.00 17.54 ? 46  TYR A OH  1 
ATOM   363  N  N   . ALA A 1 47  ? 0.900   3.489   -2.603  1.00 13.61 ? 47  ALA A N   1 
ATOM   364  C  CA  . ALA A 1 47  ? -0.494  3.102   -2.495  1.00 12.70 ? 47  ALA A CA  1 
ATOM   365  C  C   . ALA A 1 47  ? -0.400  1.707   -1.871  1.00 13.23 ? 47  ALA A C   1 
ATOM   366  O  O   . ALA A 1 47  ? 0.672   1.113   -1.848  1.00 13.99 ? 47  ALA A O   1 
ATOM   367  C  CB  . ALA A 1 47  ? -1.156  3.030   -3.865  1.00 13.41 ? 47  ALA A CB  1 
ATOM   368  N  N   . LEU A 1 48  ? -1.505  1.200   -1.350  1.00 11.92 ? 48  LEU A N   1 
ATOM   369  C  CA  . LEU A 1 48  ? -1.523  -0.108  -0.703  1.00 13.42 ? 48  LEU A CA  1 
ATOM   370  C  C   . LEU A 1 48  ? -2.595  -1.036  -1.238  1.00 12.84 ? 48  LEU A C   1 
ATOM   371  O  O   . LEU A 1 48  ? -3.756  -0.665  -1.306  1.00 14.56 ? 48  LEU A O   1 
ATOM   372  C  CB  . LEU A 1 48  ? -1.765  0.044   0.811   1.00 11.72 ? 48  LEU A CB  1 
ATOM   373  C  CG  . LEU A 1 48  ? -2.154  -1.254  1.563   1.00 14.28 ? 48  LEU A CG  1 
ATOM   374  C  CD1 . LEU A 1 48  ? -0.947  -2.167  1.684   1.00 14.33 ? 48  LEU A CD1 1 
ATOM   375  C  CD2 . LEU A 1 48  ? -2.696  -0.929  2.956   1.00 16.91 ? 48  LEU A CD2 1 
ATOM   376  N  N   . LEU A 1 49  ? -2.201  -2.246  -1.622  1.00 12.83 ? 49  LEU A N   1 
ATOM   377  C  CA  . LEU A 1 49  ? -3.192  -3.239  -2.033  1.00 13.80 ? 49  LEU A CA  1 
ATOM   378  C  C   . LEU A 1 49  ? -2.991  -4.373  -1.034  1.00 15.25 ? 49  LEU A C   1 
ATOM   379  O  O   . LEU A 1 49  ? -1.967  -5.059  -1.063  1.00 16.27 ? 49  LEU A O   1 
ATOM   380  C  CB  . LEU A 1 49  ? -2.966  -3.742  -3.463  1.00 13.36 ? 49  LEU A CB  1 
ATOM   381  C  CG  . LEU A 1 49  ? -3.979  -4.801  -3.947  1.00 19.33 ? 49  LEU A CG  1 
ATOM   382  C  CD1 . LEU A 1 49  ? -5.403  -4.273  -3.862  1.00 24.88 ? 49  LEU A CD1 1 
ATOM   383  C  CD2 . LEU A 1 49  ? -3.641  -5.199  -5.383  1.00 23.80 ? 49  LEU A CD2 1 
ATOM   384  N  N   . LEU A 1 50  ? -3.954  -4.555  -0.131  1.00 14.12 ? 50  LEU A N   1 
ATOM   385  C  CA  . LEU A 1 50  ? -3.871  -5.595  0.878   1.00 13.82 ? 50  LEU A CA  1 
ATOM   386  C  C   . LEU A 1 50  ? -4.712  -6.787  0.454   1.00 16.12 ? 50  LEU A C   1 
ATOM   387  O  O   . LEU A 1 50  ? -5.934  -6.690  0.369   1.00 19.02 ? 50  LEU A O   1 
ATOM   388  C  CB  . LEU A 1 50  ? -4.354  -5.056  2.242   1.00 14.04 ? 50  LEU A CB  1 
ATOM   389  C  CG  . LEU A 1 50  ? -4.445  -6.040  3.421   1.00 18.19 ? 50  LEU A CG  1 
ATOM   390  C  CD1 . LEU A 1 50  ? -3.071  -6.639  3.726   1.00 19.75 ? 50  LEU A CD1 1 
ATOM   391  C  CD2 . LEU A 1 50  ? -4.991  -5.309  4.647   1.00 18.72 ? 50  LEU A CD2 1 
ATOM   392  N  N   . HIS A 1 51  ? -4.034  -7.895  0.175   1.00 16.59 ? 51  HIS A N   1 
ATOM   393  C  CA  . HIS A 1 51  ? -4.666  -9.144  -0.261  1.00 22.42 ? 51  HIS A CA  1 
ATOM   394  C  C   . HIS A 1 51  ? -4.636  -10.110 0.923   1.00 21.78 ? 51  HIS A C   1 
ATOM   395  O  O   . HIS A 1 51  ? -3.594  -10.672 1.242   1.00 22.42 ? 51  HIS A O   1 
ATOM   396  C  CB  . HIS A 1 51  ? -3.857  -9.708  -1.433  1.00 23.48 ? 51  HIS A CB  1 
ATOM   397  C  CG  . HIS A 1 51  ? -4.399  -10.983 -2.000  1.00 27.08 ? 51  HIS A CG  1 
ATOM   398  N  ND1 . HIS A 1 51  ? -5.577  -11.041 -2.714  1.00 25.12 ? 51  HIS A ND1 1 
ATOM   399  C  CD2 . HIS A 1 51  ? -3.898  -12.241 -1.997  1.00 35.12 ? 51  HIS A CD2 1 
ATOM   400  C  CE1 . HIS A 1 51  ? -5.775  -12.279 -3.129  1.00 30.37 ? 51  HIS A CE1 1 
ATOM   401  N  NE2 . HIS A 1 51  ? -4.771  -13.026 -2.707  1.00 31.65 ? 51  HIS A NE2 1 
ATOM   402  N  N   . THR A 1 52  ? -5.771  -10.316 1.581   1.00 27.15 ? 52  THR A N   1 
ATOM   403  C  CA  . THR A 1 52  ? -5.780  -11.201 2.743   1.00 28.75 ? 52  THR A CA  1 
ATOM   404  C  C   . THR A 1 52  ? -5.930  -12.668 2.378   1.00 33.31 ? 52  THR A C   1 
ATOM   405  O  O   . THR A 1 52  ? -5.511  -13.543 3.134   1.00 40.21 ? 52  THR A O   1 
ATOM   406  C  CB  . THR A 1 52  ? -6.912  -10.851 3.723   1.00 31.90 ? 52  THR A CB  1 
ATOM   407  O  OG1 . THR A 1 52  ? -8.165  -11.243 3.154   1.00 30.03 ? 52  THR A OG1 1 
ATOM   408  C  CG2 . THR A 1 52  ? -6.935  -9.361  4.008   1.00 27.96 ? 52  THR A CG2 1 
ATOM   409  N  N   . GLY A 1 53  ? -6.527  -12.931 1.222   1.00 30.85 ? 53  GLY A N   1 
ATOM   410  C  CA  . GLY A 1 53  ? -6.731  -14.303 0.799   1.00 34.00 ? 53  GLY A CA  1 
ATOM   411  C  C   . GLY A 1 53  ? -8.215  -14.601 0.801   1.00 42.00 ? 53  GLY A C   1 
ATOM   412  O  O   . GLY A 1 53  ? -8.679  -15.550 0.166   1.00 40.50 ? 53  GLY A O   1 
ATOM   413  N  N   . LYS A 1 54  ? -8.963  -13.771 1.522   1.00 39.02 ? 54  LYS A N   1 
ATOM   414  C  CA  . LYS A 1 54  ? -10.409 -13.915 1.620   1.00 38.84 ? 54  LYS A CA  1 
ATOM   415  C  C   . LYS A 1 54  ? -11.103 -12.613 1.221   1.00 34.45 ? 54  LYS A C   1 
ATOM   416  O  O   . LYS A 1 54  ? -12.320 -12.578 1.039   1.00 37.07 ? 54  LYS A O   1 
ATOM   417  C  CB  . LYS A 1 54  ? -10.803 -14.300 3.050   1.00 42.17 ? 54  LYS A CB  1 
ATOM   418  C  CG  . LYS A 1 54  ? -10.185 -15.606 3.531   1.00 52.29 ? 54  LYS A CG  1 
ATOM   419  C  CD  . LYS A 1 54  ? -10.611 -15.926 4.955   1.00 58.61 ? 54  LYS A CD  1 
ATOM   420  C  CE  . LYS A 1 54  ? -9.988  -17.225 5.442   1.00 62.82 ? 54  LYS A CE  1 
ATOM   421  N  NZ  . LYS A 1 54  ? -10.438 -17.577 6.817   1.00 66.48 ? 54  LYS A NZ  1 
ATOM   422  N  N   . LYS A 1 55  ? -10.323 -11.541 1.095   1.00 27.95 ? 55  LYS A N   1 
ATOM   423  C  CA  . LYS A 1 55  ? -10.860 -10.237 0.707   1.00 23.75 ? 55  LYS A CA  1 
ATOM   424  C  C   . LYS A 1 55  ? -9.696  -9.273  0.473   1.00 19.86 ? 55  LYS A C   1 
ATOM   425  O  O   . LYS A 1 55  ? -8.625  -9.437  1.056   1.00 25.65 ? 55  LYS A O   1 
ATOM   426  C  CB  . LYS A 1 55  ? -11.805 -9.694  1.793   1.00 17.29 ? 55  LYS A CB  1 
ATOM   427  C  CG  . LYS A 1 55  ? -11.198 -9.550  3.177   1.00 21.66 ? 55  LYS A CG  1 
ATOM   428  C  CD  . LYS A 1 55  ? -12.250 -9.049  4.175   1.00 22.04 ? 55  LYS A CD  1 
ATOM   429  C  CE  . LYS A 1 55  ? -11.650 -8.758  5.534   1.00 20.44 ? 55  LYS A CE  1 
ATOM   430  N  NZ  . LYS A 1 55  ? -12.697 -8.295  6.500   1.00 28.12 ? 55  LYS A NZ  1 
ATOM   431  N  N   . ASP A 1 56  ? -9.916  -8.284  -0.388  1.00 19.61 ? 56  ASP A N   1 
ATOM   432  C  CA  . ASP A 1 56  ? -8.885  -7.304  -0.722  1.00 20.74 ? 56  ASP A CA  1 
ATOM   433  C  C   . ASP A 1 56  ? -9.320  -5.894  -0.377  1.00 19.01 ? 56  ASP A C   1 
ATOM   434  O  O   . ASP A 1 56  ? -10.516 -5.584  -0.330  1.00 18.59 ? 56  ASP A O   1 
ATOM   435  C  CB  . ASP A 1 56  ? -8.566  -7.351  -2.220  1.00 21.02 ? 56  ASP A CB  1 
ATOM   436  C  CG  . ASP A 1 56  ? -8.094  -8.718  -2.678  1.00 29.13 ? 56  ASP A CG  1 
ATOM   437  O  OD1 . ASP A 1 56  ? -7.181  -9.272  -2.040  1.00 32.56 ? 56  ASP A OD1 1 
ATOM   438  O  OD2 . ASP A 1 56  ? -8.636  -9.235  -3.679  1.00 35.40 ? 56  ASP A OD2 1 
ATOM   439  N  N   . LEU A 1 57  ? -8.334  -5.031  -0.154  1.00 18.59 ? 57  LEU A N   1 
ATOM   440  C  CA  . LEU A 1 57  ? -8.581  -3.637  0.179   1.00 16.72 ? 57  LEU A CA  1 
ATOM   441  C  C   . LEU A 1 57  ? -7.512  -2.793  -0.499  1.00 16.75 ? 57  LEU A C   1 
ATOM   442  O  O   . LEU A 1 57  ? -6.336  -3.183  -0.561  1.00 16.50 ? 57  LEU A O   1 
ATOM   443  C  CB  . LEU A 1 57  ? -8.520  -3.429  1.697   1.00 17.86 ? 57  LEU A CB  1 
ATOM   444  C  CG  . LEU A 1 57  ? -8.535  -1.998  2.255   1.00 21.29 ? 57  LEU A CG  1 
ATOM   445  C  CD1 . LEU A 1 57  ? -9.043  -2.020  3.680   1.00 20.20 ? 57  LEU A CD1 1 
ATOM   446  C  CD2 . LEU A 1 57  ? -7.125  -1.396  2.203   1.00 20.94 ? 57  LEU A CD2 1 
ATOM   447  N  N   . LEU A 1 58  ? -7.926  -1.636  -0.995  1.00 15.18 ? 58  LEU A N   1 
ATOM   448  C  CA  . LEU A 1 58  ? -7.024  -0.728  -1.679  1.00 14.18 ? 58  LEU A CA  1 
ATOM   449  C  C   . LEU A 1 58  ? -7.017  0.656   -1.050  1.00 16.42 ? 58  LEU A C   1 
ATOM   450  O  O   . LEU A 1 58  ? -8.070  1.204   -0.725  1.00 17.27 ? 58  LEU A O   1 
ATOM   451  C  CB  . LEU A 1 58  ? -7.447  -0.578  -3.149  1.00 16.75 ? 58  LEU A CB  1 
ATOM   452  C  CG  . LEU A 1 58  ? -6.687  0.459   -3.988  1.00 21.51 ? 58  LEU A CG  1 
ATOM   453  C  CD1 . LEU A 1 58  ? -5.263  -0.032  -4.244  1.00 21.70 ? 58  LEU A CD1 1 
ATOM   454  C  CD2 . LEU A 1 58  ? -7.410  0.694   -5.315  1.00 25.58 ? 58  LEU A CD2 1 
ATOM   455  N  N   . VAL A 1 59  ? -5.827  1.208   -0.854  1.00 13.79 ? 59  VAL A N   1 
ATOM   456  C  CA  . VAL A 1 59  ? -5.699  2.578   -0.364  1.00 14.11 ? 59  VAL A CA  1 
ATOM   457  C  C   . VAL A 1 59  ? -4.889  3.251   -1.469  1.00 18.96 ? 59  VAL A C   1 
ATOM   458  O  O   . VAL A 1 59  ? -3.913  2.684   -1.963  1.00 16.25 ? 59  VAL A O   1 
ATOM   459  C  CB  . VAL A 1 59  ? -4.915  2.682   0.961   1.00 12.65 ? 59  VAL A CB  1 
ATOM   460  C  CG1 . VAL A 1 59  ? -4.915  4.137   1.432   1.00 15.61 ? 59  VAL A CG1 1 
ATOM   461  C  CG2 . VAL A 1 59  ? -5.534  1.780   2.019   1.00 19.23 ? 59  VAL A CG2 1 
ATOM   462  N  N   . PRO A 1 60  ? -5.302  4.445   -1.914  1.00 15.29 ? 60  PRO A N   1 
ATOM   463  C  CA  . PRO A 1 60  ? -4.554  5.124   -2.974  1.00 16.09 ? 60  PRO A CA  1 
ATOM   464  C  C   . PRO A 1 60  ? -3.180  5.619   -2.524  1.00 14.65 ? 60  PRO A C   1 
ATOM   465  O  O   . PRO A 1 60  ? -2.758  5.364   -1.395  1.00 14.67 ? 60  PRO A O   1 
ATOM   466  C  CB  . PRO A 1 60  ? -5.490  6.258   -3.394  1.00 19.52 ? 60  PRO A CB  1 
ATOM   467  C  CG  . PRO A 1 60  ? -6.268  6.537   -2.154  1.00 24.29 ? 60  PRO A CG  1 
ATOM   468  C  CD  . PRO A 1 60  ? -6.546  5.170   -1.588  1.00 16.82 ? 60  PRO A CD  1 
ATOM   469  N  N   . ASP A 1 61  ? -2.499  6.340   -3.412  1.00 15.54 ? 61  ASP A N   1 
ATOM   470  C  CA  . ASP A 1 61  ? -1.168  6.857   -3.122  1.00 15.87 ? 61  ASP A CA  1 
ATOM   471  C  C   . ASP A 1 61  ? -1.250  7.977   -2.094  1.00 16.34 ? 61  ASP A C   1 
ATOM   472  O  O   . ASP A 1 61  ? -1.360  9.147   -2.431  1.00 16.49 ? 61  ASP A O   1 
ATOM   473  C  CB  . ASP A 1 61  ? -0.475  7.302   -4.435  1.00 17.44 ? 61  ASP A CB  1 
ATOM   474  C  CG  . ASP A 1 61  ? -1.348  8.216   -5.308  1.00 18.39 ? 61  ASP A CG  1 
ATOM   475  O  OD1 . ASP A 1 61  ? -2.565  7.957   -5.452  1.00 22.13 ? 61  ASP A OD1 1 
ATOM   476  O  OD2 . ASP A 1 61  ? -0.797  9.193   -5.869  1.00 23.57 ? 61  ASP A OD2 1 
ATOM   477  N  N   . ALA A 1 62  ? -1.188  7.584   -0.824  1.00 15.02 ? 62  ALA A N   1 
ATOM   478  C  CA  . ALA A 1 62  ? -1.312  8.503   0.300   1.00 14.89 ? 62  ALA A CA  1 
ATOM   479  C  C   . ALA A 1 62  ? -0.146  8.432   1.276   1.00 14.22 ? 62  ALA A C   1 
ATOM   480  O  O   . ALA A 1 62  ? -0.076  9.206   2.234   1.00 15.51 ? 62  ALA A O   1 
ATOM   481  C  CB  . ALA A 1 62  ? -2.607  8.185   1.054   1.00 15.16 ? 62  ALA A CB  1 
ATOM   482  N  N   . PHE A 1 63  ? 0.780   7.514   1.036   1.00 11.80 ? 63  PHE A N   1 
ATOM   483  C  CA  . PHE A 1 63  ? 1.895   7.358   1.960   1.00 13.91 ? 63  PHE A CA  1 
ATOM   484  C  C   . PHE A 1 63  ? 3.262   7.632   1.358   1.00 13.26 ? 63  PHE A C   1 
ATOM   485  O  O   . PHE A 1 63  ? 3.428   7.664   0.144   1.00 14.68 ? 63  PHE A O   1 
ATOM   486  C  CB  . PHE A 1 63  ? 1.869   5.934   2.525   1.00 12.93 ? 63  PHE A CB  1 
ATOM   487  C  CG  . PHE A 1 63  ? 0.523   5.518   3.028   1.00 12.55 ? 63  PHE A CG  1 
ATOM   488  C  CD1 . PHE A 1 63  ? 0.059   5.977   4.263   1.00 15.91 ? 63  PHE A CD1 1 
ATOM   489  C  CD2 . PHE A 1 63  ? -0.307  4.714   2.255   1.00 14.96 ? 63  PHE A CD2 1 
ATOM   490  C  CE1 . PHE A 1 63  ? -1.214  5.641   4.717   1.00 19.14 ? 63  PHE A CE1 1 
ATOM   491  C  CE2 . PHE A 1 63  ? -1.587  4.369   2.697   1.00 15.63 ? 63  PHE A CE2 1 
ATOM   492  C  CZ  . PHE A 1 63  ? -2.043  4.839   3.936   1.00 15.35 ? 63  PHE A CZ  1 
ATOM   493  N  N   . GLY A 1 64  ? 4.253   7.822   2.222   1.00 14.08 ? 64  GLY A N   1 
ATOM   494  C  CA  . GLY A 1 64  ? 5.594   8.053   1.728   1.00 12.55 ? 64  GLY A CA  1 
ATOM   495  C  C   . GLY A 1 64  ? 6.095   9.472   1.891   1.00 13.74 ? 64  GLY A C   1 
ATOM   496  O  O   . GLY A 1 64  ? 5.309   10.396  2.090   1.00 13.24 ? 64  GLY A O   1 
ATOM   497  N  N   . PRO A 1 65  ? 7.411   9.662   1.788   1.00 15.48 ? 65  PRO A N   1 
ATOM   498  C  CA  . PRO A 1 65  ? 8.051   10.971  1.927   1.00 14.93 ? 65  PRO A CA  1 
ATOM   499  C  C   . PRO A 1 65  ? 7.586   12.043  0.943   1.00 15.00 ? 65  PRO A C   1 
ATOM   500  O  O   . PRO A 1 65  ? 7.920   13.216  1.110   1.00 16.35 ? 65  PRO A O   1 
ATOM   501  C  CB  . PRO A 1 65  ? 9.538   10.646  1.806   1.00 21.54 ? 65  PRO A CB  1 
ATOM   502  C  CG  . PRO A 1 65  ? 9.556   9.422   0.958   1.00 22.30 ? 65  PRO A CG  1 
ATOM   503  C  CD  . PRO A 1 65  ? 8.406   8.619   1.490   1.00 16.45 ? 65  PRO A CD  1 
ATOM   504  N  N   . ALA A 1 66  ? 6.818   11.645  -0.071  1.00 14.15 ? 66  ALA A N   1 
ATOM   505  C  CA  . ALA A 1 66  ? 6.293   12.601  -1.047  1.00 15.69 ? 66  ALA A CA  1 
ATOM   506  C  C   . ALA A 1 66  ? 5.312   13.546  -0.365  1.00 15.45 ? 66  ALA A C   1 
ATOM   507  O  O   . ALA A 1 66  ? 5.070   14.650  -0.842  1.00 15.59 ? 66  ALA A O   1 
ATOM   508  C  CB  . ALA A 1 66  ? 5.563   11.856  -2.178  1.00 15.12 ? 66  ALA A CB  1 
ATOM   509  N  N   . PHE A 1 67  ? 4.760   13.115  0.762   1.00 12.89 ? 67  PHE A N   1 
ATOM   510  C  CA  . PHE A 1 67  ? 3.763   13.930  1.446   1.00 13.74 ? 67  PHE A CA  1 
ATOM   511  C  C   . PHE A 1 67  ? 4.192   14.316  2.847   1.00 12.62 ? 67  PHE A C   1 
ATOM   512  O  O   . PHE A 1 67  ? 4.935   13.588  3.499   1.00 15.33 ? 67  PHE A O   1 
ATOM   513  C  CB  . PHE A 1 67  ? 2.446   13.154  1.545   1.00 12.87 ? 67  PHE A CB  1 
ATOM   514  C  CG  . PHE A 1 67  ? 2.030   12.498  0.261   1.00 14.69 ? 67  PHE A CG  1 
ATOM   515  C  CD1 . PHE A 1 67  ? 1.670   13.258  -0.837  1.00 15.58 ? 67  PHE A CD1 1 
ATOM   516  C  CD2 . PHE A 1 67  ? 2.006   11.107  0.151   1.00 14.68 ? 67  PHE A CD2 1 
ATOM   517  C  CE1 . PHE A 1 67  ? 1.288   12.655  -2.031  1.00 18.00 ? 67  PHE A CE1 1 
ATOM   518  C  CE2 . PHE A 1 67  ? 1.626   10.493  -1.040  1.00 14.07 ? 67  PHE A CE2 1 
ATOM   519  C  CZ  . PHE A 1 67  ? 1.266   11.266  -2.135  1.00 14.88 ? 67  PHE A CZ  1 
ATOM   520  N  N   . PRO A 1 68  ? 3.738   15.484  3.327   1.00 14.09 ? 68  PRO A N   1 
ATOM   521  C  CA  . PRO A 1 68  ? 4.110   15.883  4.683   1.00 17.61 ? 68  PRO A CA  1 
ATOM   522  C  C   . PRO A 1 68  ? 3.462   14.864  5.632   1.00 17.47 ? 68  PRO A C   1 
ATOM   523  O  O   . PRO A 1 68  ? 2.280   14.540  5.491   1.00 21.49 ? 68  PRO A O   1 
ATOM   524  C  CB  . PRO A 1 68  ? 3.521   17.293  4.809   1.00 22.47 ? 68  PRO A CB  1 
ATOM   525  C  CG  . PRO A 1 68  ? 2.371   17.294  3.840   1.00 21.78 ? 68  PRO A CG  1 
ATOM   526  C  CD  . PRO A 1 68  ? 2.913   16.512  2.661   1.00 18.33 ? 68  PRO A CD  1 
ATOM   527  N  N   . GLY A 1 69  ? 4.245   14.345  6.568   1.00 18.41 ? 69  GLY A N   1 
ATOM   528  C  CA  . GLY A 1 69  ? 3.725   13.356  7.494   1.00 15.95 ? 69  GLY A CA  1 
ATOM   529  C  C   . GLY A 1 69  ? 3.606   11.985  6.845   1.00 22.94 ? 69  GLY A C   1 
ATOM   530  O  O   . GLY A 1 69  ? 3.228   11.012  7.503   1.00 18.32 ? 69  GLY A O   1 
ATOM   531  N  N   . GLY A 1 70  ? 3.939   11.899  5.559   1.00 16.12 ? 70  GLY A N   1 
ATOM   532  C  CA  . GLY A 1 70  ? 3.831   10.624  4.856   1.00 14.13 ? 70  GLY A CA  1 
ATOM   533  C  C   . GLY A 1 70  ? 4.862   9.558   5.178   1.00 19.51 ? 70  GLY A C   1 
ATOM   534  O  O   . GLY A 1 70  ? 4.562   8.362   5.117   1.00 15.74 ? 70  GLY A O   1 
ATOM   535  N  N   . GLU A 1 71  ? 6.083   9.973   5.493   1.00 17.18 ? 71  GLU A N   1 
ATOM   536  C  CA  . GLU A 1 71  ? 7.145   9.033   5.834   1.00 19.72 ? 71  GLU A CA  1 
ATOM   537  C  C   . GLU A 1 71  ? 6.760   8.340   7.141   1.00 16.52 ? 71  GLU A C   1 
ATOM   538  O  O   . GLU A 1 71  ? 6.876   7.111   7.279   1.00 17.80 ? 71  GLU A O   1 
ATOM   539  C  CB  . GLU A 1 71  ? 8.470   9.785   6.014   1.00 28.82 ? 71  GLU A CB  1 
ATOM   540  C  CG  . GLU A 1 71  ? 9.687   8.889   6.148   1.00 38.08 ? 71  GLU A CG  1 
ATOM   541  C  CD  . GLU A 1 71  ? 10.981  9.682   6.261   1.00 46.69 ? 71  GLU A CD  1 
ATOM   542  O  OE1 . GLU A 1 71  ? 11.245  10.530  5.380   1.00 43.04 ? 71  GLU A OE1 1 
ATOM   543  O  OE2 . GLU A 1 71  ? 11.735  9.455   7.230   1.00 50.53 ? 71  GLU A OE2 1 
ATOM   544  N  N   . GLU A 1 72  ? 6.303   9.134   8.104   1.00 19.74 ? 72  GLU A N   1 
ATOM   545  C  CA  . GLU A 1 72  ? 5.889   8.575   9.380   1.00 18.89 ? 72  GLU A CA  1 
ATOM   546  C  C   . GLU A 1 72  ? 4.656   7.688   9.192   1.00 21.29 ? 72  GLU A C   1 
ATOM   547  O  O   . GLU A 1 72  ? 4.559   6.616   9.784   1.00 19.80 ? 72  GLU A O   1 
ATOM   548  C  CB  . GLU A 1 72  ? 5.560   9.685   10.386  1.00 21.21 ? 72  GLU A CB  1 
ATOM   549  C  CG  . GLU A 1 72  ? 5.058   9.133   11.726  1.00 37.27 ? 72  GLU A CG  1 
ATOM   550  C  CD  . GLU A 1 72  ? 4.756   10.212  12.748  1.00 47.67 ? 72  GLU A CD  1 
ATOM   551  O  OE1 . GLU A 1 72  ? 3.963   11.128  12.437  1.00 45.38 ? 72  GLU A OE1 1 
ATOM   552  O  OE2 . GLU A 1 72  ? 5.306   10.137  13.868  1.00 48.22 ? 72  GLU A OE2 1 
ATOM   553  N  N   . ALA A 1 73  ? 3.717   8.125   8.359   1.00 15.45 ? 73  ALA A N   1 
ATOM   554  C  CA  . ALA A 1 73  ? 2.510   7.338   8.148   1.00 17.28 ? 73  ALA A CA  1 
ATOM   555  C  C   . ALA A 1 73  ? 2.832   6.004   7.481   1.00 16.00 ? 73  ALA A C   1 
ATOM   556  O  O   . ALA A 1 73  ? 2.177   5.003   7.754   1.00 15.36 ? 73  ALA A O   1 
ATOM   557  C  CB  . ALA A 1 73  ? 1.495   8.123   7.305   1.00 18.71 ? 73  ALA A CB  1 
ATOM   558  N  N   . LEU A 1 74  ? 3.838   5.985   6.612   1.00 16.74 ? 74  LEU A N   1 
ATOM   559  C  CA  . LEU A 1 74  ? 4.217   4.745   5.933   1.00 15.72 ? 74  LEU A CA  1 
ATOM   560  C  C   . LEU A 1 74  ? 4.801   3.766   6.947   1.00 18.23 ? 74  LEU A C   1 
ATOM   561  O  O   . LEU A 1 74  ? 4.480   2.570   6.933   1.00 14.21 ? 74  LEU A O   1 
ATOM   562  C  CB  . LEU A 1 74  ? 5.255   5.022   4.835   1.00 15.69 ? 74  LEU A CB  1 
ATOM   563  C  CG  . LEU A 1 74  ? 5.908   3.811   4.159   1.00 16.88 ? 74  LEU A CG  1 
ATOM   564  C  CD1 . LEU A 1 74  ? 4.832   2.992   3.441   1.00 17.03 ? 74  LEU A CD1 1 
ATOM   565  C  CD2 . LEU A 1 74  ? 6.990   4.287   3.182   1.00 18.28 ? 74  LEU A CD2 1 
ATOM   566  N  N   . SER A 1 75  ? 5.658   4.278   7.828   1.00 15.08 ? 75  SER A N   1 
ATOM   567  C  CA  . SER A 1 75  ? 6.276   3.444   8.851   1.00 16.55 ? 75  SER A CA  1 
ATOM   568  C  C   . SER A 1 75  ? 5.208   2.899   9.797   1.00 15.54 ? 75  SER A C   1 
ATOM   569  O  O   . SER A 1 75  ? 5.256   1.728   10.183  1.00 14.43 ? 75  SER A O   1 
ATOM   570  C  CB  . SER A 1 75  ? 7.314   4.263   9.638   1.00 17.11 ? 75  SER A CB  1 
ATOM   571  O  OG  . SER A 1 75  ? 8.013   3.447   10.562  1.00 19.53 ? 75  SER A OG  1 
ATOM   572  N  N   . GLU A 1 76  ? 4.238   3.739   10.159  1.00 14.41 ? 76  GLU A N   1 
ATOM   573  C  CA  . GLU A 1 76  ? 3.172   3.309   11.062  1.00 13.08 ? 76  GLU A CA  1 
ATOM   574  C  C   . GLU A 1 76  ? 2.237   2.321   10.388  1.00 15.75 ? 76  GLU A C   1 
ATOM   575  O  O   . GLU A 1 76  ? 1.703   1.434   11.040  1.00 15.77 ? 76  GLU A O   1 
ATOM   576  C  CB  . GLU A 1 76  ? 2.398   4.524   11.580  1.00 14.23 ? 76  GLU A CB  1 
ATOM   577  C  CG  . GLU A 1 76  ? 3.283   5.405   12.469  1.00 19.06 ? 76  GLU A CG  1 
ATOM   578  C  CD  . GLU A 1 76  ? 2.610   6.680   12.954  1.00 30.94 ? 76  GLU A CD  1 
ATOM   579  O  OE1 . GLU A 1 76  ? 3.258   7.439   13.706  1.00 37.93 ? 76  GLU A OE1 1 
ATOM   580  O  OE2 . GLU A 1 76  ? 1.446   6.931   12.596  1.00 29.37 ? 76  GLU A OE2 1 
ATOM   581  N  N   . LEU A 1 77  ? 2.050   2.479   9.080   1.00 14.64 ? 77  LEU A N   1 
ATOM   582  C  CA  . LEU A 1 77  ? 1.190   1.578   8.314   1.00 15.48 ? 77  LEU A CA  1 
ATOM   583  C  C   . LEU A 1 77  ? 1.818   0.189   8.260   1.00 13.11 ? 77  LEU A C   1 
ATOM   584  O  O   . LEU A 1 77  ? 1.141   -0.824  8.490   1.00 14.38 ? 77  LEU A O   1 
ATOM   585  C  CB  . LEU A 1 77  ? 0.991   2.122   6.888   1.00 13.54 ? 77  LEU A CB  1 
ATOM   586  C  CG  . LEU A 1 77  ? 0.511   1.136   5.817   1.00 20.44 ? 77  LEU A CG  1 
ATOM   587  C  CD1 . LEU A 1 77  ? -0.792  0.568   6.260   1.00 24.50 ? 77  LEU A CD1 1 
ATOM   588  C  CD2 . LEU A 1 77  ? 0.364   1.823   4.462   1.00 30.35 ? 77  LEU A CD2 1 
ATOM   589  N  N   . VAL A 1 78  ? 3.112   0.136   7.963   1.00 12.18 ? 78  VAL A N   1 
ATOM   590  C  CA  . VAL A 1 78  ? 3.802   -1.140  7.905   1.00 12.33 ? 78  VAL A CA  1 
ATOM   591  C  C   . VAL A 1 78  ? 3.750   -1.736  9.304   1.00 12.99 ? 78  VAL A C   1 
ATOM   592  O  O   . VAL A 1 78  ? 3.495   -2.926  9.459   1.00 12.95 ? 78  VAL A O   1 
ATOM   593  C  CB  . VAL A 1 78  ? 5.251   -0.947  7.397   1.00 13.74 ? 78  VAL A CB  1 
ATOM   594  C  CG1 . VAL A 1 78  ? 6.063   -2.227  7.581   1.00 15.41 ? 78  VAL A CG1 1 
ATOM   595  C  CG2 . VAL A 1 78  ? 5.193   -0.604  5.909   1.00 15.54 ? 78  VAL A CG2 1 
ATOM   596  N  N   . GLY A 1 79  ? 3.943   -0.883  10.305  1.00 13.38 ? 79  GLY A N   1 
ATOM   597  C  CA  . GLY A 1 79  ? 3.872   -1.323  11.693  1.00 16.61 ? 79  GLY A CA  1 
ATOM   598  C  C   . GLY A 1 79  ? 2.523   -1.946  12.015  1.00 14.15 ? 79  GLY A C   1 
ATOM   599  O  O   . GLY A 1 79  ? 2.457   -3.037  12.590  1.00 15.42 ? 79  GLY A O   1 
ATOM   600  N  N   . LEU A 1 80  ? 1.441   -1.255  11.651  1.00 13.02 ? 80  LEU A N   1 
ATOM   601  C  CA  . LEU A 1 80  ? 0.089   -1.751  11.888  1.00 14.68 ? 80  LEU A CA  1 
ATOM   602  C  C   . LEU A 1 80  ? -0.143  -3.123  11.248  1.00 13.70 ? 80  LEU A C   1 
ATOM   603  O  O   . LEU A 1 80  ? -0.738  -4.015  11.864  1.00 15.79 ? 80  LEU A O   1 
ATOM   604  C  CB  . LEU A 1 80  ? -0.933  -0.745  11.336  1.00 15.67 ? 80  LEU A CB  1 
ATOM   605  C  CG  . LEU A 1 80  ? -2.403  -1.170  11.301  1.00 23.91 ? 80  LEU A CG  1 
ATOM   606  C  CD1 . LEU A 1 80  ? -2.983  -1.134  12.703  1.00 32.84 ? 80  LEU A CD1 1 
ATOM   607  C  CD2 . LEU A 1 80  ? -3.173  -0.228  10.402  1.00 32.67 ? 80  LEU A CD2 1 
ATOM   608  N  N   . LEU A 1 81  ? 0.310   -3.306  10.012  1.00 11.33 ? 81  LEU A N   1 
ATOM   609  C  CA  . LEU A 1 81  ? 0.127   -4.591  9.353   1.00 11.78 ? 81  LEU A CA  1 
ATOM   610  C  C   . LEU A 1 81  ? 0.951   -5.689  10.040  1.00 14.48 ? 81  LEU A C   1 
ATOM   611  O  O   . LEU A 1 81  ? 0.476   -6.822  10.187  1.00 14.33 ? 81  LEU A O   1 
ATOM   612  C  CB  . LEU A 1 81  ? 0.496   -4.487  7.868   1.00 11.35 ? 81  LEU A CB  1 
ATOM   613  C  CG  . LEU A 1 81  ? -0.366  -3.459  7.122   1.00 14.30 ? 81  LEU A CG  1 
ATOM   614  C  CD1 . LEU A 1 81  ? 0.175   -3.259  5.704   1.00 14.57 ? 81  LEU A CD1 1 
ATOM   615  C  CD2 . LEU A 1 81  ? -1.820  -3.928  7.085   1.00 19.33 ? 81  LEU A CD2 1 
ATOM   616  N  N   . LEU A 1 82  ? 2.172   -5.358  10.456  1.00 12.45 ? 82  LEU A N   1 
ATOM   617  C  CA  . LEU A 1 82  ? 3.026   -6.335  11.151  1.00 13.46 ? 82  LEU A CA  1 
ATOM   618  C  C   . LEU A 1 82  ? 2.398   -6.701  12.495  1.00 14.96 ? 82  LEU A C   1 
ATOM   619  O  O   . LEU A 1 82  ? 2.446   -7.855  12.918  1.00 17.12 ? 82  LEU A O   1 
ATOM   620  C  CB  . LEU A 1 82  ? 4.423   -5.752  11.405  1.00 11.53 ? 82  LEU A CB  1 
ATOM   621  C  CG  . LEU A 1 82  ? 5.313   -5.560  10.176  1.00 13.04 ? 82  LEU A CG  1 
ATOM   622  C  CD1 . LEU A 1 82  ? 6.497   -4.649  10.502  1.00 15.06 ? 82  LEU A CD1 1 
ATOM   623  C  CD2 . LEU A 1 82  ? 5.806   -6.926  9.701   1.00 16.34 ? 82  LEU A CD2 1 
ATOM   624  N  N   . ALA A 1 83  ? 1.820   -5.709  13.163  1.00 16.92 ? 83  ALA A N   1 
ATOM   625  C  CA  . ALA A 1 83  ? 1.191   -5.926  14.463  1.00 15.96 ? 83  ALA A CA  1 
ATOM   626  C  C   . ALA A 1 83  ? 0.042   -6.914  14.356  1.00 22.96 ? 83  ALA A C   1 
ATOM   627  O  O   . ALA A 1 83  ? -0.241  -7.651  15.312  1.00 23.58 ? 83  ALA A O   1 
ATOM   628  C  CB  . ALA A 1 83  ? 0.693   -4.592  15.025  1.00 15.23 ? 83  ALA A CB  1 
ATOM   629  N  N   . GLN A 1 84  ? -0.611  -6.931  13.191  1.00 18.24 ? 84  GLN A N   1 
ATOM   630  C  CA  . GLN A 1 84  ? -1.742  -7.820  12.941  1.00 23.68 ? 84  GLN A CA  1 
ATOM   631  C  C   . GLN A 1 84  ? -1.294  -9.174  12.404  1.00 17.45 ? 84  GLN A C   1 
ATOM   632  O  O   . GLN A 1 84  ? -2.130  -10.002 12.055  1.00 23.14 ? 84  GLN A O   1 
ATOM   633  C  CB  . GLN A 1 84  ? -2.726  -7.200  11.938  1.00 28.96 ? 84  GLN A CB  1 
ATOM   634  C  CG  . GLN A 1 84  ? -3.323  -5.867  12.335  1.00 38.46 ? 84  GLN A CG  1 
ATOM   635  C  CD  . GLN A 1 84  ? -4.159  -5.942  13.592  1.00 46.32 ? 84  GLN A CD  1 
ATOM   636  O  OE1 . GLN A 1 84  ? -3.632  -6.034  14.698  1.00 38.52 ? 84  GLN A OE1 1 
ATOM   637  N  NE2 . GLN A 1 84  ? -5.478  -5.907  13.426  1.00 46.78 ? 84  GLN A NE2 1 
ATOM   638  N  N   . GLY A 1 85  ? 0.017   -9.388  12.303  1.00 15.18 ? 85  GLY A N   1 
ATOM   639  C  CA  . GLY A 1 85  ? 0.528   -10.666 11.834  1.00 18.38 ? 85  GLY A CA  1 
ATOM   640  C  C   . GLY A 1 85  ? 0.998   -10.786 10.393  1.00 20.31 ? 85  GLY A C   1 
ATOM   641  O  O   . GLY A 1 85  ? 1.371   -11.878 9.950   1.00 18.50 ? 85  GLY A O   1 
ATOM   642  N  N   . ALA A 1 86  ? 1.002   -9.687  9.646   1.00 18.73 ? 86  ALA A N   1 
ATOM   643  C  CA  . ALA A 1 86  ? 1.446   -9.767  8.257   1.00 16.34 ? 86  ALA A CA  1 
ATOM   644  C  C   . ALA A 1 86  ? 2.931   -10.088 8.174   1.00 16.30 ? 86  ALA A C   1 
ATOM   645  O  O   . ALA A 1 86  ? 3.730   -9.601  8.978   1.00 22.02 ? 86  ALA A O   1 
ATOM   646  C  CB  . ALA A 1 86  ? 1.142   -8.453  7.518   1.00 17.75 ? 86  ALA A CB  1 
ATOM   647  N  N   . ARG A 1 87  ? 3.294   -10.902 7.192   1.00 20.08 ? 87  ARG A N   1 
ATOM   648  C  CA  . ARG A 1 87  ? 4.682   -11.306 7.019   1.00 21.93 ? 87  ARG A CA  1 
ATOM   649  C  C   . ARG A 1 87  ? 5.188   -11.135 5.595   1.00 21.32 ? 87  ARG A C   1 
ATOM   650  O  O   . ARG A 1 87  ? 6.361   -10.847 5.387   1.00 24.59 ? 87  ARG A O   1 
ATOM   651  C  CB  . ARG A 1 87  ? 4.838   -12.772 7.435   1.00 30.00 ? 87  ARG A CB  1 
ATOM   652  C  CG  . ARG A 1 87  ? 4.392   -13.045 8.866   1.00 35.47 ? 87  ARG A CG  1 
ATOM   653  C  CD  . ARG A 1 87  ? 5.487   -12.736 9.875   1.00 46.41 ? 87  ARG A CD  1 
ATOM   654  N  NE  . ARG A 1 87  ? 6.259   -13.930 10.207  1.00 52.74 ? 87  ARG A NE  1 
ATOM   655  C  CZ  . ARG A 1 87  ? 7.302   -13.947 11.029  1.00 49.99 ? 87  ARG A CZ  1 
ATOM   656  N  NH1 . ARG A 1 87  ? 7.712   -12.830 11.611  1.00 50.72 ? 87  ARG A NH1 1 
ATOM   657  N  NH2 . ARG A 1 87  ? 7.925   -15.088 11.281  1.00 56.05 ? 87  ARG A NH2 1 
ATOM   658  N  N   . ARG A 1 88  ? 4.308   -11.305 4.614   1.00 21.51 ? 88  ARG A N   1 
ATOM   659  C  CA  . ARG A 1 88  ? 4.722   -11.196 3.219   1.00 16.96 ? 88  ARG A CA  1 
ATOM   660  C  C   . ARG A 1 88  ? 4.447   -9.839  2.575   1.00 15.49 ? 88  ARG A C   1 
ATOM   661  O  O   . ARG A 1 88  ? 3.295   -9.466  2.372   1.00 18.67 ? 88  ARG A O   1 
ATOM   662  C  CB  . ARG A 1 88  ? 4.055   -12.308 2.412   1.00 28.31 ? 88  ARG A CB  1 
ATOM   663  C  CG  . ARG A 1 88  ? 4.355   -13.688 2.990   1.00 33.04 ? 88  ARG A CG  1 
ATOM   664  C  CD  . ARG A 1 88  ? 3.747   -14.809 2.172   1.00 38.96 ? 88  ARG A CD  1 
ATOM   665  N  NE  . ARG A 1 88  ? 2.288   -14.806 2.209   1.00 53.51 ? 88  ARG A NE  1 
ATOM   666  C  CZ  . ARG A 1 88  ? 1.532   -15.784 1.719   1.00 58.90 ? 88  ARG A CZ  1 
ATOM   667  N  NH1 . ARG A 1 88  ? 2.100   -16.844 1.157   1.00 59.85 ? 88  ARG A NH1 1 
ATOM   668  N  NH2 . ARG A 1 88  ? 0.210   -15.705 1.787   1.00 57.47 ? 88  ARG A NH2 1 
ATOM   669  N  N   . PHE A 1 89  ? 5.520   -9.121  2.253   1.00 17.28 ? 89  PHE A N   1 
ATOM   670  C  CA  . PHE A 1 89  ? 5.435   -7.805  1.614   1.00 16.51 ? 89  PHE A CA  1 
ATOM   671  C  C   . PHE A 1 89  ? 6.038   -7.831  0.220   1.00 15.46 ? 89  PHE A C   1 
ATOM   672  O  O   . PHE A 1 89  ? 7.002   -8.565  -0.043  1.00 17.93 ? 89  PHE A O   1 
ATOM   673  C  CB  . PHE A 1 89  ? 6.160   -6.757  2.454   1.00 17.23 ? 89  PHE A CB  1 
ATOM   674  C  CG  . PHE A 1 89  ? 5.547   -6.539  3.799   1.00 17.09 ? 89  PHE A CG  1 
ATOM   675  C  CD1 . PHE A 1 89  ? 4.723   -5.447  4.030   1.00 14.00 ? 89  PHE A CD1 1 
ATOM   676  C  CD2 . PHE A 1 89  ? 5.777   -7.438  4.833   1.00 19.37 ? 89  PHE A CD2 1 
ATOM   677  C  CE1 . PHE A 1 89  ? 4.126   -5.249  5.286   1.00 14.25 ? 89  PHE A CE1 1 
ATOM   678  C  CE2 . PHE A 1 89  ? 5.189   -7.253  6.085   1.00 16.82 ? 89  PHE A CE2 1 
ATOM   679  C  CZ  . PHE A 1 89  ? 4.362   -6.154  6.310   1.00 14.57 ? 89  PHE A CZ  1 
ATOM   680  N  N   . TYR A 1 90  ? 5.465   -7.024  -0.665  1.00 15.27 ? 90  TYR A N   1 
ATOM   681  C  CA  . TYR A 1 90  ? 5.912   -6.931  -2.051  1.00 15.07 ? 90  TYR A CA  1 
ATOM   682  C  C   . TYR A 1 90  ? 5.847   -5.489  -2.513  1.00 16.29 ? 90  TYR A C   1 
ATOM   683  O  O   . TYR A 1 90  ? 5.125   -4.673  -1.942  1.00 14.67 ? 90  TYR A O   1 
ATOM   684  C  CB  . TYR A 1 90  ? 5.003   -7.756  -2.971  1.00 14.60 ? 90  TYR A CB  1 
ATOM   685  C  CG  . TYR A 1 90  ? 4.805   -9.191  -2.545  1.00 16.57 ? 90  TYR A CG  1 
ATOM   686  C  CD1 . TYR A 1 90  ? 3.940   -9.520  -1.505  1.00 17.07 ? 90  TYR A CD1 1 
ATOM   687  C  CD2 . TYR A 1 90  ? 5.493   -10.223 -3.182  1.00 21.42 ? 90  TYR A CD2 1 
ATOM   688  C  CE1 . TYR A 1 90  ? 3.764   -10.841 -1.107  1.00 20.13 ? 90  TYR A CE1 1 
ATOM   689  C  CE2 . TYR A 1 90  ? 5.322   -11.547 -2.794  1.00 22.91 ? 90  TYR A CE2 1 
ATOM   690  C  CZ  . TYR A 1 90  ? 4.457   -11.847 -1.755  1.00 25.09 ? 90  TYR A CZ  1 
ATOM   691  O  OH  . TYR A 1 90  ? 4.292   -13.159 -1.355  1.00 30.24 ? 90  TYR A OH  1 
ATOM   692  N  N   . GLU A 1 91  ? 6.594   -5.176  -3.566  1.00 12.29 ? 91  GLU A N   1 
ATOM   693  C  CA  . GLU A 1 91  ? 6.565   -3.834  -4.105  1.00 13.74 ? 91  GLU A CA  1 
ATOM   694  C  C   . GLU A 1 91  ? 6.398   -3.870  -5.611  1.00 15.30 ? 91  GLU A C   1 
ATOM   695  O  O   . GLU A 1 91  ? 7.068   -4.645  -6.300  1.00 17.40 ? 91  GLU A O   1 
ATOM   696  C  CB  . GLU A 1 91  ? 7.840   -3.067  -3.757  1.00 13.18 ? 91  GLU A CB  1 
ATOM   697  C  CG  . GLU A 1 91  ? 7.818   -1.621  -4.289  1.00 12.92 ? 91  GLU A CG  1 
ATOM   698  C  CD  . GLU A 1 91  ? 8.985   -0.788  -3.791  1.00 20.77 ? 91  GLU A CD  1 
ATOM   699  O  OE1 . GLU A 1 91  ? 8.915   -0.267  -2.658  1.00 22.14 ? 91  GLU A OE1 1 
ATOM   700  O  OE2 . GLU A 1 91  ? 9.976   -0.659  -4.537  1.00 26.84 ? 91  GLU A OE2 1 
ATOM   701  N  N   . ALA A 1 92  ? 5.489   -3.042  -6.111  1.00 11.93 ? 92  ALA A N   1 
ATOM   702  C  CA  . ALA A 1 92  ? 5.259   -2.936  -7.555  1.00 11.96 ? 92  ALA A CA  1 
ATOM   703  C  C   . ALA A 1 92  ? 5.601   -1.500  -7.938  1.00 16.18 ? 92  ALA A C   1 
ATOM   704  O  O   . ALA A 1 92  ? 5.158   -0.558  -7.277  1.00 16.34 ? 92  ALA A O   1 
ATOM   705  C  CB  . ALA A 1 92  ? 3.806   -3.248  -7.893  1.00 13.32 ? 92  ALA A CB  1 
ATOM   706  N  N   . VAL A 1 93  ? 6.388   -1.338  -8.999  1.00 14.52 ? 93  VAL A N   1 
ATOM   707  C  CA  . VAL A 1 93  ? 6.816   -0.018  -9.448  1.00 12.89 ? 93  VAL A CA  1 
ATOM   708  C  C   . VAL A 1 93  ? 6.151   0.363   -10.761 1.00 18.17 ? 93  VAL A C   1 
ATOM   709  O  O   . VAL A 1 93  ? 6.207   -0.391  -11.732 1.00 16.41 ? 93  VAL A O   1 
ATOM   710  C  CB  . VAL A 1 93  ? 8.351   0.020   -9.641  1.00 12.15 ? 93  VAL A CB  1 
ATOM   711  C  CG1 . VAL A 1 93  ? 8.799   1.424   -10.093 1.00 16.79 ? 93  VAL A CG1 1 
ATOM   712  C  CG2 . VAL A 1 93  ? 9.052   -0.361  -8.338  1.00 14.18 ? 93  VAL A CG2 1 
ATOM   713  N  N   . VAL A 1 94  ? 5.518   1.534   -10.786 1.00 15.64 ? 94  VAL A N   1 
ATOM   714  C  CA  . VAL A 1 94  ? 4.843   2.014   -11.989 1.00 19.64 ? 94  VAL A CA  1 
ATOM   715  C  C   . VAL A 1 94  ? 5.307   3.433   -12.304 1.00 17.24 ? 94  VAL A C   1 
ATOM   716  O  O   . VAL A 1 94  ? 5.885   4.106   -11.453 1.00 18.25 ? 94  VAL A O   1 
ATOM   717  C  CB  . VAL A 1 94  ? 3.298   2.006   -11.825 1.00 22.95 ? 94  VAL A CB  1 
ATOM   718  C  CG1 . VAL A 1 94  ? 2.820   0.592   -11.519 1.00 27.37 ? 94  VAL A CG1 1 
ATOM   719  C  CG2 . VAL A 1 94  ? 2.871   2.970   -10.719 1.00 22.55 ? 94  VAL A CG2 1 
ATOM   720  N  N   . SER A 1 95  ? 5.058   3.887   -13.525 1.00 18.43 ? 95  SER A N   1 
ATOM   721  C  CA  . SER A 1 95  ? 5.463   5.232   -13.918 1.00 21.20 ? 95  SER A CA  1 
ATOM   722  C  C   . SER A 1 95  ? 4.588   6.262   -13.212 1.00 24.10 ? 95  SER A C   1 
ATOM   723  O  O   . SER A 1 95  ? 3.410   6.013   -12.955 1.00 26.10 ? 95  SER A O   1 
ATOM   724  C  CB  . SER A 1 95  ? 5.327   5.399   -15.432 1.00 26.22 ? 95  SER A CB  1 
ATOM   725  O  OG  . SER A 1 95  ? 3.985   5.183   -15.831 1.00 33.67 ? 95  SER A OG  1 
ATOM   726  N  N   . PRO A 1 96  ? 5.160   7.435   -12.892 1.00 22.33 ? 96  PRO A N   1 
ATOM   727  C  CA  . PRO A 1 96  ? 4.418   8.502   -12.211 1.00 26.73 ? 96  PRO A CA  1 
ATOM   728  C  C   . PRO A 1 96  ? 3.117   8.865   -12.914 1.00 29.97 ? 96  PRO A C   1 
ATOM   729  O  O   . PRO A 1 96  ? 2.072   9.022   -12.275 1.00 28.17 ? 96  PRO A O   1 
ATOM   730  C  CB  . PRO A 1 96  ? 5.411   9.660   -12.212 1.00 29.81 ? 96  PRO A CB  1 
ATOM   731  C  CG  . PRO A 1 96  ? 6.730   8.966   -12.094 1.00 25.96 ? 96  PRO A CG  1 
ATOM   732  C  CD  . PRO A 1 96  ? 6.579   7.804   -13.055 1.00 22.06 ? 96  PRO A CD  1 
ATOM   733  N  N   . GLY A 1 97  ? 3.184   8.985   -14.237 1.00 29.59 ? 97  GLY A N   1 
ATOM   734  C  CA  . GLY A 1 97  ? 2.007   9.350   -15.005 1.00 36.02 ? 97  GLY A CA  1 
ATOM   735  C  C   . GLY A 1 97  ? 0.929   8.293   -15.173 1.00 36.50 ? 97  GLY A C   1 
ATOM   736  O  O   . GLY A 1 97  ? -0.129  8.581   -15.737 1.00 37.06 ? 97  GLY A O   1 
ATOM   737  N  N   . GLU A 1 98  ? 1.177   7.081   -14.688 1.00 27.59 ? 98  GLU A N   1 
ATOM   738  C  CA  . GLU A 1 98  ? 0.206   5.998   -14.816 1.00 28.13 ? 98  GLU A CA  1 
ATOM   739  C  C   . GLU A 1 98  ? -0.321  5.473   -13.485 1.00 29.04 ? 98  GLU A C   1 
ATOM   740  O  O   . GLU A 1 98  ? -1.187  4.594   -13.463 1.00 27.77 ? 98  GLU A O   1 
ATOM   741  C  CB  . GLU A 1 98  ? 0.820   4.831   -15.600 1.00 34.26 ? 98  GLU A CB  1 
ATOM   742  C  CG  . GLU A 1 98  ? 1.190   5.160   -17.037 1.00 49.57 ? 98  GLU A CG  1 
ATOM   743  C  CD  . GLU A 1 98  ? 0.012   5.684   -17.838 1.00 60.15 ? 98  GLU A CD  1 
ATOM   744  O  OE1 . GLU A 1 98  ? -1.057  5.034   -17.824 1.00 62.07 ? 98  GLU A OE1 1 
ATOM   745  O  OE2 . GLU A 1 98  ? 0.157   6.742   -18.488 1.00 62.64 ? 98  GLU A OE2 1 
HETATM 746  N  N   . MSE A 1 99  ? 0.190   5.997   -12.374 1.00 26.45 ? 99  MSE A N   1 
HETATM 747  C  CA  . MSE A 1 99  ? -0.257  5.526   -11.066 1.00 30.79 ? 99  MSE A CA  1 
HETATM 748  C  C   . MSE A 1 99  ? -1.770  5.610   -10.902 1.00 29.68 ? 99  MSE A C   1 
HETATM 749  O  O   . MSE A 1 99  ? -2.419  4.618   -10.584 1.00 28.90 ? 99  MSE A O   1 
HETATM 750  C  CB  . MSE A 1 99  ? 0.414   6.322   -9.944  1.00 31.35 ? 99  MSE A CB  1 
HETATM 751  C  CG  . MSE A 1 99  ? -0.225  6.125   -8.569  1.00 27.03 ? 99  MSE A CG  1 
HETATM 752  SE SE  . MSE A 1 99  ? 0.141   4.419   -7.728  1.00 33.09 ? 99  MSE A SE  1 
HETATM 753  C  CE  . MSE A 1 99  ? 1.872   4.856   -6.960  1.00 28.67 ? 99  MSE A CE  1 
ATOM   754  N  N   . THR A 1 100 ? -2.335  6.793   -11.122 1.00 28.37 ? 100 THR A N   1 
ATOM   755  C  CA  . THR A 1 100 ? -3.778  6.954   -10.964 1.00 30.09 ? 100 THR A CA  1 
ATOM   756  C  C   . THR A 1 100 ? -4.581  6.026   -11.876 1.00 32.68 ? 100 THR A C   1 
ATOM   757  O  O   . THR A 1 100 ? -5.567  5.429   -11.447 1.00 31.17 ? 100 THR A O   1 
ATOM   758  C  CB  . THR A 1 100 ? -4.206  8.408   -11.215 1.00 36.13 ? 100 THR A CB  1 
ATOM   759  O  OG1 . THR A 1 100 ? -3.641  9.245   -10.202 1.00 40.19 ? 100 THR A OG1 1 
ATOM   760  C  CG2 . THR A 1 100 ? -5.728  8.531   -11.174 1.00 40.58 ? 100 THR A CG2 1 
ATOM   761  N  N   . ALA A 1 101 ? -4.157  5.903   -13.129 1.00 32.39 ? 101 ALA A N   1 
ATOM   762  C  CA  . ALA A 1 101 ? -4.848  5.031   -14.071 1.00 32.13 ? 101 ALA A CA  1 
ATOM   763  C  C   . ALA A 1 101 ? -4.816  3.593   -13.566 1.00 32.00 ? 101 ALA A C   1 
ATOM   764  O  O   . ALA A 1 101 ? -5.806  2.866   -13.664 1.00 34.86 ? 101 ALA A O   1 
ATOM   765  C  CB  . ALA A 1 101 ? -4.195  5.124   -15.446 1.00 35.87 ? 101 ALA A CB  1 
ATOM   766  N  N   . LEU A 1 102 ? -3.671  3.185   -13.026 1.00 29.58 ? 102 LEU A N   1 
ATOM   767  C  CA  . LEU A 1 102 ? -3.513  1.837   -12.497 1.00 28.87 ? 102 LEU A CA  1 
ATOM   768  C  C   . LEU A 1 102 ? -4.491  1.570   -11.357 1.00 31.67 ? 102 LEU A C   1 
ATOM   769  O  O   . LEU A 1 102 ? -5.163  0.533   -11.319 1.00 27.89 ? 102 LEU A O   1 
ATOM   770  C  CB  . LEU A 1 102 ? -2.085  1.640   -11.981 1.00 30.99 ? 102 LEU A CB  1 
ATOM   771  C  CG  . LEU A 1 102 ? -1.803  0.320   -11.256 1.00 31.46 ? 102 LEU A CG  1 
ATOM   772  C  CD1 . LEU A 1 102 ? -1.816  -0.832  -12.246 1.00 36.86 ? 102 LEU A CD1 1 
ATOM   773  C  CD2 . LEU A 1 102 ? -0.446  0.396   -10.569 1.00 40.31 ? 102 LEU A CD2 1 
ATOM   774  N  N   . LEU A 1 103 ? -4.562  2.511   -10.423 1.00 24.70 ? 103 LEU A N   1 
ATOM   775  C  CA  . LEU A 1 103 ? -5.433  2.370   -9.265  1.00 25.53 ? 103 LEU A CA  1 
ATOM   776  C  C   . LEU A 1 103 ? -6.917  2.376   -9.610  1.00 33.56 ? 103 LEU A C   1 
ATOM   777  O  O   . LEU A 1 103 ? -7.738  1.942   -8.804  1.00 33.13 ? 103 LEU A O   1 
ATOM   778  C  CB  . LEU A 1 103 ? -5.132  3.479   -8.248  1.00 28.45 ? 103 LEU A CB  1 
ATOM   779  C  CG  . LEU A 1 103 ? -3.687  3.543   -7.747  1.00 30.96 ? 103 LEU A CG  1 
ATOM   780  C  CD1 . LEU A 1 103 ? -3.531  4.721   -6.797  1.00 32.88 ? 103 LEU A CD1 1 
ATOM   781  C  CD2 . LEU A 1 103 ? -3.312  2.236   -7.056  1.00 29.01 ? 103 LEU A CD2 1 
ATOM   782  N  N   . ASP A 1 104 ? -7.260  2.856   -10.804 1.00 33.23 ? 104 ASP A N   1 
ATOM   783  C  CA  . ASP A 1 104 ? -8.658  2.899   -11.224 1.00 41.27 ? 104 ASP A CA  1 
ATOM   784  C  C   . ASP A 1 104 ? -9.092  1.645   -11.976 1.00 43.90 ? 104 ASP A C   1 
ATOM   785  O  O   . ASP A 1 104 ? -10.267 1.491   -12.307 1.00 39.80 ? 104 ASP A O   1 
ATOM   786  C  CB  . ASP A 1 104 ? -8.931  4.129   -12.096 1.00 44.03 ? 104 ASP A CB  1 
ATOM   787  C  CG  . ASP A 1 104 ? -8.810  5.429   -11.325 1.00 48.79 ? 104 ASP A CG  1 
ATOM   788  O  OD1 . ASP A 1 104 ? -9.206  5.460   -10.138 1.00 51.39 ? 104 ASP A OD1 1 
ATOM   789  O  OD2 . ASP A 1 104 ? -8.332  6.424   -11.910 1.00 52.56 ? 104 ASP A OD2 1 
ATOM   790  N  N   . LEU A 1 105 ? -8.146  0.753   -12.248 1.00 40.98 ? 105 LEU A N   1 
ATOM   791  C  CA  . LEU A 1 105 ? -8.449  -0.489  -12.953 1.00 40.26 ? 105 LEU A CA  1 
ATOM   792  C  C   . LEU A 1 105 ? -9.426  -1.355  -12.161 1.00 42.81 ? 105 LEU A C   1 
ATOM   793  O  O   . LEU A 1 105 ? -9.447  -1.320  -10.933 1.00 38.90 ? 105 LEU A O   1 
ATOM   794  C  CB  . LEU A 1 105 ? -7.168  -1.295  -13.186 1.00 39.08 ? 105 LEU A CB  1 
ATOM   795  C  CG  . LEU A 1 105 ? -6.126  -0.736  -14.150 1.00 41.53 ? 105 LEU A CG  1 
ATOM   796  C  CD1 . LEU A 1 105 ? -4.881  -1.609  -14.094 1.00 46.14 ? 105 LEU A CD1 1 
ATOM   797  C  CD2 . LEU A 1 105 ? -6.694  -0.695  -15.566 1.00 47.87 ? 105 LEU A CD2 1 
ATOM   798  N  N   . PRO A 1 106 ? -10.256 -2.147  -12.862 1.00 43.14 ? 106 PRO A N   1 
ATOM   799  C  CA  . PRO A 1 106 ? -11.217 -3.018  -12.180 1.00 42.61 ? 106 PRO A CA  1 
ATOM   800  C  C   . PRO A 1 106 ? -10.469 -3.904  -11.184 1.00 40.60 ? 106 PRO A C   1 
ATOM   801  O  O   . PRO A 1 106 ? -9.347  -4.335  -11.455 1.00 43.26 ? 106 PRO A O   1 
ATOM   802  C  CB  . PRO A 1 106 ? -11.819 -3.820  -13.327 1.00 42.35 ? 106 PRO A CB  1 
ATOM   803  C  CG  . PRO A 1 106 ? -11.804 -2.835  -14.455 1.00 45.61 ? 106 PRO A CG  1 
ATOM   804  C  CD  . PRO A 1 106 ? -10.433 -2.209  -14.324 1.00 46.61 ? 106 PRO A CD  1 
ATOM   805  N  N   . PRO A 1 107 ? -11.085 -4.199  -10.027 1.00 42.14 ? 107 PRO A N   1 
ATOM   806  C  CA  . PRO A 1 107 ? -10.480 -5.033  -8.983  1.00 39.41 ? 107 PRO A CA  1 
ATOM   807  C  C   . PRO A 1 107 ? -9.640  -6.199  -9.495  1.00 40.91 ? 107 PRO A C   1 
ATOM   808  O  O   . PRO A 1 107 ? -8.459  -6.311  -9.165  1.00 35.36 ? 107 PRO A O   1 
ATOM   809  C  CB  . PRO A 1 107 ? -11.688 -5.503  -8.182  1.00 44.28 ? 107 PRO A CB  1 
ATOM   810  C  CG  . PRO A 1 107 ? -12.589 -4.326  -8.251  1.00 47.32 ? 107 PRO A CG  1 
ATOM   811  C  CD  . PRO A 1 107 ? -12.492 -3.904  -9.701  1.00 40.62 ? 107 PRO A CD  1 
ATOM   812  N  N   . GLU A 1 108 ? -10.249 -7.061  -10.302 1.00 33.47 ? 108 GLU A N   1 
ATOM   813  C  CA  . GLU A 1 108 ? -9.553  -8.225  -10.841 1.00 39.92 ? 108 GLU A CA  1 
ATOM   814  C  C   . GLU A 1 108 ? -8.316  -7.867  -11.659 1.00 27.40 ? 108 GLU A C   1 
ATOM   815  O  O   . GLU A 1 108 ? -7.278  -8.511  -11.523 1.00 34.13 ? 108 GLU A O   1 
ATOM   816  C  CB  . GLU A 1 108 ? -10.502 -9.064  -11.704 1.00 45.85 ? 108 GLU A CB  1 
ATOM   817  C  CG  . GLU A 1 108 ? -11.667 -9.681  -10.949 1.00 60.88 ? 108 GLU A CG  1 
ATOM   818  C  CD  . GLU A 1 108 ? -12.635 -10.407 -11.867 1.00 67.87 ? 108 GLU A CD  1 
ATOM   819  O  OE1 . GLU A 1 108 ? -13.064 -9.797  -12.871 1.00 71.82 ? 108 GLU A OE1 1 
ATOM   820  O  OE2 . GLU A 1 108 ? -12.968 -11.578 -11.585 1.00 72.78 ? 108 GLU A OE2 1 
ATOM   821  N  N   . GLU A 1 109 ? -8.426  -6.851  -12.511 1.00 33.38 ? 109 GLU A N   1 
ATOM   822  C  CA  . GLU A 1 109 ? -7.300  -6.437  -13.339 1.00 35.38 ? 109 GLU A CA  1 
ATOM   823  C  C   . GLU A 1 109 ? -6.173  -5.851  -12.499 1.00 34.26 ? 109 GLU A C   1 
ATOM   824  O  O   . GLU A 1 109 ? -5.002  -6.153  -12.728 1.00 29.33 ? 109 GLU A O   1 
ATOM   825  C  CB  . GLU A 1 109 ? -7.740  -5.405  -14.382 1.00 33.59 ? 109 GLU A CB  1 
ATOM   826  C  CG  . GLU A 1 109 ? -8.484  -5.995  -15.571 1.00 52.94 ? 109 GLU A CG  1 
ATOM   827  C  CD  . GLU A 1 109 ? -8.793  -4.957  -16.637 1.00 58.02 ? 109 GLU A CD  1 
ATOM   828  O  OE1 . GLU A 1 109 ? -9.672  -4.103  -16.403 1.00 64.22 ? 109 GLU A OE1 1 
ATOM   829  O  OE2 . GLU A 1 109 ? -8.152  -4.992  -17.709 1.00 64.42 ? 109 GLU A OE2 1 
ATOM   830  N  N   . LEU A 1 110 ? -6.527  -5.011  -11.532 1.00 35.10 ? 110 LEU A N   1 
ATOM   831  C  CA  . LEU A 1 110 ? -5.529  -4.388  -10.670 1.00 30.73 ? 110 LEU A CA  1 
ATOM   832  C  C   . LEU A 1 110 ? -4.704  -5.445  -9.956  1.00 29.60 ? 110 LEU A C   1 
ATOM   833  O  O   . LEU A 1 110 ? -3.476  -5.396  -9.967  1.00 25.92 ? 110 LEU A O   1 
ATOM   834  C  CB  . LEU A 1 110 ? -6.205  -3.476  -9.639  1.00 28.70 ? 110 LEU A CB  1 
ATOM   835  C  CG  . LEU A 1 110 ? -5.292  -2.836  -8.585  1.00 32.30 ? 110 LEU A CG  1 
ATOM   836  C  CD1 . LEU A 1 110 ? -4.180  -2.045  -9.257  1.00 31.24 ? 110 LEU A CD1 1 
ATOM   837  C  CD2 . LEU A 1 110 ? -6.121  -1.933  -7.682  1.00 34.40 ? 110 LEU A CD2 1 
ATOM   838  N  N   . LEU A 1 111 ? -5.386  -6.403  -9.341  1.00 23.57 ? 111 LEU A N   1 
ATOM   839  C  CA  . LEU A 1 111 ? -4.710  -7.466  -8.616  1.00 23.05 ? 111 LEU A CA  1 
ATOM   840  C  C   . LEU A 1 111 ? -3.775  -8.261  -9.524  1.00 28.23 ? 111 LEU A C   1 
ATOM   841  O  O   . LEU A 1 111 ? -2.640  -8.553  -9.154  1.00 24.53 ? 111 LEU A O   1 
ATOM   842  C  CB  . LEU A 1 111 ? -5.735  -8.397  -7.971  1.00 28.01 ? 111 LEU A CB  1 
ATOM   843  C  CG  . LEU A 1 111 ? -5.201  -9.547  -7.113  1.00 34.37 ? 111 LEU A CG  1 
ATOM   844  C  CD1 . LEU A 1 111 ? -4.292  -9.021  -6.010  1.00 39.32 ? 111 LEU A CD1 1 
ATOM   845  C  CD2 . LEU A 1 111 ? -6.372  -10.302 -6.522  1.00 33.59 ? 111 LEU A CD2 1 
ATOM   846  N  N   . LYS A 1 112 ? -4.255  -8.607  -10.715 1.00 27.93 ? 112 LYS A N   1 
ATOM   847  C  CA  . LYS A 1 112 ? -3.443  -9.364  -11.662 1.00 24.44 ? 112 LYS A CA  1 
ATOM   848  C  C   . LYS A 1 112 ? -2.208  -8.572  -12.083 1.00 20.84 ? 112 LYS A C   1 
ATOM   849  O  O   . LYS A 1 112 ? -1.100  -9.102  -12.128 1.00 26.54 ? 112 LYS A O   1 
ATOM   850  C  CB  . LYS A 1 112 ? -4.266  -9.708  -12.903 1.00 29.41 ? 112 LYS A CB  1 
ATOM   851  C  CG  . LYS A 1 112 ? -3.497  -10.505 -13.943 1.00 36.16 ? 112 LYS A CG  1 
ATOM   852  C  CD  . LYS A 1 112 ? -4.324  -10.706 -15.203 1.00 40.28 ? 112 LYS A CD  1 
ATOM   853  C  CE  . LYS A 1 112 ? -3.545  -11.481 -16.254 1.00 45.54 ? 112 LYS A CE  1 
ATOM   854  N  NZ  . LYS A 1 112 ? -4.333  -11.649 -17.506 1.00 47.62 ? 112 LYS A NZ  1 
ATOM   855  N  N   . ARG A 1 113 ? -2.424  -7.302  -12.399 1.00 25.09 ? 113 ARG A N   1 
ATOM   856  C  CA  . ARG A 1 113 ? -1.362  -6.396  -12.820 1.00 27.11 ? 113 ARG A CA  1 
ATOM   857  C  C   . ARG A 1 113 ? -0.289  -6.275  -11.732 1.00 26.40 ? 113 ARG A C   1 
ATOM   858  O  O   . ARG A 1 113 ? 0.905   -6.465  -11.979 1.00 22.11 ? 113 ARG A O   1 
ATOM   859  C  CB  . ARG A 1 113 ? -1.984  -5.028  -13.115 1.00 32.64 ? 113 ARG A CB  1 
ATOM   860  C  CG  . ARG A 1 113 ? -1.026  -3.921  -13.493 1.00 42.69 ? 113 ARG A CG  1 
ATOM   861  C  CD  . ARG A 1 113 ? -0.344  -4.198  -14.808 1.00 48.90 ? 113 ARG A CD  1 
ATOM   862  N  NE  . ARG A 1 113 ? 0.281   -2.994  -15.344 1.00 44.93 ? 113 ARG A NE  1 
ATOM   863  C  CZ  . ARG A 1 113 ? 1.148   -2.995  -16.348 1.00 46.24 ? 113 ARG A CZ  1 
ATOM   864  N  NH1 . ARG A 1 113 ? 1.666   -1.853  -16.779 1.00 43.52 ? 113 ARG A NH1 1 
ATOM   865  N  NH2 . ARG A 1 113 ? 1.507   -4.141  -16.911 1.00 43.29 ? 113 ARG A NH2 1 
ATOM   866  N  N   . VAL A 1 114 ? -0.728  -5.975  -10.518 1.00 22.56 ? 114 VAL A N   1 
ATOM   867  C  CA  . VAL A 1 114 ? 0.192   -5.815  -9.403  1.00 18.89 ? 114 VAL A CA  1 
ATOM   868  C  C   . VAL A 1 114 ? 0.980   -7.078  -9.074  1.00 17.91 ? 114 VAL A C   1 
ATOM   869  O  O   . VAL A 1 114 ? 2.190   -7.027  -8.872  1.00 18.57 ? 114 VAL A O   1 
ATOM   870  C  CB  . VAL A 1 114 ? -0.570  -5.330  -8.154  1.00 18.06 ? 114 VAL A CB  1 
ATOM   871  C  CG1 . VAL A 1 114 ? 0.373   -5.251  -6.950  1.00 20.65 ? 114 VAL A CG1 1 
ATOM   872  C  CG2 . VAL A 1 114 ? -1.171  -3.954  -8.435  1.00 22.43 ? 114 VAL A CG2 1 
HETATM 873  N  N   . MSE A 1 115 ? 0.309   -8.221  -9.017  1.00 19.31 ? 115 MSE A N   1 
HETATM 874  C  CA  . MSE A 1 115 ? 1.018   -9.452  -8.704  1.00 19.09 ? 115 MSE A CA  1 
HETATM 875  C  C   . MSE A 1 115 ? 2.018   -9.813  -9.790  1.00 20.61 ? 115 MSE A C   1 
HETATM 876  O  O   . MSE A 1 115 ? 3.062   -10.403 -9.513  1.00 24.53 ? 115 MSE A O   1 
HETATM 877  C  CB  . MSE A 1 115 ? 0.039   -10.612 -8.519  1.00 27.98 ? 115 MSE A CB  1 
HETATM 878  C  CG  . MSE A 1 115 ? -0.801  -10.498 -7.269  1.00 22.99 ? 115 MSE A CG  1 
HETATM 879  SE SE  . MSE A 1 115 ? -1.918  -12.058 -7.062  1.00 46.68 ? 115 MSE A SE  1 
HETATM 880  C  CE  . MSE A 1 115 ? -3.155  -11.675 -8.480  1.00 45.16 ? 115 MSE A CE  1 
ATOM   881  N  N   . ALA A 1 116 ? 1.690   -9.449  -11.022 1.00 17.68 ? 116 ALA A N   1 
ATOM   882  C  CA  . ALA A 1 116 ? 2.554   -9.755  -12.154 1.00 23.71 ? 116 ALA A CA  1 
ATOM   883  C  C   . ALA A 1 116 ? 3.886   -9.031  -12.099 1.00 24.79 ? 116 ALA A C   1 
ATOM   884  O  O   . ALA A 1 116 ? 4.918   -9.618  -12.413 1.00 24.27 ? 116 ALA A O   1 
ATOM   885  C  CB  . ALA A 1 116 ? 1.842   -9.420  -13.463 1.00 22.72 ? 116 ALA A CB  1 
ATOM   886  N  N   . ILE A 1 117 ? 3.870   -7.769  -11.679 1.00 20.90 ? 117 ILE A N   1 
ATOM   887  C  CA  . ILE A 1 117 ? 5.103   -6.977  -11.644 1.00 15.83 ? 117 ILE A CA  1 
ATOM   888  C  C   . ILE A 1 117 ? 5.768   -6.799  -10.271 1.00 16.18 ? 117 ILE A C   1 
ATOM   889  O  O   . ILE A 1 117 ? 6.887   -6.297  -10.180 1.00 19.75 ? 117 ILE A O   1 
ATOM   890  C  CB  . ILE A 1 117 ? 4.864   -5.574  -12.248 1.00 20.81 ? 117 ILE A CB  1 
ATOM   891  C  CG1 . ILE A 1 117 ? 3.874   -4.783  -11.390 1.00 17.56 ? 117 ILE A CG1 1 
ATOM   892  C  CG2 . ILE A 1 117 ? 4.318   -5.708  -13.671 1.00 26.67 ? 117 ILE A CG2 1 
ATOM   893  C  CD1 . ILE A 1 117 ? 3.673   -3.350  -11.842 1.00 18.95 ? 117 ILE A CD1 1 
ATOM   894  N  N   . ALA A 1 118 ? 5.098   -7.224  -9.209  1.00 15.55 ? 118 ALA A N   1 
ATOM   895  C  CA  . ALA A 1 118 ? 5.668   -7.056  -7.882  1.00 17.92 ? 118 ALA A CA  1 
ATOM   896  C  C   . ALA A 1 118 ? 6.796   -8.017  -7.535  1.00 17.63 ? 118 ALA A C   1 
ATOM   897  O  O   . ALA A 1 118 ? 6.819   -9.165  -7.983  1.00 24.38 ? 118 ALA A O   1 
ATOM   898  C  CB  . ALA A 1 118 ? 4.557   -7.152  -6.825  1.00 19.77 ? 118 ALA A CB  1 
ATOM   899  N  N   . ASN A 1 119 ? 7.736   -7.525  -6.734  1.00 17.15 ? 119 ASN A N   1 
ATOM   900  C  CA  . ASN A 1 119 ? 8.864   -8.316  -6.253  1.00 17.11 ? 119 ASN A CA  1 
ATOM   901  C  C   . ASN A 1 119 ? 8.760   -8.378  -4.737  1.00 19.44 ? 119 ASN A C   1 
ATOM   902  O  O   . ASN A 1 119 ? 8.314   -7.426  -4.104  1.00 19.50 ? 119 ASN A O   1 
ATOM   903  C  CB  . ASN A 1 119 ? 10.193  -7.633  -6.577  1.00 15.41 ? 119 ASN A CB  1 
ATOM   904  C  CG  . ASN A 1 119 ? 10.717  -7.973  -7.958  1.00 22.79 ? 119 ASN A CG  1 
ATOM   905  O  OD1 . ASN A 1 119 ? 11.559  -7.254  -8.499  1.00 29.18 ? 119 ASN A OD1 1 
ATOM   906  N  ND2 . ASN A 1 119 ? 10.244  -9.071  -8.523  1.00 25.11 ? 119 ASN A ND2 1 
ATOM   907  N  N   . PRO A 1 120 ? 9.169   -9.500  -4.136  1.00 17.78 ? 120 PRO A N   1 
ATOM   908  C  CA  . PRO A 1 120 ? 9.108   -9.601  -2.679  1.00 20.97 ? 120 PRO A CA  1 
ATOM   909  C  C   . PRO A 1 120 ? 10.021  -8.500  -2.155  1.00 23.57 ? 120 PRO A C   1 
ATOM   910  O  O   . PRO A 1 120 ? 11.076  -8.231  -2.740  1.00 24.11 ? 120 PRO A O   1 
ATOM   911  C  CB  . PRO A 1 120 ? 9.665   -10.997 -2.413  1.00 25.44 ? 120 PRO A CB  1 
ATOM   912  C  CG  . PRO A 1 120 ? 9.216   -11.755 -3.610  1.00 28.91 ? 120 PRO A CG  1 
ATOM   913  C  CD  . PRO A 1 120 ? 9.527   -10.794 -4.737  1.00 21.41 ? 120 PRO A CD  1 
ATOM   914  N  N   . THR A 1 121 ? 9.619   -7.859  -1.065  1.00 18.18 ? 121 THR A N   1 
ATOM   915  C  CA  . THR A 1 121 ? 10.388  -6.775  -0.486  1.00 16.54 ? 121 THR A CA  1 
ATOM   916  C  C   . THR A 1 121 ? 10.481  -6.917  1.030   1.00 25.30 ? 121 THR A C   1 
ATOM   917  O  O   . THR A 1 121 ? 9.580   -7.452  1.677   1.00 22.09 ? 121 THR A O   1 
ATOM   918  C  CB  . THR A 1 121 ? 9.733   -5.406  -0.839  1.00 21.76 ? 121 THR A CB  1 
ATOM   919  O  OG1 . THR A 1 121 ? 10.509  -4.327  -0.304  1.00 30.37 ? 121 THR A OG1 1 
ATOM   920  C  CG2 . THR A 1 121 ? 8.347   -5.325  -0.267  1.00 19.50 ? 121 THR A CG2 1 
ATOM   921  N  N   . ASP A 1 122 ? 11.585  -6.434  1.588   1.00 22.38 ? 122 ASP A N   1 
ATOM   922  C  CA  . ASP A 1 122 ? 11.803  -6.479  3.027   1.00 26.27 ? 122 ASP A CA  1 
ATOM   923  C  C   . ASP A 1 122 ? 11.067  -5.278  3.611   1.00 17.66 ? 122 ASP A C   1 
ATOM   924  O  O   . ASP A 1 122 ? 11.382  -4.138  3.301   1.00 21.94 ? 122 ASP A O   1 
ATOM   925  C  CB  . ASP A 1 122 ? 13.307  -6.394  3.312   1.00 22.81 ? 122 ASP A CB  1 
ATOM   926  C  CG  . ASP A 1 122 ? 13.632  -6.411  4.793   1.00 38.07 ? 122 ASP A CG  1 
ATOM   927  O  OD1 . ASP A 1 122 ? 14.819  -6.625  5.125   1.00 34.62 ? 122 ASP A OD1 1 
ATOM   928  O  OD2 . ASP A 1 122 ? 12.719  -6.205  5.619   1.00 29.38 ? 122 ASP A OD2 1 
ATOM   929  N  N   . PRO A 1 123 ? 10.064  -5.521  4.475   1.00 20.81 ? 123 PRO A N   1 
ATOM   930  C  CA  . PRO A 1 123 ? 9.328   -4.389  5.053   1.00 16.58 ? 123 PRO A CA  1 
ATOM   931  C  C   . PRO A 1 123 ? 10.182  -3.336  5.757   1.00 15.42 ? 123 PRO A C   1 
ATOM   932  O  O   . PRO A 1 123 ? 9.776   -2.187  5.898   1.00 19.04 ? 123 PRO A O   1 
ATOM   933  C  CB  . PRO A 1 123 ? 8.326   -5.067  5.995   1.00 17.48 ? 123 PRO A CB  1 
ATOM   934  C  CG  . PRO A 1 123 ? 9.007   -6.370  6.354   1.00 21.81 ? 123 PRO A CG  1 
ATOM   935  C  CD  . PRO A 1 123 ? 9.590   -6.801  5.024   1.00 19.53 ? 123 PRO A CD  1 
ATOM   936  N  N   . GLY A 1 124 ? 11.370  -3.731  6.205   1.00 20.08 ? 124 GLY A N   1 
ATOM   937  C  CA  . GLY A 1 124 ? 12.240  -2.787  6.879   1.00 20.87 ? 124 GLY A CA  1 
ATOM   938  C  C   . GLY A 1 124 ? 12.665  -1.591  6.037   1.00 15.24 ? 124 GLY A C   1 
ATOM   939  O  O   . GLY A 1 124 ? 12.995  -0.536  6.573   1.00 23.52 ? 124 GLY A O   1 
ATOM   940  N  N   . ILE A 1 125 ? 12.636  -1.732  4.716   1.00 24.32 ? 125 ILE A N   1 
ATOM   941  C  CA  . ILE A 1 125 ? 13.041  -0.620  3.866   1.00 23.91 ? 125 ILE A CA  1 
ATOM   942  C  C   . ILE A 1 125 ? 12.105  0.576   3.968   1.00 25.18 ? 125 ILE A C   1 
ATOM   943  O  O   . ILE A 1 125 ? 12.494  1.697   3.646   1.00 26.15 ? 125 ILE A O   1 
ATOM   944  C  CB  . ILE A 1 125 ? 13.144  -1.038  2.373   1.00 30.49 ? 125 ILE A CB  1 
ATOM   945  C  CG1 . ILE A 1 125 ? 11.755  -1.346  1.809   1.00 32.57 ? 125 ILE A CG1 1 
ATOM   946  C  CG2 . ILE A 1 125 ? 14.053  -2.252  2.234   1.00 29.86 ? 125 ILE A CG2 1 
ATOM   947  C  CD1 . ILE A 1 125 ? 11.751  -1.588  0.314   1.00 37.56 ? 125 ILE A CD1 1 
ATOM   948  N  N   . TYR A 1 126 ? 10.879  0.341   4.430   1.00 21.14 ? 126 TYR A N   1 
ATOM   949  C  CA  . TYR A 1 126 ? 9.883   1.404   4.550   1.00 22.22 ? 126 TYR A CA  1 
ATOM   950  C  C   . TYR A 1 126 ? 9.892   2.117   5.887   1.00 25.80 ? 126 TYR A C   1 
ATOM   951  O  O   . TYR A 1 126 ? 9.135   3.059   6.093   1.00 27.72 ? 126 TYR A O   1 
ATOM   952  C  CB  . TYR A 1 126 ? 8.487   0.836   4.312   1.00 22.99 ? 126 TYR A CB  1 
ATOM   953  C  CG  . TYR A 1 126 ? 8.385   0.110   3.008   1.00 19.46 ? 126 TYR A CG  1 
ATOM   954  C  CD1 . TYR A 1 126 ? 8.491   0.801   1.802   1.00 21.31 ? 126 TYR A CD1 1 
ATOM   955  C  CD2 . TYR A 1 126 ? 8.238   -1.273  2.968   1.00 24.99 ? 126 TYR A CD2 1 
ATOM   956  C  CE1 . TYR A 1 126 ? 8.455   0.134   0.592   1.00 20.09 ? 126 TYR A CE1 1 
ATOM   957  C  CE2 . TYR A 1 126 ? 8.200   -1.956  1.761   1.00 30.77 ? 126 TYR A CE2 1 
ATOM   958  C  CZ  . TYR A 1 126 ? 8.308   -1.244  0.573   1.00 28.67 ? 126 TYR A CZ  1 
ATOM   959  O  OH  . TYR A 1 126 ? 8.270   -1.907  -0.625  1.00 30.85 ? 126 TYR A OH  1 
ATOM   960  N  N   . LEU A 1 127 ? 10.747  1.658   6.792   1.00 21.75 ? 127 LEU A N   1 
ATOM   961  C  CA  . LEU A 1 127 ? 10.855  2.249   8.113   1.00 32.07 ? 127 LEU A CA  1 
ATOM   962  C  C   . LEU A 1 127 ? 12.000  3.263   8.124   1.00 37.14 ? 127 LEU A C   1 
ATOM   963  O  O   . LEU A 1 127 ? 11.775  4.402   8.581   1.00 46.50 ? 127 LEU A O   1 
ATOM   964  C  CB  . LEU A 1 127 ? 11.118  1.150   9.140   1.00 24.41 ? 127 LEU A CB  1 
ATOM   965  C  CG  . LEU A 1 127 ? 10.257  -0.108  8.997   1.00 22.71 ? 127 LEU A CG  1 
ATOM   966  C  CD1 . LEU A 1 127 ? 10.685  -1.120  10.042  1.00 23.45 ? 127 LEU A CD1 1 
ATOM   967  C  CD2 . LEU A 1 127 ? 8.778   0.227   9.168   1.00 17.71 ? 127 LEU A CD2 1 
HETATM 968  O  O   . HOH B 2 .   ? 7.667   -3.730  -10.057 1.00 15.58 ? 132 HOH A O   1 
HETATM 969  O  O   . HOH B 2 .   ? 7.711   -2.469  -12.495 1.00 17.67 ? 133 HOH A O   1 
HETATM 970  O  O   . HOH B 2 .   ? 7.146   4.213   13.012  1.00 17.72 ? 134 HOH A O   1 
HETATM 971  O  O   . HOH B 2 .   ? -4.340  13.183  5.914   1.00 26.55 ? 135 HOH A O   1 
HETATM 972  O  O   . HOH B 2 .   ? 7.047   12.773  4.848   1.00 24.51 ? 136 HOH A O   1 
HETATM 973  O  O   . HOH B 2 .   ? 1.656   -12.599 5.561   1.00 25.65 ? 137 HOH A O   1 
HETATM 974  O  O   . HOH B 2 .   ? 9.735   -4.135  -8.022  1.00 27.36 ? 138 HOH A O   1 
HETATM 975  O  O   . HOH B 2 .   ? 2.201   -13.941 11.475  1.00 25.51 ? 139 HOH A O   1 
HETATM 976  O  O   . HOH B 2 .   ? -13.454 5.055   -1.795  1.00 28.75 ? 140 HOH A O   1 
HETATM 977  O  O   . HOH B 2 .   ? 4.009   -10.851 -6.851  1.00 32.38 ? 141 HOH A O   1 
HETATM 978  O  O   . HOH B 2 .   ? 7.321   -11.443 0.383   1.00 27.94 ? 142 HOH A O   1 
HETATM 979  O  O   . HOH B 2 .   ? 7.964   -9.584  7.418   1.00 25.75 ? 143 HOH A O   1 
HETATM 980  O  O   . HOH B 2 .   ? 13.851  -5.814  -0.162  1.00 27.78 ? 144 HOH A O   1 
HETATM 981  O  O   . HOH B 2 .   ? -0.270  15.665  1.361   1.00 24.79 ? 145 HOH A O   1 
HETATM 982  O  O   . HOH B 2 .   ? 10.667  3.652   11.225  1.00 29.50 ? 146 HOH A O   1 
HETATM 983  O  O   . HOH B 2 .   ? 8.420   -9.847  2.630   1.00 27.27 ? 147 HOH A O   1 
HETATM 984  O  O   . HOH B 2 .   ? 10.276  5.660   0.755   1.00 26.16 ? 148 HOH A O   1 
HETATM 985  O  O   . HOH B 2 .   ? -11.574 -6.595  8.913   1.00 27.15 ? 149 HOH A O   1 
HETATM 986  O  O   . HOH B 2 .   ? -11.404 6.972   3.717   1.00 23.88 ? 150 HOH A O   1 
HETATM 987  O  O   . HOH B 2 .   ? 14.488  -0.442  8.864   1.00 29.35 ? 151 HOH A O   1 
HETATM 988  O  O   . HOH B 2 .   ? -2.142  13.856  6.626   1.00 30.68 ? 152 HOH A O   1 
HETATM 989  O  O   . HOH B 2 .   ? -8.180  9.652   -3.778  1.00 30.02 ? 153 HOH A O   1 
HETATM 990  O  O   . HOH B 2 .   ? 10.972  -2.629  -5.829  1.00 26.28 ? 154 HOH A O   1 
HETATM 991  O  O   . HOH B 2 .   ? 11.700  -4.704  -4.115  1.00 32.92 ? 155 HOH A O   1 
HETATM 992  O  O   . HOH B 2 .   ? -6.842  -1.978  12.919  1.00 27.73 ? 156 HOH A O   1 
HETATM 993  O  O   . HOH B 2 .   ? -0.683  -11.904 -12.187 1.00 30.29 ? 157 HOH A O   1 
HETATM 994  O  O   . HOH B 2 .   ? -7.973  -10.265 16.606  1.00 47.89 ? 158 HOH A O   1 
HETATM 995  O  O   . HOH B 2 .   ? 2.335   -12.181 -5.501  1.00 28.14 ? 159 HOH A O   1 
HETATM 996  O  O   . HOH B 2 .   ? 0.620   -6.417  18.051  1.00 30.78 ? 160 HOH A O   1 
HETATM 997  O  O   . HOH B 2 .   ? 15.377  -6.125  7.536   1.00 32.72 ? 161 HOH A O   1 
HETATM 998  O  O   . HOH B 2 .   ? 9.743   -9.726  -11.090 1.00 36.04 ? 162 HOH A O   1 
HETATM 999  O  O   . HOH B 2 .   ? -7.233  -10.821 -10.568 1.00 36.67 ? 163 HOH A O   1 
HETATM 1000 O  O   . HOH B 2 .   ? -14.944 1.055   -1.408  1.00 35.31 ? 164 HOH A O   1 
HETATM 1001 O  O   . HOH B 2 .   ? -9.419  -11.881 5.722   1.00 31.63 ? 165 HOH A O   1 
HETATM 1002 O  O   . HOH B 2 .   ? 6.017   10.741  -5.670  1.00 33.30 ? 166 HOH A O   1 
HETATM 1003 O  O   . HOH B 2 .   ? -8.882  -12.493 12.130  1.00 33.99 ? 167 HOH A O   1 
HETATM 1004 O  O   . HOH B 2 .   ? -12.428 -6.536  13.994  1.00 30.47 ? 168 HOH A O   1 
HETATM 1005 O  O   . HOH B 2 .   ? 10.350  14.087  2.025   1.00 47.57 ? 169 HOH A O   1 
HETATM 1006 O  O   . HOH B 2 .   ? -4.920  -12.903 5.735   1.00 38.31 ? 170 HOH A O   1 
HETATM 1007 O  O   . HOH B 2 .   ? -9.594  8.814   8.627   1.00 29.58 ? 171 HOH A O   1 
HETATM 1008 O  O   . HOH B 2 .   ? -3.842  8.712   11.227  1.00 38.78 ? 172 HOH A O   1 
HETATM 1009 O  O   . HOH B 2 .   ? -8.629  -11.760 -4.393  1.00 39.31 ? 173 HOH A O   1 
HETATM 1010 O  O   . HOH B 2 .   ? 17.618  6.856   -9.424  1.00 37.76 ? 174 HOH A O   1 
HETATM 1011 O  O   . HOH B 2 .   ? 2.055   15.677  -4.239  1.00 44.44 ? 175 HOH A O   1 
HETATM 1012 O  O   . HOH B 2 .   ? -7.638  2.647   -15.445 1.00 35.87 ? 176 HOH A O   1 
HETATM 1013 O  O   . HOH B 2 .   ? 2.884   -16.518 10.641  1.00 41.66 ? 177 HOH A O   1 
HETATM 1014 O  O   . HOH B 2 .   ? 5.241   13.060  -6.035  1.00 41.78 ? 178 HOH A O   1 
HETATM 1015 O  O   . HOH B 2 .   ? -2.778  7.864   -14.580 1.00 35.42 ? 179 HOH A O   1 
HETATM 1016 O  O   . HOH B 2 .   ? -9.312  4.324   12.732  1.00 27.63 ? 180 HOH A O   1 
HETATM 1017 O  O   . HOH B 2 .   ? -0.371  15.403  5.164   1.00 43.38 ? 181 HOH A O   1 
HETATM 1018 O  O   . HOH B 2 .   ? -13.432 -10.495 8.082   1.00 38.05 ? 182 HOH A O   1 
HETATM 1019 O  O   . HOH B 2 .   ? 14.691  -10.220 6.726   1.00 48.61 ? 183 HOH A O   1 
HETATM 1020 O  O   . HOH B 2 .   ? -0.481  11.241  -16.238 1.00 43.67 ? 184 HOH A O   1 
HETATM 1021 O  O   . HOH B 2 .   ? 14.784  2.632   2.608   1.00 41.49 ? 185 HOH A O   1 
HETATM 1022 O  O   . HOH B 2 .   ? -0.879  9.172   -12.387 1.00 33.01 ? 186 HOH A O   1 
HETATM 1023 O  O   . HOH B 2 .   ? 2.919   -1.516  -19.101 1.00 39.55 ? 187 HOH A O   1 
HETATM 1024 O  O   . HOH B 2 .   ? -7.789  -11.826 -0.762  1.00 35.85 ? 188 HOH A O   1 
HETATM 1025 O  O   . HOH B 2 .   ? 1.953   9.598   -9.343  1.00 42.32 ? 189 HOH A O   1 
HETATM 1026 O  O   . HOH B 2 .   ? 9.809   4.522   -5.363  1.00 34.96 ? 190 HOH A O   1 
HETATM 1027 O  O   . HOH B 2 .   ? 14.817  1.685   10.651  1.00 27.27 ? 191 HOH A O   1 
HETATM 1028 O  O   . HOH B 2 .   ? 0.852   16.901  -1.073  1.00 30.91 ? 192 HOH A O   1 
HETATM 1029 O  O   . HOH B 2 .   ? -8.952  -13.670 -1.993  1.00 46.04 ? 193 HOH A O   1 
HETATM 1030 O  O   . HOH B 2 .   ? 9.588   13.369  4.333   1.00 40.46 ? 194 HOH A O   1 
HETATM 1031 O  O   . HOH B 2 .   ? -11.962 -12.381 6.467   1.00 36.76 ? 195 HOH A O   1 
HETATM 1032 O  O   . HOH B 2 .   ? -0.971  -8.626  17.883  1.00 43.39 ? 196 HOH A O   1 
HETATM 1033 O  O   . HOH B 2 .   ? 7.083   6.758   12.137  1.00 37.40 ? 197 HOH A O   1 
HETATM 1034 O  O   . HOH B 2 .   ? 6.952   -10.168 -10.609 1.00 32.39 ? 198 HOH A O   1 
HETATM 1035 O  O   . HOH B 2 .   ? 6.903   -13.965 -0.327  1.00 47.28 ? 199 HOH A O   1 
HETATM 1036 O  O   . HOH B 2 .   ? -1.564  -4.524  18.027  1.00 38.35 ? 200 HOH A O   1 
HETATM 1037 O  O   . HOH B 2 .   ? 1.889   8.687   15.581  1.00 52.11 ? 201 HOH A O   1 
HETATM 1038 O  O   . HOH B 2 .   ? -5.555  -7.793  16.768  1.00 45.67 ? 202 HOH A O   1 
HETATM 1039 O  O   . HOH B 2 .   ? -6.203  14.782  4.737   1.00 45.24 ? 203 HOH A O   1 
HETATM 1040 O  O   . HOH B 2 .   ? -2.856  -13.365 -11.072 1.00 43.84 ? 204 HOH A O   1 
HETATM 1041 O  O   . HOH B 2 .   ? 16.404  -5.398  1.039   1.00 41.69 ? 205 HOH A O   1 
HETATM 1042 O  O   . HOH B 2 .   ? -8.975  -0.361  -8.489  1.00 48.18 ? 206 HOH A O   1 
HETATM 1043 O  O   . HOH B 2 .   ? 11.273  1.817   -5.141  1.00 42.19 ? 207 HOH A O   1 
HETATM 1044 O  O   . HOH B 2 .   ? 9.139   5.730   6.592   1.00 37.46 ? 208 HOH A O   1 
HETATM 1045 O  O   . HOH B 2 .   ? 16.816  -4.886  3.540   1.00 42.48 ? 209 HOH A O   1 
HETATM 1046 O  O   . HOH B 2 .   ? -10.089 13.527  9.938   1.00 40.53 ? 210 HOH A O   1 
HETATM 1047 O  O   . HOH B 2 .   ? 4.854   -13.003 -12.448 1.00 59.97 ? 211 HOH A O   1 
HETATM 1048 O  O   . HOH B 2 .   ? 3.136   -14.570 -4.248  1.00 45.23 ? 212 HOH A O   1 
HETATM 1049 O  O   . HOH B 2 .   ? -5.364  -12.496 -10.210 1.00 71.43 ? 213 HOH A O   1 
HETATM 1050 O  O   . HOH B 2 .   ? -4.350  15.934  1.332   1.00 48.51 ? 214 HOH A O   1 
HETATM 1051 O  O   . HOH B 2 .   ? 13.230  -9.107  -4.426  1.00 44.67 ? 215 HOH A O   1 
HETATM 1052 O  O   . HOH B 2 .   ? 12.859  -9.686  4.789   1.00 58.74 ? 216 HOH A O   1 
HETATM 1053 O  O   . HOH B 2 .   ? -2.382  -3.619  13.825  1.00 40.84 ? 217 HOH A O   1 
HETATM 1054 O  O   . HOH B 2 .   ? -0.895  -1.683  16.011  0.50 39.67 ? 218 HOH A O   1 
HETATM 1055 O  O   . HOH B 2 .   ? 15.368  13.983  -7.096  1.00 54.17 ? 219 HOH A O   1 
HETATM 1056 O  O   . HOH B 2 .   ? 7.141   16.118  6.846   0.50 50.29 ? 220 HOH A O   1 
HETATM 1057 O  O   . HOH B 2 .   ? 0.151   6.677   16.238  1.00 56.58 ? 221 HOH A O   1 
HETATM 1058 O  O   . HOH B 2 .   ? -1.198  9.353   -8.646  1.00 39.31 ? 222 HOH A O   1 
HETATM 1059 O  O   . HOH B 2 .   ? 3.699   -15.587 7.719   1.00 41.29 ? 223 HOH A O   1 
HETATM 1060 O  O   . HOH B 2 .   ? -9.985  2.203   -7.404  1.00 46.90 ? 224 HOH A O   1 
HETATM 1061 O  O   . HOH B 2 .   ? 7.524   -15.707 6.296   1.00 56.00 ? 225 HOH A O   1 
HETATM 1062 O  O   . HOH B 2 .   ? -3.668  -3.248  -17.387 1.00 45.56 ? 226 HOH A O   1 
HETATM 1063 O  O   . HOH B 2 .   ? -5.939  -7.007  -16.804 1.00 49.32 ? 227 HOH A O   1 
HETATM 1064 O  O   . HOH B 2 .   ? -15.804 -11.583 8.101   1.00 51.95 ? 228 HOH A O   1 
HETATM 1065 O  O   . HOH B 2 .   ? 10.356  6.079   3.308   1.00 46.61 ? 229 HOH A O   1 
HETATM 1066 O  O   . HOH B 2 .   ? 2.099   16.362  8.632   1.00 52.74 ? 230 HOH A O   1 
HETATM 1067 O  O   . HOH B 2 .   ? 3.149   0.635   -20.627 1.00 52.95 ? 231 HOH A O   1 
HETATM 1068 O  O   . HOH B 2 .   ? -6.333  -3.771  16.307  1.00 39.79 ? 232 HOH A O   1 
HETATM 1069 O  O   . HOH B 2 .   ? 6.726   11.961  8.650   1.00 34.66 ? 233 HOH A O   1 
HETATM 1070 O  O   . HOH B 2 .   ? -12.088 1.030   -6.062  1.00 51.67 ? 234 HOH A O   1 
HETATM 1071 O  O   . HOH B 2 .   ? -1.055  13.971  -5.719  1.00 41.51 ? 235 HOH A O   1 
HETATM 1072 O  O   . HOH B 2 .   ? -3.617  14.465  -5.906  1.00 54.91 ? 236 HOH A O   1 
HETATM 1073 O  O   . HOH B 2 .   ? 2.054   11.259  9.990   1.00 32.45 ? 237 HOH A O   1 
HETATM 1074 O  O   . HOH B 2 .   ? 1.348   14.173  9.961   1.00 56.69 ? 238 HOH A O   1 
HETATM 1075 O  O   . HOH B 2 .   ? -6.834  6.483   13.471  1.00 34.26 ? 239 HOH A O   1 
HETATM 1076 O  O   . HOH B 2 .   ? -4.355  -14.700 7.592   1.00 47.91 ? 240 HOH A O   1 
HETATM 1077 O  O   . HOH B 2 .   ? -4.479  6.614   12.740  1.00 39.49 ? 241 HOH A O   1 
HETATM 1078 O  O   . HOH B 2 .   ? -5.011  14.250  10.495  1.00 43.65 ? 242 HOH A O   1 
HETATM 1079 O  O   . HOH B 2 .   ? -8.973  11.241  10.280  1.00 36.83 ? 243 HOH A O   1 
HETATM 1080 O  O   . HOH B 2 .   ? 8.611   -11.586 -7.988  1.00 44.91 ? 244 HOH A O   1 
HETATM 1081 O  O   . HOH B 2 .   ? 12.663  11.891  -8.849  1.00 37.77 ? 245 HOH A O   1 
HETATM 1082 O  O   . HOH B 2 .   ? 9.525   14.373  -8.483  1.00 52.72 ? 246 HOH A O   1 
HETATM 1083 O  O   . HOH B 2 .   ? 3.463   2.701   -16.505 1.00 40.53 ? 247 HOH A O   1 
HETATM 1084 O  O   . HOH B 2 .   ? -12.737 -7.007  -11.510 1.00 42.01 ? 248 HOH A O   1 
# 
